data_1ORR
#
_entry.id   1ORR
#
_cell.length_a   48.000
_cell.length_b   168.100
_cell.length_c   89.600
_cell.angle_alpha   90.00
_cell.angle_beta   105.40
_cell.angle_gamma   90.00
#
_symmetry.space_group_name_H-M   'P 1 21 1'
#
loop_
_entity.id
_entity.type
_entity.pdbx_description
1 polymer CDP-tyvelose-2-epimerase
2 non-polymer NICOTINAMIDE-ADENINE-DINUCLEOTIDE
3 non-polymer "CYTIDINE-5'-DIPHOSPHATE"
4 water water
#
_entity_poly.entity_id   1
_entity_poly.type   'polypeptide(L)'
_entity_poly.pdbx_seq_one_letter_code
;MAKLLITGGCGFLGSNLASFALSQGIDLIVFDNLSRKGATDNLHWLSSLGNFEFVHGDIRNKNDVTRLITKYMPDSCFHL
AGQVAMTTSIDNPCMDFEINVGGTLNLLEAVRQYNSNCNIIYSSTNKVYGDLEQYKYNETETRYTCVDKPNGYDESTQLD
FHSPYGCSKGAADQYMLDYARIFGLNTVVFRHSSMYGGRQFATYDQGWVGWFCQKAVEIKNGINKPFTISGNGKQVRDVL
HAEDMISLYFTALANVSKIRGNAFNIGGTIVNSLSLLELFKLLEDYCNIDMRFTNLPVRESDQRVFVADIKKITNAIDWS
PKVSAKDGVQKMYDWTSSILEHHHHHH
;
_entity_poly.pdbx_strand_id   A,B,C,D
#
# COMPACT_ATOMS: atom_id res chain seq x y z
N ALA A 2 31.80 4.74 -12.56
CA ALA A 2 30.40 4.38 -12.65
C ALA A 2 29.88 3.93 -11.29
N LYS A 3 28.59 4.18 -11.04
CA LYS A 3 28.00 3.76 -9.79
C LYS A 3 27.10 2.59 -10.12
N LEU A 4 27.23 1.54 -9.38
CA LEU A 4 26.42 0.36 -9.59
C LEU A 4 25.60 0.08 -8.32
N LEU A 5 24.29 -0.07 -8.54
CA LEU A 5 23.38 -0.40 -7.47
C LEU A 5 23.02 -1.90 -7.57
N ILE A 6 23.12 -2.63 -6.45
CA ILE A 6 22.75 -4.05 -6.46
C ILE A 6 21.66 -4.24 -5.43
N THR A 7 20.44 -4.47 -5.87
CA THR A 7 19.39 -4.69 -4.91
C THR A 7 19.52 -6.15 -4.58
N GLY A 8 19.25 -6.55 -3.31
CA GLY A 8 19.42 -7.93 -2.86
C GLY A 8 20.94 -8.23 -2.84
N GLY A 9 21.72 -7.16 -2.67
CA GLY A 9 23.19 -7.20 -2.66
C GLY A 9 23.86 -8.04 -1.59
N CYS A 10 23.16 -8.39 -0.52
CA CYS A 10 23.77 -9.23 0.49
C CYS A 10 23.41 -10.73 0.28
N GLY A 11 22.71 -11.07 -0.81
CA GLY A 11 22.32 -12.44 -1.07
C GLY A 11 23.46 -13.21 -1.75
N PHE A 12 23.12 -14.41 -2.22
CA PHE A 12 24.12 -15.22 -2.88
C PHE A 12 24.66 -14.58 -4.17
N LEU A 13 23.78 -14.33 -5.18
CA LEU A 13 24.31 -13.73 -6.39
C LEU A 13 24.85 -12.35 -6.13
N GLY A 14 24.04 -11.57 -5.37
CA GLY A 14 24.40 -10.21 -5.07
C GLY A 14 25.76 -10.00 -4.43
N SER A 15 26.08 -10.77 -3.42
CA SER A 15 27.35 -10.55 -2.75
C SER A 15 28.51 -10.94 -3.65
N ASN A 16 28.30 -11.92 -4.51
CA ASN A 16 29.35 -12.34 -5.42
C ASN A 16 29.59 -11.24 -6.42
N LEU A 17 28.52 -10.66 -6.92
CA LEU A 17 28.68 -9.59 -7.87
C LEU A 17 29.26 -8.35 -7.17
N ALA A 18 28.80 -8.11 -5.95
CA ALA A 18 29.31 -6.98 -5.21
C ALA A 18 30.80 -7.15 -4.97
N SER A 19 31.24 -8.35 -4.62
CA SER A 19 32.67 -8.50 -4.40
C SER A 19 33.48 -8.10 -5.65
N PHE A 20 32.96 -8.42 -6.83
CA PHE A 20 33.67 -8.10 -8.05
C PHE A 20 33.76 -6.61 -8.24
N ALA A 21 32.65 -5.95 -8.00
CA ALA A 21 32.64 -4.52 -8.11
C ALA A 21 33.67 -3.87 -7.17
N LEU A 22 33.75 -4.39 -5.96
CA LEU A 22 34.68 -3.85 -5.00
C LEU A 22 36.10 -4.06 -5.50
N SER A 23 36.40 -5.23 -5.99
CA SER A 23 37.74 -5.51 -6.48
C SER A 23 38.10 -4.72 -7.71
N GLN A 24 37.12 -4.35 -8.50
CA GLN A 24 37.41 -3.59 -9.71
C GLN A 24 37.31 -2.06 -9.57
N GLY A 25 37.11 -1.60 -8.32
CA GLY A 25 37.01 -0.18 -8.06
C GLY A 25 35.72 0.48 -8.57
N ILE A 26 34.67 -0.31 -8.88
CA ILE A 26 33.42 0.30 -9.32
C ILE A 26 32.71 0.82 -8.05
N ASP A 27 32.18 2.04 -8.01
CA ASP A 27 31.50 2.49 -6.79
C ASP A 27 30.22 1.70 -6.62
N LEU A 28 29.99 1.20 -5.43
CA LEU A 28 28.82 0.36 -5.21
C LEU A 28 27.82 0.81 -4.17
N ILE A 29 26.57 0.51 -4.48
CA ILE A 29 25.50 0.80 -3.57
C ILE A 29 24.77 -0.54 -3.38
N VAL A 30 24.55 -0.97 -2.15
CA VAL A 30 23.85 -2.25 -1.96
C VAL A 30 22.57 -1.98 -1.21
N PHE A 31 21.47 -2.47 -1.68
CA PHE A 31 20.21 -2.26 -1.00
C PHE A 31 19.67 -3.63 -0.63
N ASP A 32 19.35 -3.87 0.65
CA ASP A 32 18.84 -5.18 1.04
C ASP A 32 18.16 -5.01 2.38
N ASN A 33 17.25 -5.94 2.68
CA ASN A 33 16.52 -5.88 3.95
C ASN A 33 17.09 -6.88 4.99
N LEU A 34 18.09 -7.65 4.57
CA LEU A 34 18.75 -8.62 5.45
C LEU A 34 17.82 -9.74 5.89
N SER A 35 16.82 -10.03 5.06
CA SER A 35 15.88 -11.08 5.42
C SER A 35 16.41 -12.50 5.20
N ARG A 36 17.28 -12.70 4.21
CA ARG A 36 17.81 -14.04 3.91
C ARG A 36 18.81 -14.43 4.97
N LYS A 37 18.62 -15.62 5.58
CA LYS A 37 19.61 -16.01 6.59
C LYS A 37 20.98 -16.10 5.94
N GLY A 38 22.00 -15.45 6.50
CA GLY A 38 23.33 -15.44 5.90
C GLY A 38 23.59 -14.07 5.28
N ALA A 39 22.52 -13.27 5.10
CA ALA A 39 22.70 -11.93 4.51
C ALA A 39 23.60 -11.06 5.35
N THR A 40 23.38 -11.16 6.67
CA THR A 40 24.20 -10.36 7.60
C THR A 40 25.68 -10.75 7.48
N ASP A 41 25.91 -12.05 7.30
CA ASP A 41 27.26 -12.59 7.16
C ASP A 41 27.90 -12.09 5.90
N ASN A 42 27.13 -12.06 4.81
CA ASN A 42 27.65 -11.56 3.56
C ASN A 42 27.96 -10.09 3.65
N LEU A 43 27.06 -9.35 4.33
CA LEU A 43 27.29 -7.91 4.47
C LEU A 43 28.61 -7.68 5.19
N HIS A 44 28.81 -8.45 6.22
CA HIS A 44 30.01 -8.33 6.99
C HIS A 44 31.22 -8.64 6.13
N TRP A 45 31.07 -9.69 5.36
CA TRP A 45 32.12 -10.15 4.47
C TRP A 45 32.42 -9.12 3.43
N LEU A 46 31.42 -8.49 2.85
CA LEU A 46 31.71 -7.45 1.84
C LEU A 46 32.39 -6.21 2.45
N SER A 47 31.98 -5.89 3.70
CA SER A 47 32.48 -4.73 4.45
C SER A 47 33.96 -4.82 4.67
N SER A 48 34.45 -6.03 4.74
CA SER A 48 35.86 -6.25 4.95
C SER A 48 36.59 -6.22 3.63
N LEU A 49 35.85 -6.26 2.54
CA LEU A 49 36.49 -6.24 1.23
C LEU A 49 36.76 -4.87 0.71
N GLY A 50 35.95 -3.91 1.15
CA GLY A 50 36.13 -2.56 0.69
C GLY A 50 35.00 -1.67 1.14
N ASN A 51 35.02 -0.41 0.72
CA ASN A 51 33.99 0.52 1.12
C ASN A 51 32.90 0.68 0.10
N PHE A 52 31.68 0.81 0.60
CA PHE A 52 30.53 0.96 -0.28
C PHE A 52 29.37 1.50 0.51
N GLU A 53 28.30 1.87 -0.19
CA GLU A 53 27.14 2.40 0.51
C GLU A 53 26.13 1.32 0.74
N PHE A 54 25.84 0.99 2.00
CA PHE A 54 24.83 -0.01 2.30
C PHE A 54 23.56 0.70 2.66
N VAL A 55 22.47 0.32 2.05
CA VAL A 55 21.23 0.97 2.37
C VAL A 55 20.22 -0.08 2.76
N HIS A 56 19.83 -0.11 4.01
CA HIS A 56 18.85 -1.12 4.42
C HIS A 56 17.50 -0.68 3.87
N GLY A 57 16.75 -1.57 3.27
CA GLY A 57 15.45 -1.11 2.79
C GLY A 57 14.62 -2.30 2.32
N ASP A 58 13.33 -2.05 2.11
CA ASP A 58 12.41 -3.09 1.64
C ASP A 58 11.95 -2.75 0.20
N ILE A 59 12.31 -3.60 -0.77
CA ILE A 59 11.95 -3.34 -2.16
C ILE A 59 10.44 -3.17 -2.37
N ARG A 60 9.65 -3.73 -1.45
CA ARG A 60 8.19 -3.64 -1.58
C ARG A 60 7.67 -2.23 -1.33
N ASN A 61 8.49 -1.45 -0.60
CA ASN A 61 8.17 -0.07 -0.19
C ASN A 61 8.52 0.93 -1.24
N LYS A 62 7.50 1.53 -1.84
CA LYS A 62 7.78 2.47 -2.92
C LYS A 62 8.65 3.64 -2.50
N ASN A 63 8.37 4.21 -1.32
CA ASN A 63 9.15 5.35 -0.87
C ASN A 63 10.62 4.99 -0.69
N ASP A 64 10.89 3.82 -0.09
CA ASP A 64 12.27 3.38 0.12
C ASP A 64 12.98 3.31 -1.22
N VAL A 65 12.33 2.68 -2.23
CA VAL A 65 12.96 2.51 -3.55
C VAL A 65 13.20 3.82 -4.30
N THR A 66 12.17 4.65 -4.30
CA THR A 66 12.22 5.95 -4.97
C THR A 66 13.35 6.81 -4.39
N ARG A 67 13.40 6.90 -3.06
CA ARG A 67 14.46 7.71 -2.42
C ARG A 67 15.86 7.18 -2.75
N LEU A 68 15.95 5.87 -2.87
CA LEU A 68 17.21 5.23 -3.18
C LEU A 68 17.72 5.68 -4.53
N ILE A 69 16.81 5.63 -5.51
CA ILE A 69 17.19 6.04 -6.87
C ILE A 69 17.53 7.53 -7.02
N THR A 70 16.69 8.38 -6.44
CA THR A 70 16.92 9.83 -6.53
C THR A 70 18.13 10.25 -5.72
N LYS A 71 18.36 9.55 -4.63
CA LYS A 71 19.48 9.95 -3.87
C LYS A 71 20.81 9.56 -4.48
N TYR A 72 20.91 8.34 -4.96
CA TYR A 72 22.16 7.88 -5.50
C TYR A 72 22.31 7.95 -6.97
N MET A 73 21.21 8.06 -7.69
CA MET A 73 21.28 8.13 -9.15
C MET A 73 22.31 7.19 -9.74
N PRO A 74 22.16 5.88 -9.55
CA PRO A 74 23.11 4.92 -10.08
C PRO A 74 23.15 4.90 -11.61
N ASP A 75 24.27 4.47 -12.17
CA ASP A 75 24.40 4.37 -13.61
C ASP A 75 23.94 3.00 -14.09
N SER A 76 24.10 2.00 -13.23
CA SER A 76 23.69 0.66 -13.59
C SER A 76 23.13 0.00 -12.37
N CYS A 77 22.35 -1.04 -12.56
CA CYS A 77 21.77 -1.71 -11.43
C CYS A 77 21.47 -3.15 -11.76
N PHE A 78 21.76 -4.04 -10.84
CA PHE A 78 21.45 -5.46 -10.98
C PHE A 78 20.29 -5.62 -10.00
N HIS A 79 19.10 -5.95 -10.46
CA HIS A 79 17.96 -6.07 -9.58
C HIS A 79 17.74 -7.54 -9.20
N LEU A 80 18.32 -7.89 -8.03
CA LEU A 80 18.31 -9.25 -7.50
C LEU A 80 17.44 -9.49 -6.27
N ALA A 81 16.94 -8.41 -5.67
CA ALA A 81 16.09 -8.58 -4.50
C ALA A 81 14.86 -9.36 -4.97
N GLY A 82 14.54 -10.42 -4.25
CA GLY A 82 13.35 -11.17 -4.66
C GLY A 82 12.97 -12.19 -3.63
N GLN A 83 11.81 -12.79 -3.87
CA GLN A 83 11.28 -13.87 -3.03
C GLN A 83 11.71 -15.04 -3.94
N VAL A 84 12.60 -15.88 -3.46
CA VAL A 84 13.13 -16.91 -4.31
C VAL A 84 12.63 -18.35 -4.09
N ALA A 85 11.86 -18.62 -3.07
CA ALA A 85 11.42 -20.00 -2.84
C ALA A 85 10.04 -20.29 -3.41
N MET A 86 9.95 -21.36 -4.21
CA MET A 86 8.67 -21.70 -4.78
C MET A 86 7.70 -22.11 -3.69
N THR A 87 8.25 -22.81 -2.74
CA THR A 87 7.47 -23.29 -1.61
C THR A 87 6.81 -22.13 -0.87
N THR A 88 7.63 -21.13 -0.55
CA THR A 88 7.16 -19.96 0.16
C THR A 88 6.10 -19.25 -0.63
N SER A 89 6.32 -19.24 -1.96
CA SER A 89 5.37 -18.57 -2.80
C SER A 89 4.02 -19.26 -2.72
N ILE A 90 4.03 -20.56 -2.45
CA ILE A 90 2.75 -21.23 -2.36
C ILE A 90 2.07 -20.99 -1.01
N ASP A 91 2.91 -20.87 0.00
CA ASP A 91 2.38 -20.65 1.31
C ASP A 91 2.05 -19.20 1.57
N ASN A 92 2.72 -18.30 0.89
CA ASN A 92 2.47 -16.88 1.08
C ASN A 92 2.56 -16.17 -0.27
N PRO A 93 1.54 -16.36 -1.11
CA PRO A 93 1.52 -15.75 -2.43
C PRO A 93 1.49 -14.23 -2.44
N CYS A 94 0.88 -13.63 -1.42
CA CYS A 94 0.81 -12.17 -1.33
C CYS A 94 2.25 -11.60 -1.19
N MET A 95 3.05 -12.19 -0.30
CA MET A 95 4.41 -11.72 -0.10
C MET A 95 5.23 -11.87 -1.37
N ASP A 96 5.05 -13.00 -2.03
CA ASP A 96 5.81 -13.24 -3.25
C ASP A 96 5.51 -12.21 -4.34
N PHE A 97 4.21 -11.89 -4.43
CA PHE A 97 3.74 -10.91 -5.41
C PHE A 97 4.30 -9.51 -5.09
N GLU A 98 4.19 -9.12 -3.82
CA GLU A 98 4.67 -7.81 -3.38
C GLU A 98 6.15 -7.61 -3.63
N ILE A 99 6.92 -8.61 -3.25
CA ILE A 99 8.34 -8.45 -3.47
C ILE A 99 8.75 -8.52 -4.92
N ASN A 100 8.36 -9.60 -5.63
CA ASN A 100 8.77 -9.75 -7.04
C ASN A 100 8.11 -8.83 -8.02
N VAL A 101 6.79 -8.67 -7.96
CA VAL A 101 6.16 -7.76 -8.92
C VAL A 101 6.20 -6.33 -8.41
N GLY A 102 5.68 -6.13 -7.21
CA GLY A 102 5.64 -4.81 -6.62
C GLY A 102 7.02 -4.19 -6.54
N GLY A 103 7.98 -4.94 -6.07
CA GLY A 103 9.30 -4.40 -5.94
C GLY A 103 9.91 -4.03 -7.26
N THR A 104 9.70 -4.85 -8.29
CA THR A 104 10.27 -4.57 -9.61
C THR A 104 9.62 -3.32 -10.24
N LEU A 105 8.32 -3.22 -10.11
CA LEU A 105 7.65 -2.06 -10.63
C LEU A 105 8.11 -0.78 -9.87
N ASN A 106 8.31 -0.87 -8.55
CA ASN A 106 8.78 0.29 -7.78
C ASN A 106 10.11 0.76 -8.40
N LEU A 107 11.00 -0.17 -8.67
CA LEU A 107 12.27 0.21 -9.23
C LEU A 107 12.12 0.77 -10.63
N LEU A 108 11.29 0.08 -11.47
CA LEU A 108 11.07 0.54 -12.86
C LEU A 108 10.50 1.95 -12.93
N GLU A 109 9.52 2.20 -12.08
CA GLU A 109 8.92 3.49 -12.01
C GLU A 109 9.91 4.55 -11.57
N ALA A 110 10.75 4.25 -10.57
CA ALA A 110 11.73 5.23 -10.10
C ALA A 110 12.78 5.51 -11.16
N VAL A 111 13.21 4.49 -11.88
CA VAL A 111 14.20 4.73 -12.90
C VAL A 111 13.55 5.51 -14.04
N ARG A 112 12.35 5.09 -14.43
CA ARG A 112 11.68 5.76 -15.53
C ARG A 112 11.50 7.28 -15.24
N GLN A 113 11.01 7.58 -14.05
CA GLN A 113 10.77 8.96 -13.73
C GLN A 113 11.93 9.84 -13.37
N TYR A 114 12.90 9.26 -12.70
CA TYR A 114 14.02 10.04 -12.21
C TYR A 114 15.39 9.67 -12.70
N ASN A 115 15.60 8.54 -13.38
CA ASN A 115 16.97 8.23 -13.76
C ASN A 115 16.93 7.31 -14.92
N SER A 116 16.23 7.74 -15.94
CA SER A 116 16.02 6.93 -17.12
C SER A 116 17.21 6.35 -17.88
N ASN A 117 18.41 6.82 -17.66
CA ASN A 117 19.45 6.16 -18.41
C ASN A 117 20.03 4.93 -17.71
N CYS A 118 19.65 4.70 -16.45
CA CYS A 118 20.17 3.57 -15.67
C CYS A 118 20.01 2.22 -16.36
N ASN A 119 21.09 1.47 -16.48
CA ASN A 119 20.99 0.15 -17.09
C ASN A 119 20.54 -0.80 -16.02
N ILE A 120 19.63 -1.70 -16.36
CA ILE A 120 19.16 -2.62 -15.35
C ILE A 120 19.19 -4.05 -15.85
N ILE A 121 19.75 -4.95 -15.06
CA ILE A 121 19.74 -6.36 -15.39
C ILE A 121 18.84 -7.03 -14.37
N TYR A 122 17.86 -7.78 -14.84
CA TYR A 122 16.91 -8.47 -13.95
C TYR A 122 17.12 -9.97 -13.94
N SER A 123 17.16 -10.54 -12.74
CA SER A 123 17.34 -11.98 -12.58
C SER A 123 15.97 -12.69 -12.56
N SER A 124 15.55 -13.19 -13.72
CA SER A 124 14.31 -13.90 -13.91
C SER A 124 14.53 -15.41 -13.70
N THR A 125 13.63 -16.29 -14.13
CA THR A 125 13.79 -17.73 -13.89
C THR A 125 13.29 -18.65 -14.99
N ASN A 126 13.75 -19.88 -14.94
CA ASN A 126 13.32 -20.89 -15.88
C ASN A 126 11.87 -21.24 -15.61
N LYS A 127 11.33 -20.85 -14.45
CA LYS A 127 9.95 -21.17 -14.14
C LYS A 127 8.89 -20.39 -14.98
N VAL A 128 9.32 -19.40 -15.78
CA VAL A 128 8.39 -18.68 -16.62
C VAL A 128 7.90 -19.59 -17.78
N TYR A 129 8.59 -20.73 -17.99
CA TYR A 129 8.24 -21.66 -19.05
C TYR A 129 7.30 -22.77 -18.66
N GLY A 130 6.82 -22.77 -17.43
CA GLY A 130 5.87 -23.82 -17.01
C GLY A 130 6.45 -25.20 -16.80
N ASP A 131 5.64 -26.25 -16.99
CA ASP A 131 6.09 -27.64 -16.80
C ASP A 131 6.82 -28.31 -17.99
N LEU A 132 6.72 -27.67 -19.17
CA LEU A 132 7.35 -28.13 -20.38
C LEU A 132 6.92 -29.49 -20.76
N GLU A 133 5.72 -29.86 -20.34
CA GLU A 133 5.23 -31.20 -20.67
C GLU A 133 4.80 -31.35 -22.12
N GLN A 134 4.86 -30.24 -22.87
CA GLN A 134 4.52 -30.27 -24.27
C GLN A 134 5.59 -31.02 -25.04
N TYR A 135 6.75 -31.15 -24.41
CA TYR A 135 7.85 -31.84 -25.04
C TYR A 135 7.82 -33.32 -24.75
N LYS A 136 8.77 -34.04 -25.39
CA LYS A 136 8.88 -35.50 -25.27
C LYS A 136 10.04 -35.91 -24.40
N TYR A 137 9.77 -36.80 -23.44
CA TYR A 137 10.78 -37.26 -22.48
C TYR A 137 11.03 -38.76 -22.52
N ASN A 138 12.22 -39.07 -21.99
CA ASN A 138 12.76 -40.41 -21.83
C ASN A 138 13.37 -40.47 -20.44
N GLU A 139 13.22 -41.64 -19.82
CA GLU A 139 13.75 -41.85 -18.49
C GLU A 139 14.86 -42.85 -18.57
N THR A 140 16.05 -42.43 -18.15
CA THR A 140 17.20 -43.30 -18.14
C THR A 140 17.41 -43.80 -16.71
N GLU A 141 18.55 -44.43 -16.45
CA GLU A 141 18.86 -44.96 -15.11
C GLU A 141 18.99 -43.91 -14.01
N THR A 142 19.65 -42.85 -14.36
CA THR A 142 19.87 -41.80 -13.40
C THR A 142 19.16 -40.48 -13.70
N ARG A 143 18.50 -40.33 -14.88
CA ARG A 143 17.84 -39.07 -15.18
C ARG A 143 16.78 -39.14 -16.25
N TYR A 144 16.08 -38.03 -16.35
CA TYR A 144 15.07 -37.81 -17.36
C TYR A 144 15.78 -37.02 -18.44
N THR A 145 15.46 -37.35 -19.68
CA THR A 145 16.03 -36.66 -20.83
C THR A 145 14.87 -36.12 -21.67
N CYS A 146 15.08 -34.94 -22.28
CA CYS A 146 14.07 -34.34 -23.13
C CYS A 146 14.55 -34.70 -24.55
N VAL A 147 13.83 -35.63 -25.16
CA VAL A 147 14.13 -36.16 -26.48
C VAL A 147 14.19 -35.15 -27.63
N ASP A 148 13.18 -34.29 -27.72
CA ASP A 148 13.18 -33.32 -28.82
C ASP A 148 13.91 -31.99 -28.54
N LYS A 149 14.47 -31.81 -27.32
CA LYS A 149 15.18 -30.59 -26.96
C LYS A 149 16.39 -31.06 -26.23
N PRO A 150 17.19 -31.90 -26.89
CA PRO A 150 18.37 -32.43 -26.23
C PRO A 150 19.36 -31.41 -25.76
N ASN A 151 19.37 -30.21 -26.31
CA ASN A 151 20.35 -29.20 -25.88
C ASN A 151 19.76 -28.09 -25.01
N GLY A 152 18.57 -28.34 -24.49
CA GLY A 152 17.94 -27.34 -23.65
C GLY A 152 16.90 -26.56 -24.38
N TYR A 153 16.35 -25.62 -23.67
CA TYR A 153 15.29 -24.78 -24.18
C TYR A 153 15.76 -23.38 -24.46
N ASP A 154 15.30 -22.77 -25.55
CA ASP A 154 15.70 -21.41 -25.85
C ASP A 154 14.55 -20.47 -25.56
N GLU A 155 14.70 -19.21 -25.94
CA GLU A 155 13.69 -18.18 -25.68
C GLU A 155 12.39 -18.31 -26.44
N SER A 156 12.37 -19.19 -27.40
CA SER A 156 11.15 -19.36 -28.16
C SER A 156 10.19 -20.33 -27.51
N THR A 157 10.54 -20.86 -26.35
CA THR A 157 9.65 -21.76 -25.67
C THR A 157 8.43 -20.96 -25.19
N GLN A 158 7.25 -21.56 -25.22
CA GLN A 158 6.02 -20.89 -24.77
C GLN A 158 6.07 -20.41 -23.33
N LEU A 159 5.62 -19.19 -23.07
CA LEU A 159 5.62 -18.71 -21.70
C LEU A 159 4.33 -19.28 -21.11
N ASP A 160 4.43 -19.71 -19.85
CA ASP A 160 3.34 -20.30 -19.11
C ASP A 160 3.79 -20.30 -17.68
N PHE A 161 3.44 -19.23 -16.98
CA PHE A 161 3.90 -19.07 -15.62
C PHE A 161 3.29 -20.07 -14.66
N HIS A 162 4.11 -20.91 -14.07
CA HIS A 162 3.59 -21.89 -13.11
C HIS A 162 4.12 -21.57 -11.72
N SER A 163 3.19 -21.61 -10.77
CA SER A 163 3.39 -21.31 -9.36
C SER A 163 3.36 -19.81 -9.18
N PRO A 164 3.01 -19.41 -7.96
CA PRO A 164 2.97 -17.97 -7.74
C PRO A 164 4.36 -17.39 -7.97
N TYR A 165 5.41 -18.17 -7.63
CA TYR A 165 6.75 -17.67 -7.88
C TYR A 165 6.94 -17.45 -9.36
N GLY A 166 6.42 -18.42 -10.16
CA GLY A 166 6.52 -18.29 -11.61
C GLY A 166 5.74 -17.08 -12.10
N CYS A 167 4.57 -16.88 -11.51
CA CYS A 167 3.76 -15.78 -11.94
C CYS A 167 4.35 -14.43 -11.54
N SER A 168 4.96 -14.32 -10.37
CA SER A 168 5.48 -13.02 -9.96
C SER A 168 6.74 -12.67 -10.74
N LYS A 169 7.65 -13.65 -10.83
CA LYS A 169 8.87 -13.38 -11.59
C LYS A 169 8.54 -13.14 -13.06
N GLY A 170 7.56 -13.92 -13.58
CA GLY A 170 7.15 -13.77 -15.01
C GLY A 170 6.58 -12.38 -15.30
N ALA A 171 5.70 -11.89 -14.39
CA ALA A 171 5.13 -10.56 -14.57
C ALA A 171 6.24 -9.50 -14.55
N ALA A 172 7.17 -9.62 -13.59
CA ALA A 172 8.26 -8.67 -13.52
C ALA A 172 9.12 -8.73 -14.79
N ASP A 173 9.33 -9.96 -15.25
CA ASP A 173 10.13 -10.21 -16.46
C ASP A 173 9.55 -9.46 -17.69
N GLN A 174 8.23 -9.63 -17.86
CA GLN A 174 7.56 -8.97 -19.00
C GLN A 174 7.58 -7.46 -18.89
N TYR A 175 7.38 -6.94 -17.66
CA TYR A 175 7.41 -5.50 -17.38
C TYR A 175 8.81 -4.98 -17.69
N MET A 176 9.85 -5.70 -17.28
CA MET A 176 11.20 -5.20 -17.62
C MET A 176 11.42 -5.03 -19.13
N LEU A 177 10.93 -6.00 -19.91
CA LEU A 177 11.08 -6.00 -21.37
C LEU A 177 10.23 -4.90 -22.03
N ASP A 178 9.01 -4.74 -21.55
CA ASP A 178 8.12 -3.74 -22.07
C ASP A 178 8.58 -2.31 -21.74
N TYR A 179 9.22 -2.09 -20.56
CA TYR A 179 9.71 -0.75 -20.24
C TYR A 179 10.86 -0.37 -21.21
N ALA A 180 11.56 -1.35 -21.76
CA ALA A 180 12.61 -1.00 -22.72
C ALA A 180 11.93 -0.51 -24.01
N ARG A 181 10.90 -1.22 -24.40
CA ARG A 181 10.12 -0.95 -25.60
C ARG A 181 9.33 0.34 -25.60
N ILE A 182 8.60 0.50 -24.54
CA ILE A 182 7.72 1.65 -24.39
C ILE A 182 8.39 2.91 -23.90
N PHE A 183 9.16 2.83 -22.85
CA PHE A 183 9.80 4.00 -22.25
C PHE A 183 11.26 4.13 -22.55
N GLY A 184 11.82 3.26 -23.42
CA GLY A 184 13.23 3.29 -23.82
C GLY A 184 14.26 2.98 -22.72
N LEU A 185 13.84 2.29 -21.66
CA LEU A 185 14.82 1.99 -20.61
C LEU A 185 15.86 0.96 -21.12
N ASN A 186 17.00 0.96 -20.48
CA ASN A 186 18.04 0.04 -20.83
C ASN A 186 17.97 -1.23 -19.97
N THR A 187 17.03 -2.16 -20.23
CA THR A 187 16.94 -3.34 -19.41
C THR A 187 17.35 -4.60 -20.14
N VAL A 188 17.75 -5.60 -19.36
CA VAL A 188 18.16 -6.92 -19.84
C VAL A 188 17.53 -7.96 -18.90
N VAL A 189 16.98 -9.04 -19.43
CA VAL A 189 16.40 -10.04 -18.57
C VAL A 189 17.13 -11.37 -18.69
N PHE A 190 17.50 -12.00 -17.58
CA PHE A 190 18.13 -13.30 -17.64
C PHE A 190 17.20 -14.32 -17.04
N ARG A 191 16.75 -15.29 -17.80
CA ARG A 191 15.89 -16.33 -17.29
C ARG A 191 16.82 -17.41 -16.87
N HIS A 192 17.05 -17.44 -15.57
CA HIS A 192 18.01 -18.35 -15.03
C HIS A 192 17.57 -19.70 -14.57
N SER A 193 18.49 -20.62 -14.82
CA SER A 193 18.38 -21.98 -14.37
C SER A 193 19.29 -22.01 -13.07
N SER A 194 19.42 -23.13 -12.42
CA SER A 194 20.21 -23.27 -11.18
C SER A 194 21.63 -22.71 -11.12
N MET A 195 21.88 -21.94 -10.02
CA MET A 195 23.17 -21.34 -9.71
C MET A 195 23.62 -21.78 -8.32
N TYR A 196 24.94 -21.87 -8.16
CA TYR A 196 25.45 -22.31 -6.87
C TYR A 196 26.86 -21.77 -6.69
N GLY A 197 27.33 -21.73 -5.45
CA GLY A 197 28.69 -21.22 -5.27
C GLY A 197 28.88 -20.66 -3.88
N GLY A 198 30.06 -20.12 -3.64
CA GLY A 198 30.34 -19.54 -2.32
C GLY A 198 29.39 -18.38 -2.03
N ARG A 199 29.11 -18.15 -0.73
CA ARG A 199 28.23 -17.08 -0.23
C ARG A 199 26.78 -17.46 -0.29
N GLN A 200 26.56 -18.72 -0.65
CA GLN A 200 25.21 -19.20 -0.72
C GLN A 200 24.93 -19.97 0.54
N PHE A 201 23.95 -19.52 1.31
CA PHE A 201 23.56 -20.19 2.52
C PHE A 201 22.28 -20.88 2.20
N ALA A 202 22.38 -22.08 1.63
CA ALA A 202 21.24 -22.87 1.21
C ALA A 202 20.30 -23.35 2.33
N THR A 203 19.05 -23.60 1.92
CA THR A 203 18.05 -24.10 2.80
C THR A 203 17.27 -25.16 2.05
N TYR A 204 16.49 -25.87 2.83
CA TYR A 204 15.68 -26.90 2.35
C TYR A 204 14.96 -26.49 1.10
N ASP A 205 14.40 -25.29 1.12
CA ASP A 205 13.62 -24.85 -0.04
C ASP A 205 14.25 -23.88 -0.99
N GLN A 206 15.56 -23.68 -0.93
CA GLN A 206 16.20 -22.77 -1.84
C GLN A 206 17.71 -23.04 -1.88
N GLY A 207 18.19 -23.33 -3.09
CA GLY A 207 19.63 -23.64 -3.33
C GLY A 207 19.81 -25.15 -3.25
N TRP A 208 19.25 -25.88 -4.24
CA TRP A 208 19.34 -27.31 -4.17
C TRP A 208 20.74 -27.87 -4.16
N VAL A 209 21.60 -27.30 -4.99
CA VAL A 209 22.95 -27.87 -4.98
C VAL A 209 23.60 -27.70 -3.65
N GLY A 210 23.52 -26.46 -3.16
CA GLY A 210 24.10 -26.14 -1.88
C GLY A 210 23.47 -26.95 -0.75
N TRP A 211 22.17 -27.15 -0.77
CA TRP A 211 21.55 -27.89 0.27
C TRP A 211 22.08 -29.33 0.31
N PHE A 212 22.14 -29.99 -0.86
CA PHE A 212 22.63 -31.35 -0.91
C PHE A 212 24.10 -31.40 -0.51
N CYS A 213 24.89 -30.35 -0.80
CA CYS A 213 26.29 -30.35 -0.35
C CYS A 213 26.37 -30.32 1.21
N GLN A 214 25.40 -29.62 1.82
CA GLN A 214 25.31 -29.51 3.27
C GLN A 214 24.90 -30.85 3.81
N LYS A 215 24.04 -31.58 3.06
CA LYS A 215 23.64 -32.89 3.53
C LYS A 215 24.87 -33.82 3.59
N ALA A 216 25.75 -33.64 2.59
CA ALA A 216 26.98 -34.43 2.50
C ALA A 216 27.96 -34.13 3.65
N VAL A 217 28.11 -32.85 3.95
CA VAL A 217 28.99 -32.41 5.00
C VAL A 217 28.53 -33.03 6.33
N GLU A 218 27.22 -33.03 6.55
CA GLU A 218 26.64 -33.60 7.75
C GLU A 218 26.94 -35.06 7.89
N ILE A 219 26.67 -35.79 6.81
CA ILE A 219 26.92 -37.21 6.80
C ILE A 219 28.41 -37.49 7.06
N LYS A 220 29.28 -36.69 6.44
CA LYS A 220 30.73 -36.86 6.58
C LYS A 220 31.14 -36.71 8.02
N ASN A 221 30.42 -35.87 8.74
CA ASN A 221 30.77 -35.68 10.12
C ASN A 221 29.97 -36.54 11.08
N GLY A 222 29.15 -37.44 10.61
CA GLY A 222 28.38 -38.29 11.49
C GLY A 222 27.19 -37.58 12.14
N ILE A 223 26.64 -36.63 11.40
CA ILE A 223 25.49 -35.88 11.87
C ILE A 223 24.24 -36.56 11.32
N ASN A 224 23.39 -36.99 12.22
CA ASN A 224 22.16 -37.64 11.84
C ASN A 224 21.00 -36.66 11.74
N LYS A 225 20.80 -36.31 10.48
CA LYS A 225 19.76 -35.42 10.04
C LYS A 225 19.29 -35.94 8.68
N PRO A 226 18.82 -37.23 8.69
CA PRO A 226 18.31 -37.97 7.53
C PRO A 226 17.40 -37.11 6.64
N PHE A 227 17.69 -37.15 5.33
CA PHE A 227 16.97 -36.31 4.37
C PHE A 227 16.10 -36.97 3.32
N THR A 228 15.39 -36.07 2.67
CA THR A 228 14.49 -36.50 1.63
C THR A 228 14.74 -35.80 0.32
N ILE A 229 14.13 -36.39 -0.69
CA ILE A 229 14.12 -35.83 -2.00
C ILE A 229 12.64 -35.90 -2.45
N SER A 230 12.22 -34.94 -3.26
CA SER A 230 10.85 -34.90 -3.78
C SER A 230 10.87 -35.58 -5.16
N GLY A 231 10.21 -36.74 -5.27
CA GLY A 231 10.21 -37.42 -6.53
C GLY A 231 11.27 -38.50 -6.50
N ASN A 232 11.62 -39.00 -7.67
CA ASN A 232 12.59 -40.05 -7.76
C ASN A 232 14.01 -39.58 -7.88
N GLY A 233 14.24 -38.26 -7.95
CA GLY A 233 15.58 -37.69 -8.06
C GLY A 233 16.14 -37.70 -9.48
N LYS A 234 15.36 -38.18 -10.45
CA LYS A 234 15.83 -38.19 -11.84
C LYS A 234 15.66 -36.84 -12.57
N GLN A 235 14.94 -35.89 -11.94
CA GLN A 235 14.74 -34.54 -12.48
C GLN A 235 16.12 -33.88 -12.66
N VAL A 236 16.28 -33.14 -13.77
CA VAL A 236 17.55 -32.52 -14.15
C VAL A 236 17.54 -31.01 -14.28
N ARG A 237 18.67 -30.42 -13.97
CA ARG A 237 18.89 -29.00 -14.11
C ARG A 237 20.33 -28.81 -14.55
N ASP A 238 20.60 -27.83 -15.43
CA ASP A 238 22.00 -27.58 -15.75
C ASP A 238 22.41 -26.67 -14.55
N VAL A 239 23.63 -26.75 -14.06
CA VAL A 239 24.03 -25.92 -12.91
C VAL A 239 25.13 -24.95 -13.32
N LEU A 240 25.00 -23.71 -12.82
CA LEU A 240 25.95 -22.68 -13.17
C LEU A 240 26.67 -22.16 -11.95
N HIS A 241 27.99 -22.24 -12.02
CA HIS A 241 28.81 -21.78 -10.92
C HIS A 241 28.81 -20.27 -10.78
N ALA A 242 28.90 -19.75 -9.55
CA ALA A 242 28.97 -18.28 -9.33
C ALA A 242 30.05 -17.57 -10.16
N GLU A 243 31.24 -18.17 -10.36
CA GLU A 243 32.27 -17.48 -11.16
C GLU A 243 31.81 -17.10 -12.55
N ASP A 244 30.99 -18.00 -13.13
CA ASP A 244 30.48 -17.76 -14.48
C ASP A 244 29.38 -16.75 -14.46
N MET A 245 28.64 -16.73 -13.35
CA MET A 245 27.55 -15.76 -13.23
C MET A 245 28.14 -14.34 -13.16
N ILE A 246 29.29 -14.19 -12.46
CA ILE A 246 29.91 -12.89 -12.34
C ILE A 246 30.34 -12.39 -13.69
N SER A 247 31.02 -13.24 -14.47
CA SER A 247 31.46 -12.79 -15.81
C SER A 247 30.29 -12.43 -16.74
N LEU A 248 29.19 -13.17 -16.62
CA LEU A 248 28.02 -12.89 -17.43
C LEU A 248 27.43 -11.49 -17.16
N TYR A 249 27.19 -11.18 -15.88
CA TYR A 249 26.61 -9.90 -15.49
C TYR A 249 27.43 -8.74 -15.94
N PHE A 250 28.72 -8.81 -15.62
CA PHE A 250 29.60 -7.72 -15.99
C PHE A 250 29.82 -7.65 -17.50
N THR A 251 29.91 -8.81 -18.17
CA THR A 251 30.07 -8.74 -19.61
C THR A 251 28.85 -8.18 -20.26
N ALA A 252 27.70 -8.61 -19.79
CA ALA A 252 26.45 -8.13 -20.33
C ALA A 252 26.30 -6.63 -20.18
N LEU A 253 26.60 -6.16 -18.99
CA LEU A 253 26.54 -4.72 -18.66
C LEU A 253 27.40 -3.92 -19.67
N ALA A 254 28.63 -4.40 -19.88
CA ALA A 254 29.54 -3.75 -20.80
C ALA A 254 28.99 -3.69 -22.22
N ASN A 255 28.00 -4.52 -22.59
CA ASN A 255 27.42 -4.52 -23.93
C ASN A 255 25.93 -4.20 -23.94
N VAL A 256 25.48 -3.55 -22.90
CA VAL A 256 24.05 -3.26 -22.78
C VAL A 256 23.41 -2.56 -23.94
N SER A 257 24.16 -1.68 -24.56
CA SER A 257 23.62 -0.97 -25.68
C SER A 257 23.19 -1.93 -26.80
N LYS A 258 23.87 -3.05 -26.94
CA LYS A 258 23.52 -3.98 -28.00
C LYS A 258 22.46 -5.00 -27.60
N ILE A 259 22.35 -5.28 -26.30
CA ILE A 259 21.39 -6.29 -25.87
C ILE A 259 20.11 -5.79 -25.19
N ARG A 260 20.03 -4.49 -24.98
CA ARG A 260 18.88 -3.93 -24.31
C ARG A 260 17.58 -4.40 -24.87
N GLY A 261 16.62 -4.61 -23.98
CA GLY A 261 15.28 -5.03 -24.36
C GLY A 261 15.08 -6.50 -24.64
N ASN A 262 16.10 -7.31 -24.38
CA ASN A 262 16.00 -8.73 -24.63
C ASN A 262 16.10 -9.60 -23.41
N ALA A 263 15.51 -10.79 -23.50
CA ALA A 263 15.56 -11.80 -22.47
C ALA A 263 16.49 -12.87 -23.00
N PHE A 264 17.24 -13.53 -22.07
CA PHE A 264 18.16 -14.61 -22.44
C PHE A 264 18.05 -15.73 -21.44
N ASN A 265 17.97 -16.97 -21.96
CA ASN A 265 17.94 -18.12 -21.06
C ASN A 265 19.41 -18.33 -20.62
N ILE A 266 19.66 -18.47 -19.32
CA ILE A 266 21.01 -18.61 -18.82
C ILE A 266 21.17 -19.87 -17.99
N GLY A 267 22.21 -20.66 -18.25
CA GLY A 267 22.39 -21.87 -17.45
C GLY A 267 23.76 -22.48 -17.75
N GLY A 268 24.11 -23.55 -17.03
CA GLY A 268 25.39 -24.16 -17.25
C GLY A 268 25.44 -24.97 -18.54
N THR A 269 24.27 -25.18 -19.20
CA THR A 269 24.15 -25.95 -20.47
C THR A 269 24.11 -27.46 -20.28
N ILE A 270 23.68 -28.19 -21.32
CA ILE A 270 23.58 -29.65 -21.24
C ILE A 270 24.85 -30.32 -20.65
N VAL A 271 26.05 -29.86 -21.03
CA VAL A 271 27.24 -30.50 -20.48
C VAL A 271 27.38 -30.41 -18.94
N ASN A 272 26.74 -29.43 -18.31
CA ASN A 272 26.80 -29.26 -16.86
C ASN A 272 25.46 -29.59 -16.29
N SER A 273 24.71 -30.47 -16.91
CA SER A 273 23.45 -30.77 -16.28
C SER A 273 23.59 -31.95 -15.33
N LEU A 274 22.75 -31.98 -14.29
CA LEU A 274 22.77 -33.08 -13.33
C LEU A 274 21.37 -33.33 -12.81
N SER A 275 21.08 -34.60 -12.58
CA SER A 275 19.85 -34.98 -11.94
C SER A 275 20.27 -35.04 -10.44
N LEU A 276 19.31 -35.14 -9.49
CA LEU A 276 19.74 -35.20 -8.11
C LEU A 276 20.56 -36.47 -7.90
N LEU A 277 20.12 -37.58 -8.51
CA LEU A 277 20.84 -38.83 -8.34
C LEU A 277 22.25 -38.68 -8.83
N GLU A 278 22.46 -37.97 -9.93
CA GLU A 278 23.83 -37.78 -10.40
C GLU A 278 24.65 -36.88 -9.46
N LEU A 279 23.98 -35.89 -8.86
CA LEU A 279 24.67 -35.03 -7.94
C LEU A 279 25.15 -35.86 -6.75
N PHE A 280 24.23 -36.70 -6.23
CA PHE A 280 24.60 -37.54 -5.09
C PHE A 280 25.86 -38.38 -5.38
N LYS A 281 25.93 -38.96 -6.58
CA LYS A 281 27.10 -39.77 -6.94
C LYS A 281 28.37 -38.97 -6.92
N LEU A 282 28.28 -37.77 -7.45
CA LEU A 282 29.44 -36.90 -7.46
C LEU A 282 29.90 -36.67 -6.02
N LEU A 283 28.93 -36.43 -5.12
CA LEU A 283 29.29 -36.19 -3.73
C LEU A 283 29.81 -37.45 -3.03
N GLU A 284 29.16 -38.59 -3.28
CA GLU A 284 29.63 -39.79 -2.66
C GLU A 284 31.04 -40.09 -3.11
N ASP A 285 31.34 -39.83 -4.35
CA ASP A 285 32.68 -40.11 -4.80
C ASP A 285 33.71 -39.19 -4.18
N TYR A 286 33.40 -37.93 -4.16
CA TYR A 286 34.32 -36.95 -3.64
C TYR A 286 34.51 -36.98 -2.14
N CYS A 287 33.49 -37.43 -1.45
CA CYS A 287 33.54 -37.43 0.01
C CYS A 287 33.69 -38.80 0.67
N ASN A 288 33.61 -39.84 -0.12
CA ASN A 288 33.69 -41.20 0.38
C ASN A 288 32.57 -41.48 1.34
N ILE A 289 31.37 -41.14 0.93
CA ILE A 289 30.24 -41.40 1.81
C ILE A 289 29.12 -42.00 0.99
N ASP A 290 28.03 -42.28 1.69
CA ASP A 290 26.80 -42.79 1.13
C ASP A 290 25.71 -41.81 1.41
N MET A 291 25.05 -41.39 0.35
CA MET A 291 23.95 -40.47 0.55
C MET A 291 22.63 -41.20 0.60
N ARG A 292 22.16 -41.44 1.81
CA ARG A 292 20.90 -42.13 2.00
C ARG A 292 19.80 -41.12 2.13
N PHE A 293 18.66 -41.44 1.56
CA PHE A 293 17.52 -40.57 1.63
C PHE A 293 16.23 -41.31 1.48
N THR A 294 15.16 -40.60 1.68
CA THR A 294 13.84 -41.15 1.54
C THR A 294 13.12 -40.31 0.50
N ASN A 295 12.30 -40.91 -0.36
CA ASN A 295 11.55 -40.21 -1.41
C ASN A 295 10.21 -39.67 -0.95
N LEU A 296 9.93 -38.40 -1.23
CA LEU A 296 8.65 -37.81 -0.88
C LEU A 296 7.91 -37.68 -2.19
N PRO A 297 6.61 -37.38 -2.16
CA PRO A 297 5.93 -37.24 -3.43
C PRO A 297 6.56 -36.10 -4.19
N VAL A 298 6.42 -36.16 -5.51
CA VAL A 298 7.02 -35.13 -6.32
C VAL A 298 6.34 -33.82 -6.08
N ARG A 299 7.09 -32.75 -6.36
CA ARG A 299 6.61 -31.41 -6.16
C ARG A 299 5.47 -31.05 -7.09
N GLU A 300 4.55 -30.25 -6.50
CA GLU A 300 3.31 -29.70 -7.10
C GLU A 300 3.60 -29.22 -8.52
N SER A 301 4.41 -28.18 -8.51
CA SER A 301 4.89 -27.55 -9.69
C SER A 301 6.35 -27.95 -9.86
N ASP A 302 6.65 -28.66 -10.94
CA ASP A 302 8.03 -29.05 -11.14
C ASP A 302 8.26 -29.25 -12.62
N GLN A 303 9.53 -29.20 -13.01
CA GLN A 303 9.99 -29.43 -14.35
C GLN A 303 10.87 -30.67 -14.27
N ARG A 304 10.59 -31.67 -15.11
CA ARG A 304 11.40 -32.88 -15.11
C ARG A 304 12.82 -32.56 -15.55
N VAL A 305 12.91 -31.61 -16.45
CA VAL A 305 14.21 -31.21 -16.91
C VAL A 305 14.23 -29.73 -17.21
N PHE A 306 15.30 -29.06 -16.87
CA PHE A 306 15.43 -27.68 -17.28
C PHE A 306 16.89 -27.49 -17.63
N VAL A 307 17.20 -27.28 -18.91
CA VAL A 307 18.57 -27.03 -19.34
C VAL A 307 18.48 -25.86 -20.26
N ALA A 308 19.35 -24.87 -20.10
CA ALA A 308 19.24 -23.71 -20.98
C ALA A 308 20.03 -23.85 -22.24
N ASP A 309 19.42 -23.49 -23.36
CA ASP A 309 20.10 -23.49 -24.61
C ASP A 309 20.53 -22.01 -24.66
N ILE A 310 21.83 -21.77 -24.57
CA ILE A 310 22.35 -20.41 -24.50
C ILE A 310 22.87 -19.79 -25.78
N LYS A 311 22.48 -20.30 -26.93
CA LYS A 311 22.95 -19.78 -28.23
C LYS A 311 22.78 -18.27 -28.34
N LYS A 312 21.60 -17.79 -27.91
CA LYS A 312 21.32 -16.35 -27.97
C LYS A 312 22.34 -15.47 -27.25
N ILE A 313 22.64 -15.76 -25.97
CA ILE A 313 23.58 -14.97 -25.22
C ILE A 313 24.98 -15.15 -25.73
N THR A 314 25.34 -16.38 -26.09
CA THR A 314 26.69 -16.54 -26.58
C THR A 314 26.89 -15.79 -27.88
N ASN A 315 25.87 -15.83 -28.70
CA ASN A 315 25.99 -15.09 -29.96
C ASN A 315 26.05 -13.58 -29.70
N ALA A 316 25.39 -13.10 -28.67
CA ALA A 316 25.43 -11.67 -28.47
C ALA A 316 26.68 -11.09 -27.79
N ILE A 317 27.22 -11.79 -26.79
CA ILE A 317 28.34 -11.32 -26.00
C ILE A 317 29.46 -12.29 -25.88
N ASP A 318 29.21 -13.44 -26.47
CA ASP A 318 30.17 -14.50 -26.51
C ASP A 318 30.70 -14.89 -25.14
N TRP A 319 29.72 -15.14 -24.31
CA TRP A 319 29.96 -15.57 -22.96
C TRP A 319 29.57 -17.05 -22.98
N SER A 320 30.32 -17.83 -22.20
CA SER A 320 30.03 -19.25 -22.08
C SER A 320 30.51 -19.75 -20.71
N PRO A 321 29.90 -20.79 -20.15
CA PRO A 321 30.34 -21.25 -18.84
C PRO A 321 31.65 -21.98 -18.91
N LYS A 322 32.51 -21.64 -17.97
CA LYS A 322 33.83 -22.22 -17.87
C LYS A 322 33.94 -23.22 -16.73
N VAL A 323 33.10 -23.16 -15.70
CA VAL A 323 33.25 -24.12 -14.61
C VAL A 323 32.37 -25.33 -14.78
N SER A 324 33.00 -26.50 -14.83
CA SER A 324 32.28 -27.76 -15.00
C SER A 324 31.47 -28.10 -13.76
N ALA A 325 30.45 -28.93 -13.95
CA ALA A 325 29.61 -29.35 -12.82
C ALA A 325 30.46 -30.10 -11.79
N LYS A 326 31.34 -30.95 -12.28
CA LYS A 326 32.19 -31.69 -11.37
C LYS A 326 33.07 -30.77 -10.59
N ASP A 327 33.76 -29.92 -11.28
CA ASP A 327 34.64 -29.00 -10.60
C ASP A 327 33.96 -28.03 -9.66
N GLY A 328 32.82 -27.53 -10.12
CA GLY A 328 32.04 -26.58 -9.31
C GLY A 328 31.49 -27.22 -8.04
N VAL A 329 30.92 -28.39 -8.21
CA VAL A 329 30.36 -29.10 -7.05
C VAL A 329 31.44 -29.41 -6.01
N GLN A 330 32.64 -29.78 -6.48
CA GLN A 330 33.74 -30.06 -5.56
C GLN A 330 34.07 -28.82 -4.80
N LYS A 331 34.15 -27.70 -5.52
CA LYS A 331 34.43 -26.42 -4.89
C LYS A 331 33.37 -26.06 -3.85
N MET A 332 32.13 -26.28 -4.24
CA MET A 332 30.99 -25.99 -3.39
C MET A 332 31.02 -26.81 -2.14
N TYR A 333 31.33 -28.09 -2.25
CA TYR A 333 31.41 -28.91 -1.05
C TYR A 333 32.49 -28.33 -0.10
N ASP A 334 33.64 -27.98 -0.68
CA ASP A 334 34.73 -27.42 0.10
C ASP A 334 34.29 -26.16 0.81
N TRP A 335 33.61 -25.30 0.11
CA TRP A 335 33.12 -24.08 0.73
C TRP A 335 32.15 -24.43 1.83
N THR A 336 31.16 -25.27 1.55
CA THR A 336 30.20 -25.66 2.57
C THR A 336 30.89 -26.21 3.81
N SER A 337 31.87 -27.08 3.58
CA SER A 337 32.55 -27.64 4.73
C SER A 337 33.34 -26.58 5.51
N SER A 338 33.65 -25.44 4.89
CA SER A 338 34.41 -24.37 5.52
C SER A 338 33.61 -23.56 6.52
N ILE A 339 32.31 -23.56 6.35
CA ILE A 339 31.42 -22.85 7.26
C ILE A 339 31.35 -23.67 8.56
N ALA B 2 2.95 -18.96 28.57
CA ALA B 2 2.51 -17.75 27.88
C ALA B 2 3.55 -17.27 26.86
N LYS B 3 3.08 -16.84 25.69
CA LYS B 3 3.99 -16.37 24.66
C LYS B 3 4.01 -14.88 24.64
N LEU B 4 5.20 -14.33 24.53
CA LEU B 4 5.38 -12.91 24.48
C LEU B 4 6.00 -12.53 23.16
N LEU B 5 5.34 -11.63 22.46
CA LEU B 5 5.89 -11.13 21.19
C LEU B 5 6.52 -9.78 21.40
N ILE B 6 7.73 -9.58 20.87
CA ILE B 6 8.35 -8.28 21.01
C ILE B 6 8.64 -7.73 19.62
N THR B 7 7.89 -6.73 19.22
CA THR B 7 8.23 -6.20 17.92
C THR B 7 9.38 -5.23 18.20
N GLY B 8 10.29 -5.08 17.28
CA GLY B 8 11.40 -4.21 17.51
C GLY B 8 12.32 -4.89 18.51
N GLY B 9 12.14 -6.21 18.63
CA GLY B 9 12.85 -7.08 19.56
C GLY B 9 14.38 -7.08 19.52
N CYS B 10 14.99 -6.61 18.43
CA CYS B 10 16.47 -6.60 18.39
C CYS B 10 17.02 -5.22 18.68
N GLY B 11 16.16 -4.28 19.05
CA GLY B 11 16.64 -2.93 19.34
C GLY B 11 17.12 -2.77 20.79
N PHE B 12 17.30 -1.52 21.22
CA PHE B 12 17.77 -1.28 22.57
C PHE B 12 16.78 -1.75 23.61
N LEU B 13 15.58 -1.20 23.62
CA LEU B 13 14.64 -1.64 24.62
C LEU B 13 14.30 -3.10 24.46
N GLY B 14 13.95 -3.48 23.23
CA GLY B 14 13.53 -4.80 22.92
C GLY B 14 14.53 -5.87 23.31
N SER B 15 15.82 -5.65 23.04
CA SER B 15 16.74 -6.71 23.39
C SER B 15 16.86 -6.86 24.91
N ASN B 16 16.75 -5.76 25.64
CA ASN B 16 16.81 -5.80 27.09
C ASN B 16 15.61 -6.54 27.58
N LEU B 17 14.45 -6.21 27.04
CA LEU B 17 13.27 -6.92 27.48
C LEU B 17 13.30 -8.40 27.09
N ALA B 18 13.79 -8.69 25.89
CA ALA B 18 13.84 -10.04 25.44
C ALA B 18 14.74 -10.91 26.34
N SER B 19 15.86 -10.36 26.72
CA SER B 19 16.79 -11.08 27.56
C SER B 19 16.13 -11.48 28.90
N PHE B 20 15.32 -10.59 29.45
CA PHE B 20 14.64 -10.91 30.70
C PHE B 20 13.63 -12.04 30.46
N ALA B 21 12.90 -12.00 29.32
CA ALA B 21 11.94 -13.07 29.07
C ALA B 21 12.62 -14.42 28.99
N LEU B 22 13.80 -14.42 28.36
CA LEU B 22 14.58 -15.62 28.17
C LEU B 22 15.02 -16.18 29.52
N SER B 23 15.48 -15.29 30.37
CA SER B 23 15.92 -15.73 31.67
C SER B 23 14.79 -16.23 32.57
N GLN B 24 13.60 -15.71 32.38
CA GLN B 24 12.48 -16.11 33.20
C GLN B 24 11.78 -17.23 32.50
N GLY B 25 12.38 -17.65 31.42
CA GLY B 25 11.73 -18.74 30.73
C GLY B 25 10.35 -18.37 30.18
N ILE B 26 10.18 -17.15 29.67
CA ILE B 26 8.89 -16.81 29.08
C ILE B 26 9.04 -17.11 27.58
N ASP B 27 8.09 -17.83 26.94
CA ASP B 27 8.16 -18.15 25.51
C ASP B 27 8.17 -16.84 24.73
N LEU B 28 9.24 -16.66 23.95
CA LEU B 28 9.47 -15.47 23.20
C LEU B 28 9.53 -15.56 21.65
N ILE B 29 8.86 -14.56 21.04
CA ILE B 29 8.80 -14.35 19.58
C ILE B 29 9.35 -12.94 19.36
N VAL B 30 10.38 -12.81 18.56
CA VAL B 30 10.97 -11.50 18.25
C VAL B 30 10.69 -11.19 16.79
N PHE B 31 10.13 -10.05 16.51
CA PHE B 31 9.82 -9.60 15.16
C PHE B 31 10.66 -8.34 14.89
N ASP B 32 11.49 -8.34 13.84
CA ASP B 32 12.32 -7.16 13.56
C ASP B 32 12.81 -7.20 12.11
N ASN B 33 13.16 -6.04 11.55
CA ASN B 33 13.64 -6.00 10.17
C ASN B 33 15.13 -5.81 10.12
N LEU B 34 15.73 -5.74 11.31
CA LEU B 34 17.21 -5.56 11.42
C LEU B 34 17.75 -4.28 10.83
N SER B 35 16.87 -3.29 10.74
CA SER B 35 17.28 -2.03 10.16
C SER B 35 18.16 -1.16 11.06
N ARG B 36 18.03 -1.25 12.38
CA ARG B 36 18.86 -0.38 13.26
C ARG B 36 20.29 -0.91 13.33
N LYS B 37 21.34 -0.13 13.10
CA LYS B 37 22.68 -0.73 13.24
C LYS B 37 22.83 -1.27 14.67
N GLY B 38 23.37 -2.47 14.82
CA GLY B 38 23.48 -3.07 16.15
C GLY B 38 22.39 -4.12 16.35
N ALA B 39 21.33 -4.07 15.52
CA ALA B 39 20.25 -5.03 15.67
C ALA B 39 20.76 -6.46 15.48
N THR B 40 21.64 -6.67 14.48
CA THR B 40 22.18 -8.02 14.23
C THR B 40 23.01 -8.52 15.45
N ASP B 41 23.78 -7.60 16.05
CA ASP B 41 24.59 -7.95 17.22
C ASP B 41 23.67 -8.31 18.38
N ASN B 42 22.62 -7.54 18.55
CA ASN B 42 21.70 -7.85 19.61
C ASN B 42 21.04 -9.18 19.38
N LEU B 43 20.70 -9.45 18.11
CA LEU B 43 20.09 -10.73 17.77
C LEU B 43 21.08 -11.87 18.11
N HIS B 44 22.35 -11.71 17.74
CA HIS B 44 23.32 -12.76 18.03
C HIS B 44 23.44 -12.92 19.54
N TRP B 45 23.51 -11.78 20.22
CA TRP B 45 23.60 -11.79 21.65
C TRP B 45 22.45 -12.56 22.28
N LEU B 46 21.24 -12.24 21.90
CA LEU B 46 20.09 -12.93 22.45
C LEU B 46 20.16 -14.43 22.23
N SER B 47 20.62 -14.78 21.02
CA SER B 47 20.76 -16.16 20.59
C SER B 47 21.64 -16.96 21.56
N SER B 48 22.56 -16.25 22.22
CA SER B 48 23.46 -16.85 23.17
C SER B 48 22.87 -16.97 24.55
N LEU B 49 21.67 -16.47 24.73
CA LEU B 49 21.06 -16.56 26.02
C LEU B 49 19.98 -17.56 26.06
N GLY B 50 19.54 -17.94 24.89
CA GLY B 50 18.47 -18.90 24.91
C GLY B 50 17.90 -19.07 23.52
N ASN B 51 16.82 -19.84 23.47
CA ASN B 51 16.16 -20.11 22.23
C ASN B 51 14.84 -19.39 22.15
N PHE B 52 14.52 -18.98 20.93
CA PHE B 52 13.29 -18.29 20.71
C PHE B 52 13.00 -18.24 19.22
N GLU B 53 11.81 -17.77 18.91
CA GLU B 53 11.42 -17.63 17.52
C GLU B 53 11.71 -16.20 17.03
N PHE B 54 12.64 -16.10 16.06
CA PHE B 54 13.01 -14.82 15.41
C PHE B 54 12.27 -14.77 14.07
N VAL B 55 11.49 -13.73 13.88
CA VAL B 55 10.76 -13.55 12.64
C VAL B 55 11.17 -12.25 12.00
N HIS B 56 11.85 -12.34 10.87
CA HIS B 56 12.25 -11.15 10.15
C HIS B 56 10.98 -10.59 9.49
N GLY B 57 10.77 -9.29 9.58
CA GLY B 57 9.58 -8.77 8.93
C GLY B 57 9.57 -7.24 9.04
N ASP B 58 8.68 -6.64 8.21
CA ASP B 58 8.51 -5.19 8.13
C ASP B 58 7.18 -4.83 8.75
N ILE B 59 7.25 -4.09 9.85
CA ILE B 59 6.03 -3.68 10.56
C ILE B 59 5.03 -2.87 9.64
N ARG B 60 5.59 -2.21 8.60
CA ARG B 60 4.80 -1.42 7.66
C ARG B 60 3.90 -2.33 6.79
N ASN B 61 4.33 -3.59 6.64
CA ASN B 61 3.66 -4.57 5.82
C ASN B 61 2.56 -5.29 6.53
N LYS B 62 1.32 -5.00 6.13
CA LYS B 62 0.16 -5.59 6.76
C LYS B 62 0.13 -7.11 6.75
N ASN B 63 0.52 -7.69 5.62
CA ASN B 63 0.53 -9.15 5.51
C ASN B 63 1.56 -9.76 6.49
N ASP B 64 2.79 -9.18 6.57
CA ASP B 64 3.79 -9.73 7.48
C ASP B 64 3.24 -9.73 8.92
N VAL B 65 2.60 -8.62 9.30
CA VAL B 65 2.08 -8.46 10.64
C VAL B 65 0.93 -9.36 10.95
N THR B 66 -0.01 -9.43 10.02
CA THR B 66 -1.18 -10.31 10.25
C THR B 66 -0.80 -11.79 10.38
N ARG B 67 0.09 -12.24 9.52
CA ARG B 67 0.56 -13.61 9.56
C ARG B 67 1.29 -13.88 10.87
N LEU B 68 2.06 -12.91 11.30
CA LEU B 68 2.78 -13.08 12.53
C LEU B 68 1.81 -13.35 13.65
N ILE B 69 0.77 -12.54 13.75
CA ILE B 69 -0.21 -12.76 14.81
C ILE B 69 -0.97 -14.07 14.70
N THR B 70 -1.46 -14.37 13.50
CA THR B 70 -2.23 -15.60 13.33
C THR B 70 -1.43 -16.87 13.54
N LYS B 71 -0.20 -16.78 13.10
CA LYS B 71 0.63 -17.92 13.26
C LYS B 71 1.02 -18.14 14.70
N TYR B 72 1.50 -17.12 15.40
CA TYR B 72 1.97 -17.33 16.77
C TYR B 72 0.98 -17.10 17.89
N MET B 73 -0.07 -16.33 17.63
CA MET B 73 -1.09 -16.08 18.64
C MET B 73 -0.52 -15.76 20.01
N PRO B 74 0.35 -14.75 20.11
CA PRO B 74 0.94 -14.41 21.42
C PRO B 74 -0.11 -13.97 22.47
N ASP B 75 0.25 -14.14 23.75
CA ASP B 75 -0.63 -13.75 24.85
C ASP B 75 -0.41 -12.27 25.24
N SER B 76 0.81 -11.79 24.97
CA SER B 76 1.21 -10.43 25.24
C SER B 76 2.18 -9.98 24.18
N CYS B 77 2.26 -8.68 24.06
CA CYS B 77 3.17 -8.11 23.08
C CYS B 77 3.67 -6.76 23.55
N PHE B 78 4.96 -6.54 23.34
CA PHE B 78 5.55 -5.27 23.60
C PHE B 78 5.81 -4.73 22.17
N HIS B 79 5.09 -3.66 21.79
CA HIS B 79 5.19 -3.07 20.44
C HIS B 79 6.19 -1.95 20.41
N LEU B 80 7.45 -2.31 20.11
CA LEU B 80 8.57 -1.39 20.12
C LEU B 80 9.14 -1.02 18.76
N ALA B 81 8.69 -1.74 17.72
CA ALA B 81 9.20 -1.44 16.36
C ALA B 81 8.75 -0.02 15.97
N GLY B 82 9.72 0.83 15.63
CA GLY B 82 9.38 2.17 15.27
C GLY B 82 10.51 2.94 14.62
N GLN B 83 10.11 4.12 14.16
CA GLN B 83 11.00 5.10 13.56
C GLN B 83 11.20 6.01 14.75
N VAL B 84 12.41 5.95 15.26
CA VAL B 84 12.82 6.65 16.46
C VAL B 84 13.50 8.02 16.35
N ALA B 85 14.01 8.41 15.18
CA ALA B 85 14.69 9.68 15.06
C ALA B 85 13.81 10.85 14.56
N MET B 86 13.88 11.94 15.30
CA MET B 86 13.11 13.09 14.95
C MET B 86 13.67 13.68 13.69
N THR B 87 14.99 13.69 13.56
CA THR B 87 15.59 14.22 12.37
C THR B 87 15.21 13.40 11.18
N THR B 88 15.23 12.12 11.36
CA THR B 88 14.84 11.31 10.23
C THR B 88 13.38 11.53 9.89
N SER B 89 12.56 11.79 10.89
CA SER B 89 11.19 12.00 10.65
C SER B 89 10.99 13.25 9.83
N ILE B 90 11.88 14.23 10.01
CA ILE B 90 11.78 15.49 9.25
C ILE B 90 12.28 15.35 7.81
N ASP B 91 13.30 14.50 7.63
CA ASP B 91 13.82 14.29 6.32
C ASP B 91 12.99 13.29 5.53
N ASN B 92 12.31 12.42 6.24
CA ASN B 92 11.51 11.39 5.56
C ASN B 92 10.23 11.12 6.33
N PRO B 93 9.33 12.09 6.30
CA PRO B 93 8.09 11.98 7.05
C PRO B 93 7.22 10.81 6.62
N CYS B 94 7.34 10.43 5.35
CA CYS B 94 6.53 9.32 4.84
C CYS B 94 6.87 8.01 5.55
N MET B 95 8.15 7.71 5.61
CA MET B 95 8.59 6.52 6.25
C MET B 95 8.21 6.54 7.71
N ASP B 96 8.39 7.70 8.34
CA ASP B 96 8.06 7.82 9.74
C ASP B 96 6.61 7.50 9.97
N PHE B 97 5.77 8.04 9.10
CA PHE B 97 4.36 7.78 9.24
C PHE B 97 4.03 6.29 9.04
N GLU B 98 4.59 5.70 7.98
CA GLU B 98 4.31 4.30 7.66
C GLU B 98 4.71 3.35 8.76
N ILE B 99 5.86 3.62 9.36
CA ILE B 99 6.34 2.76 10.41
C ILE B 99 5.56 2.94 11.68
N ASN B 100 5.56 4.16 12.20
CA ASN B 100 4.88 4.39 13.44
C ASN B 100 3.39 4.32 13.43
N VAL B 101 2.71 4.94 12.45
CA VAL B 101 1.25 4.87 12.41
C VAL B 101 0.76 3.64 11.69
N GLY B 102 1.25 3.44 10.50
CA GLY B 102 0.82 2.26 9.76
C GLY B 102 1.15 0.96 10.47
N GLY B 103 2.38 0.81 10.98
CA GLY B 103 2.76 -0.42 11.66
C GLY B 103 1.93 -0.70 12.89
N THR B 104 1.69 0.35 13.69
CA THR B 104 0.89 0.15 14.88
C THR B 104 -0.53 -0.26 14.52
N LEU B 105 -1.10 0.38 13.47
CA LEU B 105 -2.45 0.02 13.05
C LEU B 105 -2.52 -1.44 12.54
N ASN B 106 -1.43 -1.85 11.84
CA ASN B 106 -1.33 -3.22 11.28
C ASN B 106 -1.48 -4.20 12.45
N LEU B 107 -0.71 -3.92 13.51
CA LEU B 107 -0.77 -4.75 14.70
C LEU B 107 -2.13 -4.70 15.38
N LEU B 108 -2.67 -3.50 15.58
CA LEU B 108 -3.96 -3.33 16.24
C LEU B 108 -5.08 -4.07 15.53
N GLU B 109 -5.08 -3.95 14.22
CA GLU B 109 -6.09 -4.64 13.44
C GLU B 109 -5.92 -6.15 13.48
N ALA B 110 -4.66 -6.63 13.41
CA ALA B 110 -4.44 -8.08 13.48
C ALA B 110 -4.92 -8.61 14.81
N VAL B 111 -4.56 -7.89 15.90
CA VAL B 111 -4.98 -8.32 17.22
C VAL B 111 -6.50 -8.27 17.36
N ARG B 112 -7.09 -7.16 16.94
CA ARG B 112 -8.54 -7.03 17.06
C ARG B 112 -9.30 -8.15 16.37
N GLN B 113 -8.90 -8.49 15.13
CA GLN B 113 -9.58 -9.53 14.35
C GLN B 113 -9.31 -11.01 14.66
N TYR B 114 -8.06 -11.30 15.05
CA TYR B 114 -7.61 -12.65 15.28
C TYR B 114 -7.09 -13.05 16.66
N ASN B 115 -6.81 -12.10 17.57
CA ASN B 115 -6.26 -12.51 18.85
C ASN B 115 -6.55 -11.43 19.83
N SER B 116 -7.81 -11.13 19.94
CA SER B 116 -8.26 -10.04 20.77
C SER B 116 -7.89 -10.03 22.21
N ASN B 117 -7.43 -11.16 22.71
CA ASN B 117 -7.05 -11.15 24.13
C ASN B 117 -5.63 -10.68 24.40
N CYS B 118 -4.83 -10.61 23.35
CA CYS B 118 -3.43 -10.22 23.48
C CYS B 118 -3.22 -8.91 24.24
N ASN B 119 -2.34 -8.91 25.23
CA ASN B 119 -2.07 -7.67 25.99
C ASN B 119 -1.01 -6.92 25.24
N ILE B 120 -1.19 -5.61 25.06
CA ILE B 120 -0.16 -4.85 24.33
C ILE B 120 0.32 -3.62 25.08
N ILE B 121 1.64 -3.46 25.11
CA ILE B 121 2.27 -2.30 25.69
C ILE B 121 2.97 -1.51 24.59
N TYR B 122 2.58 -0.25 24.41
CA TYR B 122 3.18 0.54 23.35
C TYR B 122 4.10 1.60 23.90
N SER B 123 5.25 1.73 23.26
CA SER B 123 6.22 2.73 23.66
C SER B 123 6.04 4.04 22.89
N SER B 124 5.30 4.98 23.50
CA SER B 124 5.04 6.27 22.95
C SER B 124 6.16 7.22 23.38
N THR B 125 5.95 8.53 23.26
CA THR B 125 7.00 9.52 23.54
C THR B 125 6.51 10.82 24.20
N ASN B 126 7.45 11.51 24.85
CA ASN B 126 7.16 12.77 25.53
C ASN B 126 6.85 13.82 24.50
N LYS B 127 7.18 13.54 23.22
CA LYS B 127 6.94 14.49 22.15
C LYS B 127 5.46 14.75 21.83
N VAL B 128 4.59 13.93 22.40
CA VAL B 128 3.19 14.18 22.12
C VAL B 128 2.72 15.44 22.82
N TYR B 129 3.52 15.95 23.75
CA TYR B 129 3.19 17.15 24.53
C TYR B 129 3.73 18.46 23.96
N GLY B 130 4.32 18.41 22.76
CA GLY B 130 4.81 19.63 22.13
C GLY B 130 6.02 20.29 22.76
N ASP B 131 6.09 21.60 22.54
CA ASP B 131 7.21 22.38 23.06
C ASP B 131 7.12 22.76 24.56
N LEU B 132 5.93 22.64 25.13
CA LEU B 132 5.73 22.95 26.53
C LEU B 132 5.97 24.42 26.84
N GLU B 133 5.99 25.23 25.81
CA GLU B 133 6.19 26.65 26.02
C GLU B 133 5.07 27.38 26.79
N GLN B 134 3.97 26.69 27.09
CA GLN B 134 2.92 27.32 27.85
C GLN B 134 3.29 27.47 29.34
N TYR B 135 4.38 26.86 29.78
CA TYR B 135 4.76 26.97 31.17
C TYR B 135 5.80 28.02 31.29
N LYS B 136 6.20 28.26 32.52
CA LYS B 136 7.22 29.23 32.76
C LYS B 136 8.51 28.56 33.14
N TYR B 137 9.61 29.12 32.66
CA TYR B 137 10.92 28.59 32.90
C TYR B 137 11.92 29.60 33.38
N ASN B 138 12.96 29.10 34.06
CA ASN B 138 14.07 29.92 34.53
C ASN B 138 15.30 29.21 34.01
N GLU B 139 16.41 29.93 33.93
CA GLU B 139 17.66 29.40 33.47
C GLU B 139 18.72 29.57 34.54
N THR B 140 19.52 28.55 34.80
CA THR B 140 20.57 28.64 35.80
C THR B 140 21.86 28.48 35.02
N GLU B 141 23.01 28.36 35.69
CA GLU B 141 24.26 28.19 34.97
C GLU B 141 24.40 26.86 34.26
N THR B 142 23.63 25.86 34.69
CA THR B 142 23.75 24.57 34.00
C THR B 142 22.46 24.08 33.38
N ARG B 143 21.32 24.68 33.68
CA ARG B 143 20.15 24.12 33.06
C ARG B 143 18.96 25.04 33.09
N TYR B 144 17.96 24.59 32.38
CA TYR B 144 16.70 25.29 32.40
C TYR B 144 15.84 24.58 33.45
N THR B 145 14.89 25.30 34.00
CA THR B 145 14.03 24.69 34.98
C THR B 145 12.60 25.19 34.75
N CYS B 146 11.64 24.28 34.94
CA CYS B 146 10.26 24.64 34.76
C CYS B 146 9.76 24.95 36.12
N VAL B 147 9.59 26.22 36.31
CA VAL B 147 9.14 26.76 37.54
C VAL B 147 7.74 26.37 37.96
N ASP B 148 6.81 26.16 37.01
CA ASP B 148 5.48 25.77 37.45
C ASP B 148 5.24 24.26 37.50
N LYS B 149 6.25 23.51 37.09
CA LYS B 149 6.13 22.07 37.09
C LYS B 149 7.37 21.46 37.72
N PRO B 150 7.59 21.77 38.99
CA PRO B 150 8.73 21.29 39.73
C PRO B 150 8.86 19.78 39.76
N ASN B 151 7.76 19.01 39.65
CA ASN B 151 7.88 17.53 39.69
C ASN B 151 7.75 16.93 38.29
N GLY B 152 7.82 17.78 37.28
CA GLY B 152 7.70 17.27 35.95
C GLY B 152 6.25 17.36 35.44
N TYR B 153 6.02 16.79 34.25
CA TYR B 153 4.72 16.82 33.60
C TYR B 153 3.96 15.51 33.68
N ASP B 154 2.68 15.63 33.96
CA ASP B 154 1.81 14.48 34.07
C ASP B 154 0.94 14.30 32.83
N GLU B 155 0.04 13.34 32.88
CA GLU B 155 -0.80 13.02 31.74
C GLU B 155 -1.86 14.03 31.48
N SER B 156 -1.97 15.03 32.35
CA SER B 156 -2.95 16.09 32.18
C SER B 156 -2.43 17.23 31.28
N THR B 157 -1.15 17.14 30.89
CA THR B 157 -0.57 18.14 30.01
C THR B 157 -1.30 18.04 28.67
N GLN B 158 -1.54 19.20 28.04
CA GLN B 158 -2.23 19.26 26.77
C GLN B 158 -1.46 18.54 25.66
N LEU B 159 -2.18 17.75 24.85
CA LEU B 159 -1.52 17.07 23.73
C LEU B 159 -1.33 18.04 22.58
N ASP B 160 -0.19 18.01 21.91
CA ASP B 160 0.09 18.91 20.81
C ASP B 160 1.28 18.29 20.06
N PHE B 161 1.01 17.49 19.07
CA PHE B 161 2.09 16.80 18.41
C PHE B 161 2.99 17.68 17.59
N HIS B 162 4.27 17.74 17.96
CA HIS B 162 5.24 18.56 17.20
C HIS B 162 6.28 17.61 16.63
N SER B 163 6.58 17.84 15.36
CA SER B 163 7.46 17.04 14.53
C SER B 163 6.66 15.89 13.93
N PRO B 164 7.15 15.40 12.79
CA PRO B 164 6.43 14.29 12.19
C PRO B 164 6.53 13.11 13.13
N TYR B 165 7.67 12.97 13.83
CA TYR B 165 7.85 11.88 14.77
C TYR B 165 6.76 12.01 15.86
N GLY B 166 6.57 13.25 16.34
CA GLY B 166 5.56 13.49 17.38
C GLY B 166 4.18 13.16 16.86
N CYS B 167 3.95 13.53 15.59
CA CYS B 167 2.66 13.24 15.01
C CYS B 167 2.43 11.77 14.74
N SER B 168 3.46 11.03 14.34
CA SER B 168 3.21 9.61 14.05
C SER B 168 3.06 8.81 15.34
N LYS B 169 3.93 9.12 16.29
CA LYS B 169 3.83 8.44 17.60
C LYS B 169 2.54 8.85 18.32
N GLY B 170 2.17 10.15 18.25
CA GLY B 170 0.94 10.57 18.92
C GLY B 170 -0.29 9.90 18.31
N ALA B 171 -0.33 9.77 16.98
CA ALA B 171 -1.49 9.11 16.36
C ALA B 171 -1.59 7.64 16.81
N ALA B 172 -0.46 6.95 16.83
CA ALA B 172 -0.44 5.56 17.26
C ALA B 172 -0.92 5.46 18.72
N ASP B 173 -0.40 6.35 19.55
CA ASP B 173 -0.73 6.41 20.96
C ASP B 173 -2.24 6.53 21.12
N GLN B 174 -2.85 7.46 20.40
CA GLN B 174 -4.28 7.63 20.53
C GLN B 174 -5.07 6.44 20.05
N TYR B 175 -4.61 5.83 18.95
CA TYR B 175 -5.29 4.66 18.43
C TYR B 175 -5.23 3.49 19.44
N MET B 176 -4.08 3.38 20.12
CA MET B 176 -3.87 2.33 21.13
C MET B 176 -4.89 2.49 22.24
N LEU B 177 -5.03 3.71 22.72
CA LEU B 177 -5.98 3.91 23.77
C LEU B 177 -7.42 3.75 23.30
N ASP B 178 -7.71 4.17 22.06
CA ASP B 178 -9.06 4.07 21.54
C ASP B 178 -9.49 2.63 21.28
N TYR B 179 -8.53 1.80 20.90
CA TYR B 179 -8.86 0.39 20.66
C TYR B 179 -9.27 -0.31 21.98
N ALA B 180 -8.74 0.15 23.13
CA ALA B 180 -9.12 -0.44 24.43
C ALA B 180 -10.60 -0.07 24.69
N ARG B 181 -10.93 1.18 24.44
CA ARG B 181 -12.28 1.72 24.65
C ARG B 181 -13.32 1.15 23.75
N ILE B 182 -13.05 1.24 22.47
CA ILE B 182 -13.99 0.79 21.48
C ILE B 182 -14.05 -0.71 21.27
N PHE B 183 -12.91 -1.32 21.13
CA PHE B 183 -12.85 -2.72 20.86
C PHE B 183 -12.50 -3.58 22.08
N GLY B 184 -12.37 -2.97 23.24
CA GLY B 184 -12.04 -3.79 24.41
C GLY B 184 -10.63 -4.43 24.43
N LEU B 185 -9.67 -3.90 23.66
CA LEU B 185 -8.32 -4.50 23.67
C LEU B 185 -7.63 -4.14 24.96
N ASN B 186 -6.66 -4.96 25.36
CA ASN B 186 -5.92 -4.71 26.58
C ASN B 186 -4.63 -4.01 26.26
N THR B 187 -4.74 -2.69 26.01
CA THR B 187 -3.58 -1.86 25.67
C THR B 187 -3.14 -0.95 26.81
N VAL B 188 -1.85 -0.61 26.79
CA VAL B 188 -1.28 0.27 27.78
C VAL B 188 -0.31 1.12 26.99
N VAL B 189 -0.31 2.44 27.20
CA VAL B 189 0.62 3.31 26.49
C VAL B 189 1.62 3.96 27.45
N PHE B 190 2.90 3.92 27.11
CA PHE B 190 3.91 4.57 27.95
C PHE B 190 4.46 5.73 27.16
N ARG B 191 4.32 6.96 27.69
CA ARG B 191 4.85 8.14 27.03
C ARG B 191 6.21 8.30 27.64
N HIS B 192 7.20 7.80 26.95
CA HIS B 192 8.55 7.80 27.47
C HIS B 192 9.44 9.00 27.24
N SER B 193 10.20 9.30 28.30
CA SER B 193 11.22 10.34 28.30
C SER B 193 12.49 9.53 27.98
N SER B 194 13.66 10.16 27.94
CA SER B 194 14.91 9.49 27.57
C SER B 194 15.27 8.22 28.28
N MET B 195 15.68 7.19 27.51
CA MET B 195 16.13 5.91 28.03
C MET B 195 17.53 5.60 27.58
N TYR B 196 18.30 4.89 28.38
CA TYR B 196 19.67 4.60 27.96
C TYR B 196 20.14 3.31 28.69
N GLY B 197 21.23 2.70 28.23
CA GLY B 197 21.67 1.51 28.88
C GLY B 197 22.36 0.56 27.91
N GLY B 198 22.75 -0.63 28.39
CA GLY B 198 23.43 -1.59 27.53
C GLY B 198 22.55 -2.03 26.38
N ARG B 199 23.21 -2.49 25.31
CA ARG B 199 22.53 -2.97 24.11
C ARG B 199 22.02 -1.82 23.27
N GLN B 200 22.34 -0.61 23.66
CA GLN B 200 21.91 0.54 22.87
C GLN B 200 23.12 0.98 22.05
N PHE B 201 22.96 0.99 20.72
CA PHE B 201 24.02 1.41 19.80
C PHE B 201 23.63 2.82 19.31
N ALA B 202 23.98 3.84 20.10
CA ALA B 202 23.64 5.22 19.81
C ALA B 202 24.28 5.78 18.55
N THR B 203 23.57 6.73 17.99
CA THR B 203 24.02 7.45 16.81
C THR B 203 23.82 8.94 17.10
N TYR B 204 24.32 9.77 16.19
CA TYR B 204 24.21 11.21 16.31
C TYR B 204 22.75 11.65 16.54
N ASP B 205 21.85 10.98 15.81
CA ASP B 205 20.39 11.18 15.75
C ASP B 205 19.49 10.48 16.78
N GLN B 206 19.99 9.48 17.54
CA GLN B 206 19.17 8.75 18.54
C GLN B 206 20.00 8.16 19.66
N GLY B 207 19.54 8.45 20.90
CA GLY B 207 20.19 7.99 22.14
C GLY B 207 21.25 8.98 22.48
N TRP B 208 20.77 10.12 22.92
CA TRP B 208 21.65 11.21 23.26
C TRP B 208 22.63 10.87 24.35
N VAL B 209 22.15 10.19 25.40
CA VAL B 209 23.02 9.77 26.51
C VAL B 209 24.17 8.89 25.98
N GLY B 210 23.80 7.83 25.25
CA GLY B 210 24.77 6.93 24.70
C GLY B 210 25.71 7.63 23.73
N TRP B 211 25.16 8.54 22.95
CA TRP B 211 25.97 9.24 21.99
C TRP B 211 27.11 10.01 22.66
N PHE B 212 26.74 10.80 23.68
CA PHE B 212 27.75 11.58 24.38
C PHE B 212 28.70 10.67 25.17
N CYS B 213 28.23 9.51 25.61
CA CYS B 213 29.15 8.62 26.33
C CYS B 213 30.20 8.16 25.32
N GLN B 214 29.73 7.93 24.08
CA GLN B 214 30.62 7.49 23.02
C GLN B 214 31.63 8.57 22.76
N LYS B 215 31.15 9.80 22.79
CA LYS B 215 32.08 10.90 22.59
C LYS B 215 33.18 10.87 23.67
N ALA B 216 32.78 10.60 24.94
CA ALA B 216 33.75 10.57 26.04
C ALA B 216 34.80 9.46 25.88
N VAL B 217 34.33 8.30 25.43
CA VAL B 217 35.23 7.17 25.24
C VAL B 217 36.26 7.55 24.22
N GLU B 218 35.81 8.13 23.11
CA GLU B 218 36.77 8.51 22.10
C GLU B 218 37.84 9.46 22.62
N ILE B 219 37.39 10.52 23.28
CA ILE B 219 38.34 11.47 23.81
C ILE B 219 39.26 10.78 24.76
N LYS B 220 38.66 9.95 25.59
CA LYS B 220 39.42 9.21 26.58
C LYS B 220 40.53 8.46 25.90
N ASN B 221 40.11 7.79 24.85
CA ASN B 221 41.01 6.97 24.09
C ASN B 221 41.92 7.72 23.16
N GLY B 222 41.98 9.02 23.41
CA GLY B 222 42.81 9.96 22.66
C GLY B 222 42.30 10.26 21.26
N ILE B 223 41.09 9.76 21.00
CA ILE B 223 40.42 9.92 19.73
C ILE B 223 39.78 11.28 19.51
N ASN B 224 39.89 11.76 18.27
CA ASN B 224 39.31 13.03 17.89
C ASN B 224 38.35 13.01 16.70
N LYS B 225 37.12 13.25 17.11
CA LYS B 225 35.93 13.36 16.31
C LYS B 225 35.15 14.47 16.99
N PRO B 226 35.76 15.71 17.05
CA PRO B 226 35.12 16.83 17.70
C PRO B 226 33.65 16.80 17.40
N PHE B 227 32.89 17.23 18.41
CA PHE B 227 31.46 17.16 18.24
C PHE B 227 30.74 18.46 18.56
N THR B 228 29.44 18.38 18.37
CA THR B 228 28.57 19.51 18.63
C THR B 228 27.42 19.12 19.47
N ILE B 229 26.76 20.17 19.91
CA ILE B 229 25.56 20.11 20.66
C ILE B 229 24.62 21.11 19.99
N SER B 230 23.33 20.84 20.06
CA SER B 230 22.34 21.73 19.48
C SER B 230 21.76 22.60 20.57
N GLY B 231 22.07 23.89 20.49
CA GLY B 231 21.62 24.87 21.46
C GLY B 231 22.73 25.07 22.47
N ASN B 232 22.35 25.58 23.66
CA ASN B 232 23.31 25.86 24.72
C ASN B 232 23.62 24.70 25.66
N GLY B 233 22.96 23.56 25.53
CA GLY B 233 23.25 22.46 26.41
C GLY B 233 22.49 22.55 27.72
N LYS B 234 21.68 23.58 27.91
CA LYS B 234 20.94 23.68 29.16
C LYS B 234 19.63 22.93 29.17
N GLN B 235 19.20 22.43 27.99
CA GLN B 235 17.95 21.68 27.91
C GLN B 235 18.04 20.43 28.81
N VAL B 236 16.94 20.10 29.48
CA VAL B 236 16.95 18.97 30.40
C VAL B 236 16.01 17.84 30.07
N ARG B 237 16.41 16.64 30.48
CA ARG B 237 15.62 15.43 30.35
C ARG B 237 15.83 14.56 31.58
N ASP B 238 14.79 13.88 32.06
CA ASP B 238 15.04 12.97 33.13
C ASP B 238 15.56 11.72 32.33
N VAL B 239 16.47 10.93 32.85
CA VAL B 239 17.00 9.79 32.11
C VAL B 239 16.69 8.51 32.88
N LEU B 240 16.23 7.47 32.16
CA LEU B 240 15.83 6.23 32.77
C LEU B 240 16.68 5.08 32.28
N HIS B 241 17.28 4.35 33.20
CA HIS B 241 18.13 3.26 32.80
C HIS B 241 17.35 2.02 32.43
N ALA B 242 17.91 1.32 31.46
CA ALA B 242 17.33 0.08 30.97
C ALA B 242 16.87 -0.87 32.09
N GLU B 243 17.62 -0.96 33.19
CA GLU B 243 17.22 -1.87 34.28
C GLU B 243 15.85 -1.56 34.82
N ASP B 244 15.56 -0.24 34.95
CA ASP B 244 14.27 0.19 35.47
C ASP B 244 13.15 -0.02 34.49
N MET B 245 13.56 0.14 33.25
CA MET B 245 12.62 -0.05 32.18
C MET B 245 12.15 -1.53 32.11
N ILE B 246 13.06 -2.48 32.36
CA ILE B 246 12.68 -3.93 32.34
C ILE B 246 11.61 -4.26 33.36
N SER B 247 11.84 -3.76 34.56
CA SER B 247 10.89 -4.00 35.64
C SER B 247 9.53 -3.36 35.33
N LEU B 248 9.59 -2.16 34.76
CA LEU B 248 8.37 -1.45 34.41
C LEU B 248 7.50 -2.30 33.50
N TYR B 249 8.07 -2.69 32.36
CA TYR B 249 7.32 -3.48 31.41
C TYR B 249 6.75 -4.75 31.95
N PHE B 250 7.56 -5.50 32.66
CA PHE B 250 7.06 -6.77 33.20
C PHE B 250 6.08 -6.61 34.35
N THR B 251 6.34 -5.59 35.21
CA THR B 251 5.39 -5.35 36.31
C THR B 251 4.08 -4.87 35.72
N ALA B 252 4.17 -3.98 34.69
CA ALA B 252 2.97 -3.49 34.09
C ALA B 252 2.14 -4.63 33.49
N LEU B 253 2.83 -5.51 32.75
CA LEU B 253 2.19 -6.65 32.11
C LEU B 253 1.46 -7.51 33.14
N ALA B 254 2.11 -7.73 34.30
CA ALA B 254 1.51 -8.50 35.35
C ALA B 254 0.24 -7.85 35.94
N ASN B 255 0.03 -6.54 35.69
CA ASN B 255 -1.12 -5.80 36.19
C ASN B 255 -2.03 -5.25 35.10
N VAL B 256 -1.87 -5.76 33.88
CA VAL B 256 -2.67 -5.27 32.74
C VAL B 256 -4.16 -5.05 32.97
N SER B 257 -4.81 -6.02 33.62
CA SER B 257 -6.24 -5.92 33.87
C SER B 257 -6.58 -4.63 34.60
N LYS B 258 -5.71 -4.23 35.52
CA LYS B 258 -6.01 -3.03 36.24
C LYS B 258 -5.64 -1.74 35.52
N ILE B 259 -4.68 -1.82 34.60
CA ILE B 259 -4.22 -0.60 33.91
C ILE B 259 -4.57 -0.46 32.44
N ARG B 260 -5.21 -1.49 31.87
CA ARG B 260 -5.58 -1.41 30.46
C ARG B 260 -6.34 -0.13 30.09
N GLY B 261 -6.08 0.44 28.89
CA GLY B 261 -6.75 1.63 28.37
C GLY B 261 -6.19 2.97 28.81
N ASN B 262 -5.05 2.94 29.54
CA ASN B 262 -4.40 4.14 30.08
C ASN B 262 -3.03 4.43 29.51
N ALA B 263 -2.73 5.74 29.55
CA ALA B 263 -1.45 6.26 29.17
C ALA B 263 -0.78 6.70 30.48
N PHE B 264 0.54 6.52 30.52
CA PHE B 264 1.33 6.89 31.66
C PHE B 264 2.60 7.57 31.20
N ASN B 265 2.98 8.65 31.86
CA ASN B 265 4.22 9.34 31.54
C ASN B 265 5.31 8.55 32.24
N ILE B 266 6.35 8.23 31.53
CA ILE B 266 7.40 7.45 32.12
C ILE B 266 8.77 8.11 31.97
N GLY B 267 9.56 8.14 33.05
CA GLY B 267 10.89 8.74 32.97
C GLY B 267 11.68 8.48 34.24
N GLY B 268 12.94 8.97 34.31
CA GLY B 268 13.76 8.77 35.48
C GLY B 268 13.34 9.64 36.67
N THR B 269 12.42 10.59 36.41
CA THR B 269 11.89 11.55 37.39
C THR B 269 12.89 12.66 37.64
N ILE B 270 12.39 13.70 38.29
CA ILE B 270 13.18 14.88 38.58
C ILE B 270 14.54 14.61 39.20
N VAL B 271 14.57 13.60 40.12
CA VAL B 271 15.82 13.30 40.80
C VAL B 271 16.92 12.83 39.85
N ASN B 272 16.47 12.33 38.69
CA ASN B 272 17.37 11.84 37.67
C ASN B 272 17.35 12.77 36.45
N SER B 273 17.06 14.05 36.67
CA SER B 273 17.04 14.96 35.55
C SER B 273 18.46 15.42 35.28
N LEU B 274 18.82 15.53 33.99
CA LEU B 274 20.16 15.99 33.58
C LEU B 274 20.10 16.94 32.38
N SER B 275 20.99 17.94 32.36
CA SER B 275 21.09 18.78 31.19
C SER B 275 22.30 18.21 30.44
N LEU B 276 22.53 18.62 29.17
CA LEU B 276 23.70 18.11 28.46
C LEU B 276 24.98 18.56 29.20
N LEU B 277 25.00 19.82 29.63
CA LEU B 277 26.15 20.33 30.35
C LEU B 277 26.45 19.50 31.60
N GLU B 278 25.39 19.15 32.33
CA GLU B 278 25.55 18.32 33.54
C GLU B 278 26.12 16.93 33.17
N LEU B 279 25.61 16.36 32.06
CA LEU B 279 26.07 15.09 31.60
C LEU B 279 27.55 15.23 31.28
N PHE B 280 27.93 16.26 30.57
CA PHE B 280 29.34 16.36 30.27
C PHE B 280 30.21 16.35 31.50
N LYS B 281 29.77 17.10 32.49
CA LYS B 281 30.47 17.19 33.76
C LYS B 281 30.63 15.80 34.41
N LEU B 282 29.56 15.01 34.46
CA LEU B 282 29.66 13.68 35.03
C LEU B 282 30.71 12.84 34.28
N LEU B 283 30.73 12.93 32.95
CA LEU B 283 31.65 12.15 32.18
C LEU B 283 33.09 12.61 32.38
N GLU B 284 33.29 13.91 32.42
CA GLU B 284 34.63 14.45 32.58
C GLU B 284 35.22 13.95 33.87
N ASP B 285 34.39 13.93 34.89
CA ASP B 285 34.82 13.44 36.23
C ASP B 285 35.15 11.96 36.25
N TYR B 286 34.24 11.17 35.72
CA TYR B 286 34.44 9.76 35.71
C TYR B 286 35.65 9.32 34.92
N CYS B 287 35.92 10.03 33.85
CA CYS B 287 37.01 9.69 32.97
C CYS B 287 38.23 10.56 33.09
N ASN B 288 38.13 11.69 33.74
CA ASN B 288 39.30 12.55 33.80
C ASN B 288 39.67 13.10 32.42
N ILE B 289 38.68 13.69 31.75
CA ILE B 289 38.91 14.29 30.43
C ILE B 289 38.25 15.65 30.38
N ASP B 290 38.49 16.39 29.27
CA ASP B 290 37.87 17.71 29.04
C ASP B 290 37.04 17.49 27.79
N MET B 291 35.72 17.71 27.93
CA MET B 291 34.79 17.54 26.85
C MET B 291 34.54 18.81 26.10
N ARG B 292 35.31 19.04 25.06
CA ARG B 292 35.15 20.22 24.25
C ARG B 292 34.11 20.00 23.15
N PHE B 293 33.39 21.07 22.81
CA PHE B 293 32.38 20.98 21.75
C PHE B 293 32.09 22.37 21.14
N THR B 294 31.29 22.38 20.08
CA THR B 294 30.92 23.61 19.46
C THR B 294 29.40 23.61 19.48
N ASN B 295 28.82 24.76 19.62
CA ASN B 295 27.37 24.84 19.65
C ASN B 295 26.77 25.19 18.28
N LEU B 296 25.72 24.47 17.94
CA LEU B 296 24.95 24.64 16.70
C LEU B 296 23.63 25.28 17.09
N PRO B 297 22.85 25.74 16.10
CA PRO B 297 21.57 26.34 16.42
C PRO B 297 20.73 25.33 17.11
N VAL B 298 19.83 25.80 17.95
CA VAL B 298 19.00 24.88 18.66
C VAL B 298 18.12 24.14 17.68
N ARG B 299 17.80 22.90 18.01
CA ARG B 299 16.96 22.08 17.19
C ARG B 299 15.60 22.75 17.11
N GLU B 300 15.06 22.94 15.89
CA GLU B 300 13.76 23.59 15.70
C GLU B 300 12.60 23.17 16.59
N SER B 301 12.47 21.84 16.61
CA SER B 301 11.48 21.16 17.41
C SER B 301 12.20 20.62 18.63
N ASP B 302 11.99 21.25 19.80
CA ASP B 302 12.65 20.82 21.00
C ASP B 302 11.93 21.23 22.26
N GLN B 303 12.20 20.52 23.35
CA GLN B 303 11.62 20.85 24.65
C GLN B 303 12.79 21.37 25.49
N ARG B 304 12.63 22.48 26.19
CA ARG B 304 13.77 22.92 26.99
C ARG B 304 13.89 22.03 28.20
N VAL B 305 12.73 21.49 28.60
CA VAL B 305 12.67 20.59 29.75
C VAL B 305 11.67 19.48 29.56
N PHE B 306 12.10 18.27 29.85
CA PHE B 306 11.14 17.22 29.84
C PHE B 306 11.43 16.29 30.98
N VAL B 307 10.53 16.30 31.96
CA VAL B 307 10.71 15.43 33.09
C VAL B 307 9.37 14.79 33.36
N ALA B 308 9.36 13.46 33.52
CA ALA B 308 8.09 12.81 33.75
C ALA B 308 7.61 12.83 35.20
N ASP B 309 6.37 13.26 35.41
CA ASP B 309 5.84 13.20 36.76
C ASP B 309 5.15 11.82 36.71
N ILE B 310 5.75 10.80 37.40
CA ILE B 310 5.27 9.41 37.40
C ILE B 310 4.28 8.96 38.45
N LYS B 311 3.61 9.89 39.08
CA LYS B 311 2.66 9.55 40.11
C LYS B 311 1.61 8.55 39.65
N LYS B 312 1.07 8.71 38.44
CA LYS B 312 0.05 7.78 37.97
C LYS B 312 0.48 6.31 37.94
N ILE B 313 1.65 6.05 37.35
CA ILE B 313 2.12 4.69 37.26
C ILE B 313 2.53 4.17 38.62
N THR B 314 3.15 4.99 39.46
CA THR B 314 3.55 4.51 40.80
C THR B 314 2.33 4.12 41.63
N ASN B 315 1.30 4.91 41.51
CA ASN B 315 0.07 4.63 42.21
C ASN B 315 -0.56 3.36 41.68
N ALA B 316 -0.47 3.10 40.37
CA ALA B 316 -1.11 1.91 39.80
C ALA B 316 -0.39 0.61 40.00
N ILE B 317 0.92 0.65 39.86
CA ILE B 317 1.71 -0.57 39.98
C ILE B 317 2.87 -0.48 40.98
N ASP B 318 3.10 0.67 41.52
CA ASP B 318 4.17 0.76 42.47
C ASP B 318 5.59 0.54 41.95
N TRP B 319 5.82 1.00 40.76
CA TRP B 319 7.14 0.87 40.20
C TRP B 319 7.80 2.25 40.32
N SER B 320 9.09 2.26 40.55
CA SER B 320 9.79 3.52 40.62
C SER B 320 11.20 3.23 40.19
N PRO B 321 11.87 4.17 39.55
CA PRO B 321 13.24 3.94 39.11
C PRO B 321 14.18 3.78 40.28
N LYS B 322 15.13 2.90 40.15
CA LYS B 322 16.08 2.70 41.23
C LYS B 322 17.50 3.09 40.85
N VAL B 323 17.75 3.21 39.54
CA VAL B 323 19.10 3.58 39.10
C VAL B 323 19.27 5.07 38.96
N SER B 324 20.18 5.66 39.74
CA SER B 324 20.40 7.10 39.64
C SER B 324 21.10 7.46 38.34
N ALA B 325 20.94 8.71 37.99
CA ALA B 325 21.58 9.20 36.79
C ALA B 325 23.10 9.02 36.85
N LYS B 326 23.73 9.40 37.97
CA LYS B 326 25.17 9.25 38.03
C LYS B 326 25.64 7.80 37.90
N ASP B 327 24.94 6.89 38.57
CA ASP B 327 25.29 5.49 38.53
C ASP B 327 25.01 4.86 37.17
N GLY B 328 23.88 5.23 36.59
CA GLY B 328 23.53 4.74 35.27
C GLY B 328 24.52 5.24 34.19
N VAL B 329 24.85 6.50 34.26
CA VAL B 329 25.78 7.03 33.28
C VAL B 329 27.14 6.32 33.37
N GLN B 330 27.63 6.08 34.57
CA GLN B 330 28.93 5.37 34.71
C GLN B 330 28.84 4.00 34.08
N LYS B 331 27.73 3.34 34.38
CA LYS B 331 27.51 2.02 33.80
C LYS B 331 27.52 2.14 32.25
N MET B 332 26.78 3.16 31.74
CA MET B 332 26.69 3.37 30.29
C MET B 332 28.05 3.58 29.70
N TYR B 333 28.88 4.36 30.40
CA TYR B 333 30.24 4.60 29.93
C TYR B 333 31.00 3.27 29.80
N ASP B 334 30.81 2.44 30.80
CA ASP B 334 31.48 1.16 30.80
C ASP B 334 31.01 0.28 29.69
N TRP B 335 29.68 0.24 29.48
CA TRP B 335 29.11 -0.53 28.36
C TRP B 335 29.76 0.00 27.08
N THR B 336 29.70 1.31 26.90
CA THR B 336 30.26 1.92 25.72
C THR B 336 31.72 1.58 25.50
N SER B 337 32.52 1.65 26.54
CA SER B 337 33.94 1.32 26.37
C SER B 337 34.13 -0.14 25.96
N SER B 338 33.30 -1.02 26.52
CA SER B 338 33.33 -2.45 26.24
C SER B 338 33.05 -2.74 24.77
N ILE B 339 32.47 -1.79 24.05
CA ILE B 339 32.16 -1.95 22.63
C ILE B 339 33.24 -1.27 21.75
N ALA C 2 -28.51 -18.45 -6.75
CA ALA C 2 -27.08 -18.23 -6.82
C ALA C 2 -26.77 -16.77 -6.86
N LYS C 3 -25.71 -16.41 -6.16
CA LYS C 3 -25.31 -15.03 -6.10
C LYS C 3 -24.22 -14.75 -7.12
N LEU C 4 -24.43 -13.71 -7.92
CA LEU C 4 -23.45 -13.33 -8.89
C LEU C 4 -22.94 -11.92 -8.63
N LEU C 5 -21.61 -11.83 -8.56
CA LEU C 5 -20.97 -10.57 -8.33
C LEU C 5 -20.32 -10.11 -9.60
N ILE C 6 -20.57 -8.87 -9.99
CA ILE C 6 -19.93 -8.34 -11.18
C ILE C 6 -19.09 -7.12 -10.82
N THR C 7 -17.75 -7.23 -10.89
CA THR C 7 -16.91 -6.10 -10.61
C THR C 7 -16.89 -5.36 -11.94
N GLY C 8 -16.87 -4.04 -11.86
CA GLY C 8 -16.92 -3.21 -13.07
C GLY C 8 -18.32 -3.37 -13.70
N GLY C 9 -19.30 -3.70 -12.85
CA GLY C 9 -20.66 -3.96 -13.28
C GLY C 9 -21.44 -2.82 -13.90
N CYS C 10 -20.94 -1.58 -13.79
CA CYS C 10 -21.63 -0.43 -14.39
C CYS C 10 -20.96 -0.05 -15.72
N GLY C 11 -20.01 -0.88 -16.15
CA GLY C 11 -19.32 -0.61 -17.41
C GLY C 11 -20.06 -1.18 -18.62
N PHE C 12 -19.40 -1.18 -19.77
CA PHE C 12 -20.06 -1.72 -20.97
C PHE C 12 -20.45 -3.21 -20.84
N LEU C 13 -19.41 -4.06 -20.67
CA LEU C 13 -19.63 -5.50 -20.56
C LEU C 13 -20.49 -5.81 -19.36
N GLY C 14 -20.09 -5.23 -18.24
CA GLY C 14 -20.76 -5.43 -16.98
C GLY C 14 -22.24 -5.12 -16.98
N SER C 15 -22.60 -3.96 -17.49
CA SER C 15 -24.00 -3.59 -17.47
C SER C 15 -24.82 -4.51 -18.35
N ASN C 16 -24.24 -4.93 -19.46
CA ASN C 16 -24.98 -5.85 -20.31
C ASN C 16 -25.20 -7.20 -19.60
N LEU C 17 -24.15 -7.66 -18.94
CA LEU C 17 -24.28 -8.92 -18.22
C LEU C 17 -25.24 -8.82 -17.05
N ALA C 18 -25.19 -7.69 -16.35
CA ALA C 18 -26.04 -7.50 -15.20
C ALA C 18 -27.51 -7.50 -15.61
N SER C 19 -27.78 -6.90 -16.74
CA SER C 19 -29.15 -6.86 -17.20
C SER C 19 -29.66 -8.28 -17.49
N PHE C 20 -28.79 -9.15 -17.99
CA PHE C 20 -29.26 -10.48 -18.22
C PHE C 20 -29.47 -11.13 -16.88
N ALA C 21 -28.56 -10.92 -15.95
CA ALA C 21 -28.74 -11.54 -14.68
C ALA C 21 -30.07 -11.15 -14.06
N LEU C 22 -30.41 -9.88 -14.19
CA LEU C 22 -31.63 -9.31 -13.62
C LEU C 22 -32.89 -9.89 -14.26
N SER C 23 -32.79 -10.16 -15.56
CA SER C 23 -33.90 -10.72 -16.33
C SER C 23 -34.06 -12.22 -16.01
N GLN C 24 -33.00 -12.86 -15.53
CA GLN C 24 -33.04 -14.27 -15.18
C GLN C 24 -33.32 -14.46 -13.71
N GLY C 25 -33.49 -13.36 -12.98
CA GLY C 25 -33.74 -13.47 -11.56
C GLY C 25 -32.52 -13.91 -10.76
N ILE C 26 -31.29 -13.73 -11.28
CA ILE C 26 -30.11 -14.13 -10.50
C ILE C 26 -29.83 -13.05 -9.47
N ASP C 27 -29.52 -13.41 -8.22
CA ASP C 27 -29.21 -12.39 -7.21
C ASP C 27 -27.88 -11.79 -7.64
N LEU C 28 -27.91 -10.46 -7.80
CA LEU C 28 -26.79 -9.70 -8.31
C LEU C 28 -26.18 -8.65 -7.39
N ILE C 29 -24.85 -8.62 -7.41
CA ILE C 29 -24.12 -7.66 -6.63
C ILE C 29 -23.22 -6.98 -7.66
N VAL C 30 -23.29 -5.64 -7.69
CA VAL C 30 -22.46 -4.90 -8.62
C VAL C 30 -21.44 -4.13 -7.77
N PHE C 31 -20.17 -4.23 -8.16
CA PHE C 31 -19.10 -3.51 -7.46
C PHE C 31 -18.39 -2.59 -8.49
N ASP C 32 -18.41 -1.27 -8.29
CA ASP C 32 -17.78 -0.36 -9.26
C ASP C 32 -17.48 0.95 -8.56
N ASN C 33 -16.51 1.69 -9.11
CA ASN C 33 -16.15 2.98 -8.55
C ASN C 33 -16.77 4.16 -9.30
N LEU C 34 -17.51 3.84 -10.36
CA LEU C 34 -18.17 4.83 -11.20
C LEU C 34 -17.15 5.75 -11.86
N SER C 35 -15.93 5.25 -12.13
CA SER C 35 -14.91 6.09 -12.76
C SER C 35 -15.08 6.31 -14.25
N ARG C 36 -15.68 5.36 -14.98
CA ARG C 36 -15.88 5.46 -16.45
C ARG C 36 -17.05 6.39 -16.78
N LYS C 37 -16.84 7.36 -17.69
CA LYS C 37 -17.98 8.23 -18.01
C LYS C 37 -19.08 7.36 -18.60
N GLY C 38 -20.32 7.43 -18.06
CA GLY C 38 -21.41 6.59 -18.52
C GLY C 38 -21.78 5.56 -17.47
N ALA C 39 -20.84 5.26 -16.55
CA ALA C 39 -21.13 4.27 -15.51
C ALA C 39 -22.32 4.66 -14.67
N THR C 40 -22.41 5.93 -14.36
CA THR C 40 -23.54 6.38 -13.56
C THR C 40 -24.87 6.18 -14.30
N ASP C 41 -24.88 6.44 -15.60
CA ASP C 41 -26.05 6.25 -16.44
C ASP C 41 -26.43 4.79 -16.48
N ASN C 42 -25.38 3.98 -16.63
CA ASN C 42 -25.57 2.57 -16.66
C ASN C 42 -26.18 2.09 -15.36
N LEU C 43 -25.69 2.60 -14.26
CA LEU C 43 -26.23 2.18 -12.99
C LEU C 43 -27.72 2.54 -12.88
N HIS C 44 -28.07 3.73 -13.36
CA HIS C 44 -29.45 4.22 -13.35
C HIS C 44 -30.32 3.36 -14.22
N TRP C 45 -29.77 2.96 -15.35
CA TRP C 45 -30.51 2.10 -16.24
C TRP C 45 -30.76 0.71 -15.62
N LEU C 46 -29.72 0.17 -15.02
CA LEU C 46 -29.89 -1.13 -14.39
C LEU C 46 -30.95 -1.06 -13.29
N SER C 47 -30.91 0.00 -12.49
CA SER C 47 -31.87 0.12 -11.42
C SER C 47 -33.29 0.13 -11.91
N SER C 48 -33.47 0.53 -13.16
CA SER C 48 -34.79 0.57 -13.74
C SER C 48 -35.22 -0.82 -14.16
N LEU C 49 -34.26 -1.76 -14.22
CA LEU C 49 -34.51 -3.14 -14.64
C LEU C 49 -34.82 -4.08 -13.48
N GLY C 50 -34.33 -3.76 -12.31
CA GLY C 50 -34.57 -4.64 -11.21
C GLY C 50 -33.83 -4.18 -10.01
N ASN C 51 -33.93 -4.98 -8.96
CA ASN C 51 -33.26 -4.68 -7.70
C ASN C 51 -31.97 -5.51 -7.53
N PHE C 52 -30.96 -4.88 -6.98
CA PHE C 52 -29.71 -5.56 -6.78
C PHE C 52 -28.92 -4.80 -5.76
N GLU C 53 -27.77 -5.34 -5.35
CA GLU C 53 -26.94 -4.66 -4.38
C GLU C 53 -25.86 -3.91 -5.13
N PHE C 54 -25.78 -2.60 -4.92
CA PHE C 54 -24.73 -1.84 -5.57
C PHE C 54 -23.70 -1.54 -4.50
N VAL C 55 -22.45 -1.83 -4.72
CA VAL C 55 -21.47 -1.54 -3.70
C VAL C 55 -20.39 -0.70 -4.34
N HIS C 56 -20.26 0.55 -3.95
CA HIS C 56 -19.24 1.39 -4.54
C HIS C 56 -17.93 0.96 -3.95
N GLY C 57 -16.88 0.84 -4.74
CA GLY C 57 -15.63 0.45 -4.14
C GLY C 57 -14.50 0.56 -5.13
N ASP C 58 -13.27 0.52 -4.63
CA ASP C 58 -12.08 0.62 -5.51
C ASP C 58 -11.36 -0.74 -5.50
N ILE C 59 -11.35 -1.38 -6.68
CA ILE C 59 -10.72 -2.69 -6.86
C ILE C 59 -9.26 -2.70 -6.38
N ARG C 60 -8.61 -1.52 -6.44
CA ARG C 60 -7.22 -1.43 -6.02
C ARG C 60 -7.08 -1.59 -4.51
N ASN C 61 -8.14 -1.31 -3.80
CA ASN C 61 -8.12 -1.39 -2.33
C ASN C 61 -8.40 -2.77 -1.77
N LYS C 62 -7.37 -3.36 -1.16
CA LYS C 62 -7.50 -4.70 -0.64
C LYS C 62 -8.64 -4.86 0.38
N ASN C 63 -8.78 -3.86 1.26
CA ASN C 63 -9.83 -3.92 2.28
C ASN C 63 -11.25 -3.93 1.64
N ASP C 64 -11.45 -3.04 0.69
CA ASP C 64 -12.73 -2.94 0.00
C ASP C 64 -13.06 -4.27 -0.63
N VAL C 65 -12.09 -4.87 -1.31
CA VAL C 65 -12.30 -6.11 -2.00
C VAL C 65 -12.54 -7.31 -1.07
N THR C 66 -11.72 -7.42 -0.04
CA THR C 66 -11.85 -8.50 0.91
C THR C 66 -13.21 -8.41 1.62
N ARG C 67 -13.62 -7.21 2.04
CA ARG C 67 -14.91 -7.06 2.71
C ARG C 67 -16.07 -7.40 1.80
N LEU C 68 -15.93 -7.07 0.53
CA LEU C 68 -16.96 -7.37 -0.45
C LEU C 68 -17.19 -8.87 -0.53
N ILE C 69 -16.07 -9.62 -0.66
CA ILE C 69 -16.16 -11.07 -0.74
C ILE C 69 -16.72 -11.72 0.49
N THR C 70 -16.20 -11.29 1.64
CA THR C 70 -16.65 -11.88 2.88
C THR C 70 -18.08 -11.54 3.21
N LYS C 71 -18.46 -10.32 2.88
CA LYS C 71 -19.80 -9.93 3.17
C LYS C 71 -20.84 -10.57 2.28
N TYR C 72 -20.56 -10.67 1.00
CA TYR C 72 -21.56 -11.22 0.10
C TYR C 72 -21.39 -12.63 -0.30
N MET C 73 -20.19 -13.17 -0.10
CA MET C 73 -19.94 -14.57 -0.46
C MET C 73 -20.62 -15.04 -1.75
N PRO C 74 -20.37 -14.35 -2.86
CA PRO C 74 -20.97 -14.75 -4.14
C PRO C 74 -20.61 -16.17 -4.58
N ASP C 75 -21.48 -16.76 -5.38
CA ASP C 75 -21.24 -18.09 -5.89
C ASP C 75 -20.42 -18.02 -7.15
N SER C 76 -20.60 -16.89 -7.84
CA SER C 76 -19.91 -16.66 -9.06
C SER C 76 -19.54 -15.22 -9.21
N CYS C 77 -18.53 -14.97 -10.03
CA CYS C 77 -18.11 -13.60 -10.21
C CYS C 77 -17.58 -13.37 -11.64
N PHE C 78 -17.93 -12.21 -12.18
CA PHE C 78 -17.42 -11.77 -13.51
C PHE C 78 -16.50 -10.62 -13.10
N HIS C 79 -15.19 -10.78 -13.28
CA HIS C 79 -14.23 -9.76 -12.88
C HIS C 79 -13.85 -8.90 -14.07
N LEU C 80 -14.62 -7.81 -14.18
CA LEU C 80 -14.49 -6.86 -15.25
C LEU C 80 -13.95 -5.50 -14.88
N ALA C 81 -13.78 -5.24 -13.59
CA ALA C 81 -13.22 -3.95 -13.24
C ALA C 81 -11.80 -3.89 -13.79
N GLY C 82 -11.49 -2.87 -14.57
CA GLY C 82 -10.13 -2.83 -15.11
C GLY C 82 -9.77 -1.46 -15.67
N GLN C 83 -8.49 -1.30 -15.98
CA GLN C 83 -7.99 -0.08 -16.61
C GLN C 83 -7.98 -0.60 -18.06
N VAL C 84 -8.87 -0.05 -18.89
CA VAL C 84 -9.04 -0.56 -20.23
C VAL C 84 -8.32 0.06 -21.39
N ALA C 85 -7.66 1.18 -21.24
CA ALA C 85 -7.06 1.74 -22.43
C ALA C 85 -5.58 1.63 -22.51
N MET C 86 -5.12 1.29 -23.71
CA MET C 86 -3.69 1.16 -23.87
C MET C 86 -3.01 2.50 -23.70
N THR C 87 -3.59 3.53 -24.28
CA THR C 87 -3.05 4.89 -24.19
C THR C 87 -2.84 5.38 -22.74
N THR C 88 -3.87 5.26 -21.91
CA THR C 88 -3.77 5.65 -20.53
C THR C 88 -2.72 4.82 -19.78
N SER C 89 -2.56 3.53 -20.12
CA SER C 89 -1.59 2.71 -19.43
C SER C 89 -0.19 3.22 -19.68
N ILE C 90 0.02 3.82 -20.85
CA ILE C 90 1.30 4.39 -21.23
C ILE C 90 1.50 5.70 -20.46
N ASP C 91 0.44 6.47 -20.27
CA ASP C 91 0.64 7.70 -19.54
C ASP C 91 0.62 7.51 -18.01
N ASN C 92 -0.01 6.43 -17.55
CA ASN C 92 -0.13 6.17 -16.12
C ASN C 92 0.00 4.69 -15.82
N PRO C 93 1.21 4.15 -16.05
CA PRO C 93 1.46 2.72 -15.84
C PRO C 93 1.20 2.24 -14.42
N CYS C 94 1.41 3.14 -13.48
CA CYS C 94 1.21 2.79 -12.10
C CYS C 94 -0.26 2.50 -11.85
N MET C 95 -1.12 3.38 -12.29
CA MET C 95 -2.52 3.12 -12.07
C MET C 95 -2.94 1.86 -12.77
N ASP C 96 -2.42 1.69 -14.00
CA ASP C 96 -2.79 0.49 -14.76
C ASP C 96 -2.41 -0.81 -14.06
N PHE C 97 -1.21 -0.80 -13.47
CA PHE C 97 -0.75 -1.95 -12.72
C PHE C 97 -1.62 -2.18 -11.48
N GLU C 98 -1.84 -1.09 -10.73
CA GLU C 98 -2.62 -1.25 -9.50
C GLU C 98 -4.01 -1.80 -9.74
N ILE C 99 -4.63 -1.34 -10.81
CA ILE C 99 -6.00 -1.79 -11.08
C ILE C 99 -6.07 -3.18 -11.64
N ASN C 100 -5.34 -3.40 -12.73
CA ASN C 100 -5.40 -4.71 -13.36
C ASN C 100 -4.68 -5.81 -12.61
N VAL C 101 -3.45 -5.57 -12.14
CA VAL C 101 -2.74 -6.60 -11.43
C VAL C 101 -3.18 -6.62 -9.96
N GLY C 102 -3.02 -5.44 -9.34
CA GLY C 102 -3.39 -5.35 -7.96
C GLY C 102 -4.84 -5.76 -7.68
N GLY C 103 -5.77 -5.23 -8.43
CA GLY C 103 -7.19 -5.52 -8.20
C GLY C 103 -7.51 -7.00 -8.35
N THR C 104 -6.93 -7.61 -9.39
CA THR C 104 -7.15 -9.03 -9.64
C THR C 104 -6.61 -9.89 -8.52
N LEU C 105 -5.42 -9.54 -8.03
CA LEU C 105 -4.83 -10.31 -6.94
C LEU C 105 -5.64 -10.10 -5.64
N ASN C 106 -6.16 -8.87 -5.42
CA ASN C 106 -6.98 -8.63 -4.23
C ASN C 106 -8.18 -9.56 -4.29
N LEU C 107 -8.76 -9.72 -5.48
CA LEU C 107 -9.90 -10.60 -5.63
C LEU C 107 -9.51 -12.05 -5.45
N LEU C 108 -8.42 -12.47 -6.11
CA LEU C 108 -7.97 -13.87 -6.02
C LEU C 108 -7.65 -14.30 -4.60
N GLU C 109 -6.96 -13.43 -3.84
CA GLU C 109 -6.61 -13.74 -2.46
C GLU C 109 -7.82 -13.83 -1.57
N ALA C 110 -8.77 -12.93 -1.79
CA ALA C 110 -9.99 -12.98 -0.95
C ALA C 110 -10.76 -14.26 -1.21
N VAL C 111 -10.83 -14.62 -2.49
CA VAL C 111 -11.54 -15.82 -2.91
C VAL C 111 -10.86 -17.05 -2.33
N ARG C 112 -9.55 -17.10 -2.54
CA ARG C 112 -8.79 -18.25 -2.04
C ARG C 112 -8.95 -18.43 -0.55
N GLN C 113 -8.81 -17.36 0.20
CA GLN C 113 -8.90 -17.50 1.65
C GLN C 113 -10.29 -17.58 2.25
N TYR C 114 -11.28 -16.86 1.71
CA TYR C 114 -12.62 -16.83 2.29
C TYR C 114 -13.77 -17.39 1.51
N ASN C 115 -13.57 -17.72 0.23
CA ASN C 115 -14.70 -18.20 -0.56
C ASN C 115 -14.22 -18.97 -1.78
N SER C 116 -13.38 -19.97 -1.55
CA SER C 116 -12.74 -20.77 -2.60
C SER C 116 -13.54 -21.48 -3.63
N ASN C 117 -14.82 -21.63 -3.41
CA ASN C 117 -15.59 -22.30 -4.42
C ASN C 117 -16.12 -21.34 -5.46
N CYS C 118 -16.00 -20.04 -5.24
CA CYS C 118 -16.53 -19.06 -6.20
C CYS C 118 -16.02 -19.26 -7.60
N ASN C 119 -16.91 -19.29 -8.60
CA ASN C 119 -16.53 -19.42 -10.01
C ASN C 119 -16.17 -18.06 -10.56
N ILE C 120 -14.94 -17.87 -11.10
CA ILE C 120 -14.59 -16.55 -11.60
C ILE C 120 -14.25 -16.51 -13.06
N ILE C 121 -14.86 -15.58 -13.82
CA ILE C 121 -14.52 -15.43 -15.24
C ILE C 121 -13.78 -14.11 -15.36
N TYR C 122 -12.60 -14.13 -15.94
CA TYR C 122 -11.81 -12.94 -16.11
C TYR C 122 -11.68 -12.51 -17.57
N SER C 123 -11.94 -11.22 -17.81
CA SER C 123 -11.84 -10.66 -19.15
C SER C 123 -10.44 -10.16 -19.44
N SER C 124 -9.70 -10.98 -20.13
CA SER C 124 -8.33 -10.68 -20.52
C SER C 124 -8.37 -10.03 -21.91
N THR C 125 -7.22 -9.98 -22.59
CA THR C 125 -7.11 -9.33 -23.89
C THR C 125 -6.19 -9.97 -24.90
N ASN C 126 -6.47 -9.67 -26.17
CA ASN C 126 -5.64 -10.20 -27.23
C ASN C 126 -4.23 -9.58 -27.17
N LYS C 127 -4.06 -8.51 -26.38
CA LYS C 127 -2.73 -7.84 -26.25
C LYS C 127 -1.69 -8.68 -25.49
N VAL C 128 -2.10 -9.83 -24.88
CA VAL C 128 -1.12 -10.64 -24.18
C VAL C 128 -0.25 -11.32 -25.24
N TYR C 129 -0.71 -11.26 -26.51
CA TYR C 129 0.01 -11.90 -27.63
C TYR C 129 1.06 -11.03 -28.29
N GLY C 130 1.17 -9.78 -27.86
CA GLY C 130 2.20 -8.91 -28.44
C GLY C 130 1.90 -8.32 -29.82
N ASP C 131 2.96 -8.03 -30.62
CA ASP C 131 2.77 -7.42 -31.94
C ASP C 131 2.44 -8.36 -33.06
N LEU C 132 2.66 -9.63 -32.78
CA LEU C 132 2.41 -10.71 -33.69
C LEU C 132 3.25 -10.59 -34.98
N GLU C 133 4.38 -9.95 -34.86
CA GLU C 133 5.22 -9.78 -36.02
C GLU C 133 6.05 -11.02 -36.39
N GLN C 134 5.88 -12.11 -35.67
CA GLN C 134 6.60 -13.32 -36.01
C GLN C 134 5.94 -13.97 -37.23
N TYR C 135 4.75 -13.52 -37.63
CA TYR C 135 4.04 -14.11 -38.79
C TYR C 135 4.11 -13.22 -40.02
N LYS C 136 3.65 -13.74 -41.14
CA LYS C 136 3.68 -12.93 -42.35
C LYS C 136 2.31 -12.44 -42.75
N TYR C 137 2.34 -11.24 -43.31
CA TYR C 137 1.16 -10.55 -43.73
C TYR C 137 1.20 -10.07 -45.16
N ASN C 138 0.01 -9.83 -45.63
CA ASN C 138 -0.22 -9.34 -46.94
C ASN C 138 -1.13 -8.17 -46.75
N GLU C 139 -1.01 -7.23 -47.67
CA GLU C 139 -1.79 -6.03 -47.66
C GLU C 139 -2.61 -5.93 -48.93
N THR C 140 -3.91 -5.73 -48.76
CA THR C 140 -4.79 -5.58 -49.89
C THR C 140 -5.17 -4.14 -49.90
N GLU C 141 -6.20 -3.87 -50.68
CA GLU C 141 -6.70 -2.53 -50.78
C GLU C 141 -7.30 -2.03 -49.45
N THR C 142 -8.04 -2.91 -48.76
CA THR C 142 -8.68 -2.50 -47.50
C THR C 142 -8.10 -3.07 -46.20
N ARG C 143 -7.19 -4.03 -46.31
CA ARG C 143 -6.72 -4.54 -45.05
C ARG C 143 -5.49 -5.37 -45.17
N TYR C 144 -5.03 -5.80 -44.00
CA TYR C 144 -3.89 -6.67 -43.91
C TYR C 144 -4.42 -8.04 -43.67
N THR C 145 -3.63 -9.00 -44.03
CA THR C 145 -4.02 -10.35 -43.86
C THR C 145 -2.86 -11.21 -43.38
N CYS C 146 -3.09 -12.09 -42.40
CA CYS C 146 -2.04 -12.95 -41.91
C CYS C 146 -2.01 -14.19 -42.74
N VAL C 147 -0.95 -14.33 -43.49
CA VAL C 147 -0.82 -15.48 -44.33
C VAL C 147 -0.73 -16.80 -43.57
N ASP C 148 -0.06 -16.76 -42.45
CA ASP C 148 0.11 -17.95 -41.65
C ASP C 148 -1.12 -18.42 -40.90
N LYS C 149 -1.92 -17.45 -40.46
CA LYS C 149 -3.10 -17.69 -39.66
C LYS C 149 -4.40 -17.19 -40.26
N PRO C 150 -4.72 -17.85 -41.34
CA PRO C 150 -5.93 -17.58 -42.09
C PRO C 150 -7.21 -17.45 -41.24
N ASN C 151 -7.36 -18.32 -40.23
CA ASN C 151 -8.57 -18.32 -39.37
C ASN C 151 -8.46 -17.69 -38.01
N GLY C 152 -7.37 -17.00 -37.79
CA GLY C 152 -7.22 -16.38 -36.50
C GLY C 152 -6.15 -17.06 -35.69
N TYR C 153 -5.93 -16.50 -34.51
CA TYR C 153 -4.93 -17.02 -33.64
C TYR C 153 -5.57 -17.77 -32.51
N ASP C 154 -4.93 -18.89 -32.16
CA ASP C 154 -5.42 -19.69 -31.08
C ASP C 154 -4.57 -19.48 -29.81
N GLU C 155 -4.91 -20.20 -28.78
CA GLU C 155 -4.23 -20.08 -27.51
C GLU C 155 -2.80 -20.55 -27.51
N SER C 156 -2.35 -21.25 -28.55
CA SER C 156 -0.97 -21.71 -28.59
C SER C 156 -0.04 -20.58 -29.09
N THR C 157 -0.62 -19.45 -29.43
CA THR C 157 0.18 -18.31 -29.88
C THR C 157 1.14 -17.86 -28.72
N GLN C 158 2.42 -17.52 -28.99
CA GLN C 158 3.35 -17.14 -27.96
C GLN C 158 2.87 -15.95 -27.17
N LEU C 159 3.03 -16.03 -25.84
CA LEU C 159 2.67 -14.94 -24.95
C LEU C 159 3.86 -13.96 -25.01
N ASP C 160 3.57 -12.68 -25.03
CA ASP C 160 4.59 -11.65 -25.12
C ASP C 160 3.82 -10.39 -24.82
N PHE C 161 3.84 -9.96 -23.57
CA PHE C 161 3.06 -8.82 -23.21
C PHE C 161 3.65 -7.50 -23.65
N HIS C 162 2.89 -6.75 -24.45
CA HIS C 162 3.33 -5.43 -24.94
C HIS C 162 2.40 -4.32 -24.47
N SER C 163 3.04 -3.25 -24.02
CA SER C 163 2.44 -2.05 -23.46
C SER C 163 2.14 -2.38 -22.01
N PRO C 164 2.09 -1.38 -21.14
CA PRO C 164 1.80 -1.64 -19.75
C PRO C 164 0.45 -2.29 -19.61
N TYR C 165 -0.50 -1.94 -20.45
CA TYR C 165 -1.82 -2.58 -20.39
C TYR C 165 -1.65 -4.07 -20.69
N GLY C 166 -0.82 -4.41 -21.68
CA GLY C 166 -0.60 -5.80 -22.03
C GLY C 166 0.05 -6.54 -20.88
N CYS C 167 1.02 -5.92 -20.22
CA CYS C 167 1.67 -6.55 -19.09
C CYS C 167 0.80 -6.70 -17.86
N SER C 168 -0.06 -5.71 -17.56
CA SER C 168 -0.89 -5.80 -16.37
C SER C 168 -2.00 -6.82 -16.59
N LYS C 169 -2.63 -6.81 -17.78
CA LYS C 169 -3.68 -7.81 -18.06
C LYS C 169 -3.04 -9.22 -18.17
N GLY C 170 -1.86 -9.29 -18.77
CA GLY C 170 -1.19 -10.55 -18.92
C GLY C 170 -0.86 -11.15 -17.57
N ALA C 171 -0.36 -10.32 -16.65
CA ALA C 171 0.01 -10.83 -15.33
C ALA C 171 -1.24 -11.36 -14.63
N ALA C 172 -2.30 -10.57 -14.70
CA ALA C 172 -3.55 -10.99 -14.08
C ALA C 172 -4.05 -12.31 -14.66
N ASP C 173 -3.92 -12.44 -15.96
CA ASP C 173 -4.32 -13.64 -16.75
C ASP C 173 -3.59 -14.89 -16.24
N GLN C 174 -2.26 -14.84 -16.21
CA GLN C 174 -1.50 -15.95 -15.72
C GLN C 174 -1.79 -16.28 -14.23
N TYR C 175 -1.98 -15.24 -13.39
CA TYR C 175 -2.32 -15.51 -11.98
C TYR C 175 -3.67 -16.19 -11.92
N MET C 176 -4.59 -15.79 -12.78
CA MET C 176 -5.88 -16.47 -12.72
C MET C 176 -5.76 -17.95 -13.01
N LEU C 177 -4.97 -18.24 -14.04
CA LEU C 177 -4.80 -19.62 -14.43
C LEU C 177 -4.04 -20.43 -13.41
N ASP C 178 -3.05 -19.81 -12.81
CA ASP C 178 -2.25 -20.50 -11.79
C ASP C 178 -3.01 -20.76 -10.46
N TYR C 179 -3.88 -19.84 -10.06
CA TYR C 179 -4.67 -20.02 -8.84
C TYR C 179 -5.59 -21.25 -9.02
N ALA C 180 -5.99 -21.53 -10.27
CA ALA C 180 -6.82 -22.72 -10.51
C ALA C 180 -5.96 -24.00 -10.27
N ARG C 181 -4.72 -24.02 -10.81
CA ARG C 181 -3.80 -25.16 -10.68
C ARG C 181 -3.30 -25.42 -9.27
N ILE C 182 -2.81 -24.36 -8.67
CA ILE C 182 -2.22 -24.46 -7.36
C ILE C 182 -3.21 -24.50 -6.22
N PHE C 183 -4.21 -23.66 -6.32
CA PHE C 183 -5.13 -23.59 -5.24
C PHE C 183 -6.47 -24.16 -5.50
N GLY C 184 -6.66 -24.71 -6.67
CA GLY C 184 -7.93 -25.31 -6.99
C GLY C 184 -9.07 -24.35 -7.27
N LEU C 185 -8.79 -23.08 -7.56
CA LEU C 185 -9.87 -22.13 -7.81
C LEU C 185 -10.56 -22.43 -9.13
N ASN C 186 -11.85 -22.09 -9.20
CA ASN C 186 -12.62 -22.30 -10.43
C ASN C 186 -12.53 -21.07 -11.30
N THR C 187 -11.40 -20.84 -11.94
CA THR C 187 -11.26 -19.65 -12.79
C THR C 187 -11.33 -19.98 -14.28
N VAL C 188 -11.71 -18.99 -15.06
CA VAL C 188 -11.80 -19.07 -16.51
C VAL C 188 -11.30 -17.75 -17.06
N VAL C 189 -10.45 -17.81 -18.08
CA VAL C 189 -9.93 -16.58 -18.67
C VAL C 189 -10.35 -16.43 -20.14
N PHE C 190 -10.86 -15.27 -20.51
CA PHE C 190 -11.21 -14.98 -21.88
C PHE C 190 -10.23 -13.95 -22.41
N ARG C 191 -9.49 -14.32 -23.44
CA ARG C 191 -8.58 -13.38 -24.07
C ARG C 191 -9.41 -12.74 -25.18
N HIS C 192 -10.00 -11.62 -24.84
CA HIS C 192 -10.87 -10.95 -25.76
C HIS C 192 -10.26 -10.02 -26.79
N SER C 193 -10.87 -10.14 -27.98
CA SER C 193 -10.64 -9.31 -29.16
C SER C 193 -11.76 -8.20 -29.06
N SER C 194 -11.87 -7.23 -29.96
CA SER C 194 -12.87 -6.14 -29.82
C SER C 194 -14.33 -6.47 -29.57
N MET C 195 -14.96 -5.68 -28.70
CA MET C 195 -16.39 -5.84 -28.41
C MET C 195 -17.11 -4.53 -28.59
N TYR C 196 -18.40 -4.61 -28.89
CA TYR C 196 -19.16 -3.39 -29.08
C TYR C 196 -20.63 -3.70 -28.87
N GLY C 197 -21.43 -2.68 -28.58
CA GLY C 197 -22.87 -2.86 -28.35
C GLY C 197 -23.44 -1.71 -27.49
N GLY C 198 -24.74 -1.82 -27.15
CA GLY C 198 -25.36 -0.80 -26.32
C GLY C 198 -24.71 -0.73 -24.93
N ARG C 199 -24.84 0.41 -24.29
CA ARG C 199 -24.31 0.63 -22.98
C ARG C 199 -22.83 0.90 -23.03
N GLN C 200 -22.29 0.95 -24.24
CA GLN C 200 -20.87 1.25 -24.41
C GLN C 200 -20.70 2.76 -24.63
N PHE C 201 -19.94 3.39 -23.78
CA PHE C 201 -19.73 4.82 -23.95
C PHE C 201 -18.29 4.98 -24.40
N ALA C 202 -18.07 4.67 -25.67
CA ALA C 202 -16.78 4.71 -26.30
C ALA C 202 -16.14 6.07 -26.19
N THR C 203 -14.81 6.01 -26.21
CA THR C 203 -13.93 7.17 -26.16
C THR C 203 -12.85 7.04 -27.21
N TYR C 204 -12.10 8.08 -27.32
CA TYR C 204 -11.06 8.09 -28.28
C TYR C 204 -10.04 7.00 -28.00
N ASP C 205 -9.85 6.69 -26.71
CA ASP C 205 -8.88 5.70 -26.23
C ASP C 205 -9.38 4.29 -26.05
N GLN C 206 -10.72 4.12 -26.04
CA GLN C 206 -11.25 2.80 -25.85
C GLN C 206 -12.63 2.62 -26.48
N GLY C 207 -12.77 1.54 -27.26
CA GLY C 207 -14.03 1.21 -27.94
C GLY C 207 -13.99 1.74 -29.36
N TRP C 208 -13.08 1.18 -30.13
CA TRP C 208 -12.92 1.66 -31.49
C TRP C 208 -14.15 1.67 -32.37
N VAL C 209 -14.93 0.59 -32.31
CA VAL C 209 -16.11 0.53 -33.13
C VAL C 209 -17.13 1.60 -32.76
N GLY C 210 -17.38 1.77 -31.45
CA GLY C 210 -18.34 2.76 -30.98
C GLY C 210 -17.84 4.19 -31.22
N TRP C 211 -16.51 4.34 -31.13
CA TRP C 211 -15.88 5.61 -31.32
C TRP C 211 -16.11 6.12 -32.72
N PHE C 212 -15.91 5.25 -33.69
CA PHE C 212 -16.09 5.60 -35.07
C PHE C 212 -17.54 5.74 -35.43
N CYS C 213 -18.41 5.20 -34.58
CA CYS C 213 -19.83 5.33 -34.81
C CYS C 213 -20.17 6.75 -34.37
N GLN C 214 -19.55 7.16 -33.25
CA GLN C 214 -19.80 8.51 -32.80
C GLN C 214 -19.33 9.44 -33.88
N LYS C 215 -18.19 9.06 -34.47
CA LYS C 215 -17.62 9.86 -35.54
C LYS C 215 -18.65 10.02 -36.63
N ALA C 216 -19.20 8.90 -37.10
CA ALA C 216 -20.20 8.88 -38.16
C ALA C 216 -21.50 9.59 -37.76
N VAL C 217 -21.75 9.66 -36.46
CA VAL C 217 -22.93 10.31 -35.95
C VAL C 217 -22.78 11.82 -35.99
N GLU C 218 -21.68 12.36 -35.46
CA GLU C 218 -21.46 13.79 -35.52
C GLU C 218 -21.46 14.31 -36.96
N ILE C 219 -20.71 13.62 -37.81
CA ILE C 219 -20.61 13.95 -39.21
C ILE C 219 -22.00 14.19 -39.73
N LYS C 220 -22.88 13.27 -39.34
CA LYS C 220 -24.29 13.27 -39.70
C LYS C 220 -25.02 14.54 -39.26
N ASN C 221 -24.63 15.11 -38.12
CA ASN C 221 -25.26 16.31 -37.61
C ASN C 221 -24.32 17.50 -37.72
N GLY C 222 -23.34 17.34 -38.62
CA GLY C 222 -22.31 18.33 -38.88
C GLY C 222 -21.57 18.68 -37.59
N ILE C 223 -20.44 18.00 -37.37
CA ILE C 223 -19.62 18.21 -36.17
C ILE C 223 -18.20 17.99 -36.59
N PRO C 226 -12.75 16.28 -40.45
CA PRO C 226 -11.77 15.22 -40.32
C PRO C 226 -11.42 14.95 -38.87
N PHE C 227 -11.18 13.66 -38.65
CA PHE C 227 -10.81 13.07 -37.38
C PHE C 227 -9.57 12.24 -37.66
N THR C 228 -9.00 11.62 -36.64
CA THR C 228 -7.80 10.84 -36.92
C THR C 228 -8.00 9.34 -36.81
N ILE C 229 -7.02 8.69 -37.40
CA ILE C 229 -6.86 7.25 -37.42
C ILE C 229 -5.38 6.96 -37.22
N SER C 230 -5.12 5.94 -36.40
CA SER C 230 -3.76 5.54 -36.13
C SER C 230 -3.35 4.57 -37.19
N GLY C 231 -2.34 4.97 -38.00
CA GLY C 231 -1.82 4.15 -39.08
C GLY C 231 -2.67 4.35 -40.33
N ASN C 232 -2.56 3.41 -41.27
CA ASN C 232 -3.30 3.49 -42.54
C ASN C 232 -4.74 2.99 -42.53
N GLY C 233 -5.25 2.49 -41.39
CA GLY C 233 -6.64 2.00 -41.39
C GLY C 233 -6.84 0.55 -41.91
N LYS C 234 -5.78 -0.09 -42.40
CA LYS C 234 -5.96 -1.43 -42.88
C LYS C 234 -5.81 -2.49 -41.79
N GLN C 235 -5.47 -2.07 -40.55
CA GLN C 235 -5.32 -3.06 -39.47
C GLN C 235 -6.69 -3.68 -39.22
N VAL C 236 -6.68 -5.00 -38.95
CA VAL C 236 -7.91 -5.77 -38.75
C VAL C 236 -8.20 -6.31 -37.33
N ARG C 237 -9.49 -6.25 -36.93
CA ARG C 237 -9.94 -6.83 -35.65
C ARG C 237 -11.26 -7.57 -35.90
N ASP C 238 -11.47 -8.72 -35.26
CA ASP C 238 -12.76 -9.38 -35.40
C ASP C 238 -13.61 -8.61 -34.42
N VAL C 239 -14.89 -8.40 -34.71
CA VAL C 239 -15.75 -7.65 -33.86
C VAL C 239 -16.88 -8.53 -33.35
N LEU C 240 -17.09 -8.43 -32.03
CA LEU C 240 -18.10 -9.23 -31.30
C LEU C 240 -19.17 -8.37 -30.61
N HIS C 241 -20.39 -8.61 -31.00
CA HIS C 241 -21.46 -7.85 -30.44
C HIS C 241 -21.84 -8.29 -29.03
N ALA C 242 -22.21 -7.32 -28.22
CA ALA C 242 -22.62 -7.55 -26.85
C ALA C 242 -23.58 -8.72 -26.70
N GLU C 243 -24.50 -8.90 -27.66
CA GLU C 243 -25.45 -10.03 -27.51
C GLU C 243 -24.73 -11.40 -27.47
N ASP C 244 -23.70 -11.51 -28.30
CA ASP C 244 -22.91 -12.71 -28.36
C ASP C 244 -22.04 -12.86 -27.11
N MET C 245 -21.66 -11.74 -26.50
CA MET C 245 -20.86 -11.76 -25.27
C MET C 245 -21.68 -12.25 -24.08
N ILE C 246 -22.92 -11.81 -23.99
CA ILE C 246 -23.76 -12.22 -22.90
C ILE C 246 -23.92 -13.74 -22.88
N SER C 247 -24.31 -14.30 -24.01
CA SER C 247 -24.47 -15.74 -24.10
C SER C 247 -23.18 -16.49 -23.71
N LEU C 248 -22.04 -15.99 -24.18
CA LEU C 248 -20.80 -16.64 -23.84
C LEU C 248 -20.58 -16.68 -22.35
N TYR C 249 -20.71 -15.54 -21.67
CA TYR C 249 -20.48 -15.47 -20.22
C TYR C 249 -21.33 -16.42 -19.41
N PHE C 250 -22.62 -16.33 -19.61
CA PHE C 250 -23.55 -17.15 -18.87
C PHE C 250 -23.41 -18.62 -19.22
N THR C 251 -23.21 -18.96 -20.50
CA THR C 251 -23.04 -20.37 -20.89
C THR C 251 -21.74 -20.91 -20.29
N ALA C 252 -20.69 -20.11 -20.36
CA ALA C 252 -19.46 -20.60 -19.83
C ALA C 252 -19.60 -20.72 -18.32
N LEU C 253 -20.29 -19.79 -17.72
CA LEU C 253 -20.39 -19.91 -16.28
C LEU C 253 -21.10 -21.22 -15.92
N ALA C 254 -22.13 -21.53 -16.69
CA ALA C 254 -22.86 -22.74 -16.40
C ALA C 254 -22.06 -24.02 -16.64
N ASN C 255 -20.99 -23.92 -17.42
CA ASN C 255 -20.17 -25.07 -17.72
C ASN C 255 -18.81 -24.98 -17.07
N VAL C 256 -18.73 -24.17 -16.03
CA VAL C 256 -17.46 -23.97 -15.33
C VAL C 256 -16.71 -25.23 -14.94
N SER C 257 -17.45 -26.24 -14.49
CA SER C 257 -16.81 -27.48 -14.07
C SER C 257 -15.97 -28.14 -15.16
N LYS C 258 -16.37 -27.93 -16.40
CA LYS C 258 -15.71 -28.51 -17.55
C LYS C 258 -14.60 -27.65 -18.06
N ILE C 259 -14.67 -26.35 -17.85
CA ILE C 259 -13.63 -25.47 -18.40
C ILE C 259 -12.70 -24.79 -17.45
N ARG C 260 -12.95 -24.95 -16.17
CA ARG C 260 -12.09 -24.29 -15.19
C ARG C 260 -10.59 -24.48 -15.45
N GLY C 261 -9.81 -23.43 -15.17
CA GLY C 261 -8.36 -23.45 -15.32
C GLY C 261 -7.86 -23.19 -16.73
N ASN C 262 -8.74 -22.80 -17.64
CA ASN C 262 -8.30 -22.55 -19.00
C ASN C 262 -8.56 -21.17 -19.47
N ALA C 263 -7.77 -20.80 -20.48
CA ALA C 263 -7.89 -19.52 -21.18
C ALA C 263 -8.45 -19.88 -22.56
N PHE C 264 -9.29 -19.00 -23.08
CA PHE C 264 -9.90 -19.16 -24.40
C PHE C 264 -9.78 -17.82 -25.17
N ASN C 265 -9.44 -17.91 -26.48
CA ASN C 265 -9.37 -16.73 -27.35
C ASN C 265 -10.83 -16.50 -27.75
N ILE C 266 -11.32 -15.29 -27.59
CA ILE C 266 -12.71 -14.96 -27.89
C ILE C 266 -12.80 -13.78 -28.86
N GLY C 267 -13.64 -13.89 -29.89
CA GLY C 267 -13.80 -12.81 -30.84
C GLY C 267 -14.95 -13.14 -31.80
N GLY C 268 -15.28 -12.20 -32.67
CA GLY C 268 -16.35 -12.39 -33.65
C GLY C 268 -15.97 -13.37 -34.76
N THR C 269 -14.67 -13.76 -34.84
CA THR C 269 -14.14 -14.69 -35.83
C THR C 269 -13.90 -14.08 -37.22
N ILE C 270 -13.19 -14.83 -38.05
CA ILE C 270 -12.84 -14.34 -39.38
C ILE C 270 -13.97 -13.73 -40.17
N VAL C 271 -15.11 -14.37 -40.17
CA VAL C 271 -16.23 -13.82 -40.89
C VAL C 271 -16.64 -12.47 -40.38
N ASN C 272 -16.36 -12.15 -39.13
CA ASN C 272 -16.76 -10.86 -38.60
C ASN C 272 -15.61 -9.87 -38.49
N SER C 273 -14.54 -10.21 -39.21
CA SER C 273 -13.33 -9.38 -39.24
C SER C 273 -13.53 -8.09 -40.03
N LEU C 274 -13.00 -6.96 -39.55
CA LEU C 274 -13.14 -5.69 -40.24
C LEU C 274 -11.88 -4.87 -40.09
N SER C 275 -11.52 -4.07 -41.10
CA SER C 275 -10.38 -3.18 -41.03
C SER C 275 -11.04 -1.85 -40.70
N LEU C 276 -10.27 -0.82 -40.39
CA LEU C 276 -10.89 0.46 -40.09
C LEU C 276 -11.57 0.96 -41.38
N LEU C 277 -10.83 0.84 -42.48
CA LEU C 277 -11.32 1.26 -43.79
C LEU C 277 -12.64 0.58 -44.11
N GLU C 278 -12.66 -0.74 -43.86
CA GLU C 278 -13.85 -1.49 -44.11
C GLU C 278 -14.94 -1.01 -43.19
N LEU C 279 -14.60 -0.66 -41.95
CA LEU C 279 -15.62 -0.18 -41.04
C LEU C 279 -16.22 1.14 -41.53
N PHE C 280 -15.38 1.98 -42.08
CA PHE C 280 -15.85 3.25 -42.57
C PHE C 280 -16.83 3.06 -43.73
N LYS C 281 -16.49 2.16 -44.66
CA LYS C 281 -17.35 1.92 -45.77
C LYS C 281 -18.77 1.68 -45.31
N LEU C 282 -18.86 0.65 -44.50
CA LEU C 282 -20.09 0.23 -43.90
C LEU C 282 -20.94 1.37 -43.36
N LEU C 283 -20.34 2.26 -42.53
CA LEU C 283 -20.99 3.40 -41.91
C LEU C 283 -21.43 4.42 -42.96
N GLU C 284 -20.53 4.68 -43.89
CA GLU C 284 -20.84 5.61 -44.92
C GLU C 284 -22.10 5.10 -45.61
N ASP C 285 -22.03 3.85 -46.09
CA ASP C 285 -23.12 3.17 -46.77
C ASP C 285 -24.45 3.05 -46.01
N TYR C 286 -24.42 3.16 -44.69
CA TYR C 286 -25.64 3.04 -43.92
C TYR C 286 -26.21 4.41 -43.71
N CYS C 287 -25.35 5.33 -43.32
CA CYS C 287 -25.82 6.68 -43.08
C CYS C 287 -25.65 7.58 -44.27
N ASN C 288 -25.34 7.05 -45.43
CA ASN C 288 -25.20 7.98 -46.54
C ASN C 288 -24.32 9.16 -46.14
N ILE C 289 -23.06 8.88 -45.73
CA ILE C 289 -22.09 9.91 -45.34
C ILE C 289 -20.71 9.68 -45.93
N ASP C 290 -19.83 10.60 -45.57
CA ASP C 290 -18.44 10.60 -45.97
C ASP C 290 -17.57 10.88 -44.75
N MET C 291 -16.81 9.87 -44.39
CA MET C 291 -15.96 9.94 -43.23
C MET C 291 -14.55 10.31 -43.66
N ARG C 292 -14.21 11.53 -43.34
CA ARG C 292 -12.91 12.04 -43.69
C ARG C 292 -11.99 12.15 -42.50
N PHE C 293 -10.74 11.71 -42.69
CA PHE C 293 -9.79 11.78 -41.56
C PHE C 293 -8.31 12.01 -41.95
N THR C 294 -7.55 12.29 -40.90
CA THR C 294 -6.11 12.53 -40.98
C THR C 294 -5.41 11.32 -40.34
N ASN C 295 -4.10 11.22 -40.55
CA ASN C 295 -3.37 10.10 -39.99
C ASN C 295 -2.33 10.40 -38.99
N LEU C 296 -2.40 9.53 -38.02
CA LEU C 296 -1.48 9.52 -36.93
C LEU C 296 -0.52 8.35 -37.14
N PRO C 297 0.61 8.34 -36.44
CA PRO C 297 1.53 7.22 -36.62
C PRO C 297 0.85 5.99 -36.02
N VAL C 298 1.32 4.81 -36.44
CA VAL C 298 0.75 3.57 -35.90
C VAL C 298 0.97 3.50 -34.38
N ARG C 299 -0.05 3.03 -33.66
CA ARG C 299 0.06 2.92 -32.23
C ARG C 299 1.13 1.98 -31.65
N GLU C 300 1.38 2.03 -30.31
CA GLU C 300 2.44 1.19 -29.66
C GLU C 300 2.05 -0.29 -29.57
N ASP C 302 0.82 -2.25 -31.63
CA ASP C 302 -0.32 -2.55 -32.50
C ASP C 302 -0.18 -3.82 -33.37
N GLN C 303 -1.25 -4.59 -33.32
CA GLN C 303 -1.31 -5.78 -34.09
C GLN C 303 -1.93 -5.38 -35.42
N ARG C 304 -1.28 -5.81 -36.48
CA ARG C 304 -1.80 -5.53 -37.80
C ARG C 304 -3.09 -6.27 -37.95
N VAL C 305 -3.14 -7.45 -37.30
CA VAL C 305 -4.36 -8.22 -37.35
C VAL C 305 -4.63 -8.97 -36.09
N PHE C 306 -5.89 -8.97 -35.68
CA PHE C 306 -6.29 -9.75 -34.56
C PHE C 306 -7.64 -10.36 -34.83
N VAL C 307 -7.58 -11.67 -35.04
CA VAL C 307 -8.76 -12.48 -35.26
C VAL C 307 -8.65 -13.71 -34.37
N ALA C 308 -9.69 -13.97 -33.59
CA ALA C 308 -9.58 -15.11 -32.73
C ALA C 308 -10.04 -16.36 -33.43
N ASP C 309 -9.28 -17.39 -33.17
CA ASP C 309 -9.57 -18.72 -33.63
C ASP C 309 -10.28 -19.30 -32.38
N ILE C 310 -11.61 -19.43 -32.44
CA ILE C 310 -12.41 -19.90 -31.31
C ILE C 310 -12.69 -21.40 -31.25
N LYS C 311 -11.97 -22.23 -32.00
CA LYS C 311 -12.22 -23.67 -31.92
C LYS C 311 -12.31 -24.16 -30.47
N LYS C 312 -11.34 -23.71 -29.64
CA LYS C 312 -11.27 -24.17 -28.24
C LYS C 312 -12.57 -23.98 -27.44
N ILE C 313 -13.06 -22.76 -27.45
CA ILE C 313 -14.26 -22.51 -26.72
C ILE C 313 -15.46 -23.21 -27.37
N THR C 314 -15.51 -23.16 -28.72
CA THR C 314 -16.64 -23.81 -29.40
C THR C 314 -16.71 -25.28 -29.06
N ASN C 315 -15.54 -25.91 -29.11
CA ASN C 315 -15.50 -27.32 -28.77
C ASN C 315 -15.91 -27.55 -27.33
N ALA C 316 -15.49 -26.67 -26.42
CA ALA C 316 -15.81 -26.84 -25.03
C ALA C 316 -17.27 -26.62 -24.67
N ILE C 317 -17.85 -25.56 -25.17
CA ILE C 317 -19.20 -25.30 -24.79
C ILE C 317 -20.18 -25.05 -25.92
N ASP C 318 -19.69 -25.17 -27.16
CA ASP C 318 -20.58 -24.97 -28.31
C ASP C 318 -21.16 -23.56 -28.50
N TRP C 319 -20.39 -22.58 -28.11
CA TRP C 319 -20.81 -21.20 -28.29
C TRP C 319 -20.14 -20.70 -29.61
N SER C 320 -20.87 -19.83 -30.34
CA SER C 320 -20.45 -19.20 -31.59
C SER C 320 -21.22 -17.90 -31.76
N PRO C 321 -20.59 -16.87 -32.34
CA PRO C 321 -21.25 -15.61 -32.49
C PRO C 321 -22.34 -15.70 -33.50
N LYS C 322 -23.50 -15.13 -33.18
CA LYS C 322 -24.65 -15.12 -34.05
C LYS C 322 -24.85 -13.76 -34.73
N VAL C 323 -24.20 -12.72 -34.22
CA VAL C 323 -24.37 -11.40 -34.81
C VAL C 323 -23.26 -11.00 -35.78
N SER C 324 -23.65 -10.81 -37.04
CA SER C 324 -22.69 -10.41 -38.07
C SER C 324 -22.26 -8.95 -37.89
N ALA C 325 -21.05 -8.67 -38.37
CA ALA C 325 -20.47 -7.35 -38.31
C ALA C 325 -21.36 -6.28 -38.91
N LYS C 326 -21.84 -6.56 -40.12
CA LYS C 326 -22.73 -5.61 -40.79
C LYS C 326 -23.92 -5.32 -39.90
N ASP C 327 -24.57 -6.39 -39.47
CA ASP C 327 -25.73 -6.23 -38.60
C ASP C 327 -25.40 -5.52 -37.34
N GLY C 328 -24.41 -6.04 -36.64
CA GLY C 328 -24.09 -5.39 -35.40
C GLY C 328 -23.72 -3.94 -35.61
N VAL C 329 -22.97 -3.64 -36.68
CA VAL C 329 -22.59 -2.26 -36.88
C VAL C 329 -23.73 -1.24 -37.04
N GLN C 330 -24.78 -1.61 -37.78
CA GLN C 330 -25.94 -0.74 -37.99
C GLN C 330 -26.65 -0.51 -36.67
N LYS C 331 -26.82 -1.61 -35.92
CA LYS C 331 -27.43 -1.53 -34.61
C LYS C 331 -26.61 -0.58 -33.69
N MET C 332 -25.24 -0.71 -33.74
CA MET C 332 -24.35 0.15 -32.95
C MET C 332 -24.57 1.60 -33.37
N TYR C 333 -24.68 1.82 -34.69
CA TYR C 333 -24.95 3.17 -35.19
C TYR C 333 -26.26 3.66 -34.56
N ASP C 334 -27.33 2.87 -34.70
CA ASP C 334 -28.62 3.24 -34.14
C ASP C 334 -28.53 3.60 -32.66
N TRP C 335 -27.84 2.76 -31.90
CA TRP C 335 -27.67 3.05 -30.50
C TRP C 335 -26.89 4.36 -30.23
N THR C 336 -25.81 4.59 -30.98
CA THR C 336 -25.00 5.79 -30.81
C THR C 336 -25.81 7.02 -31.09
N SER C 337 -26.56 6.97 -32.17
CA SER C 337 -27.39 8.08 -32.53
C SER C 337 -28.25 8.40 -31.31
N SER C 338 -28.88 7.36 -30.75
CA SER C 338 -29.75 7.46 -29.57
C SER C 338 -29.23 8.29 -28.39
N ILE C 339 -27.93 8.41 -28.25
CA ILE C 339 -27.40 9.20 -27.15
C ILE C 339 -27.72 10.69 -27.36
N ALA D 2 -6.88 32.47 -10.10
CA ALA D 2 -6.41 31.56 -9.05
C ALA D 2 -7.09 30.23 -9.23
N LYS D 3 -6.33 29.16 -8.92
CA LYS D 3 -6.86 27.80 -9.06
C LYS D 3 -7.20 27.25 -7.68
N LEU D 4 -8.44 26.77 -7.55
CA LEU D 4 -8.94 26.18 -6.31
C LEU D 4 -9.29 24.74 -6.54
N LEU D 5 -8.66 23.87 -5.73
CA LEU D 5 -8.95 22.46 -5.83
C LEU D 5 -9.83 22.10 -4.64
N ILE D 6 -10.93 21.38 -4.88
CA ILE D 6 -11.75 20.97 -3.76
C ILE D 6 -11.81 19.43 -3.75
N THR D 7 -11.22 18.78 -2.74
CA THR D 7 -11.30 17.32 -2.68
C THR D 7 -12.63 17.08 -1.95
N GLY D 8 -13.32 16.00 -2.33
CA GLY D 8 -14.62 15.73 -1.73
C GLY D 8 -15.56 16.80 -2.28
N GLY D 9 -15.19 17.40 -3.42
CA GLY D 9 -15.97 18.48 -4.08
C GLY D 9 -17.44 18.18 -4.48
N CYS D 10 -17.87 16.92 -4.51
CA CYS D 10 -19.26 16.59 -4.88
C CYS D 10 -20.11 16.33 -3.67
N GLY D 11 -19.53 16.52 -2.47
CA GLY D 11 -20.25 16.27 -1.24
C GLY D 11 -21.03 17.49 -0.78
N PHE D 12 -21.55 17.43 0.44
CA PHE D 12 -22.30 18.56 0.96
C PHE D 12 -21.46 19.86 1.06
N LEU D 13 -20.40 19.88 1.83
CA LEU D 13 -19.67 21.13 1.88
C LEU D 13 -19.06 21.50 0.54
N GLY D 14 -18.45 20.49 -0.10
CA GLY D 14 -17.76 20.68 -1.37
C GLY D 14 -18.59 21.29 -2.48
N SER D 15 -19.82 20.78 -2.67
CA SER D 15 -20.66 21.29 -3.74
C SER D 15 -21.07 22.72 -3.45
N ASN D 16 -21.32 23.03 -2.18
CA ASN D 16 -21.69 24.38 -1.79
C ASN D 16 -20.51 25.33 -2.05
N LEU D 17 -19.34 24.93 -1.65
CA LEU D 17 -18.16 25.75 -1.87
C LEU D 17 -17.83 25.87 -3.36
N ALA D 18 -18.02 24.76 -4.08
CA ALA D 18 -17.75 24.77 -5.49
C ALA D 18 -18.70 25.71 -6.26
N SER D 19 -19.98 25.71 -5.86
CA SER D 19 -20.92 26.60 -6.52
C SER D 19 -20.49 28.05 -6.32
N PHE D 20 -20.04 28.39 -5.14
CA PHE D 20 -19.61 29.75 -4.89
C PHE D 20 -18.42 30.07 -5.73
N ALA D 21 -17.49 29.14 -5.80
CA ALA D 21 -16.33 29.43 -6.59
C ALA D 21 -16.71 29.71 -8.02
N LEU D 22 -17.63 28.93 -8.57
CA LEU D 22 -18.05 29.08 -9.95
C LEU D 22 -18.67 30.43 -10.16
N SER D 23 -19.42 30.87 -9.13
CA SER D 23 -20.08 32.17 -9.14
C SER D 23 -19.05 33.31 -9.15
N GLN D 24 -17.90 33.13 -8.51
CA GLN D 24 -16.87 34.15 -8.50
C GLN D 24 -15.91 34.09 -9.67
N GLY D 25 -16.10 33.13 -10.59
CA GLY D 25 -15.19 33.03 -11.69
C GLY D 25 -13.79 32.50 -11.33
N ILE D 26 -13.72 31.68 -10.30
CA ILE D 26 -12.47 31.08 -9.86
C ILE D 26 -12.24 29.78 -10.63
N ASP D 27 -10.99 29.50 -11.06
CA ASP D 27 -10.67 28.26 -11.79
C ASP D 27 -10.76 27.14 -10.80
N LEU D 28 -11.71 26.26 -10.98
CA LEU D 28 -11.96 25.17 -10.06
C LEU D 28 -11.63 23.78 -10.54
N ILE D 29 -11.12 22.98 -9.61
CA ILE D 29 -10.79 21.56 -9.82
C ILE D 29 -11.52 20.79 -8.76
N VAL D 30 -12.33 19.81 -9.14
CA VAL D 30 -13.09 19.01 -8.18
C VAL D 30 -12.59 17.58 -8.21
N PHE D 31 -12.24 17.04 -7.05
CA PHE D 31 -11.71 15.66 -6.94
C PHE D 31 -12.61 14.87 -6.00
N ASP D 32 -13.12 13.78 -6.50
CA ASP D 32 -14.04 12.97 -5.69
C ASP D 32 -14.14 11.56 -6.28
N ASN D 33 -14.50 10.56 -5.46
CA ASN D 33 -14.65 9.22 -5.97
C ASN D 33 -16.13 8.82 -6.19
N LEU D 34 -17.01 9.78 -5.93
CA LEU D 34 -18.44 9.61 -6.09
C LEU D 34 -19.01 8.52 -5.20
N SER D 35 -18.36 8.34 -4.05
CA SER D 35 -18.80 7.29 -3.12
C SER D 35 -20.01 7.60 -2.32
N ARG D 36 -20.19 8.86 -1.93
CA ARG D 36 -21.38 9.21 -1.13
C ARG D 36 -22.67 9.21 -1.93
N LYS D 37 -23.78 8.67 -1.39
CA LYS D 37 -25.00 8.70 -2.18
C LYS D 37 -25.41 10.16 -2.32
N GLY D 38 -25.66 10.64 -3.55
CA GLY D 38 -26.01 12.03 -3.82
C GLY D 38 -24.84 12.74 -4.50
N ALA D 39 -23.64 12.15 -4.42
CA ALA D 39 -22.47 12.78 -5.03
C ALA D 39 -22.63 12.95 -6.51
N THR D 40 -23.18 11.89 -7.15
CA THR D 40 -23.40 11.96 -8.61
C THR D 40 -24.43 13.05 -8.95
N ASP D 41 -25.42 13.17 -8.05
CA ASP D 41 -26.45 14.19 -8.19
C ASP D 41 -25.83 15.57 -8.07
N ASN D 42 -24.94 15.71 -7.09
CA ASN D 42 -24.28 16.98 -6.89
C ASN D 42 -23.37 17.25 -8.04
N LEU D 43 -22.74 16.24 -8.58
CA LEU D 43 -21.87 16.52 -9.71
C LEU D 43 -22.71 17.04 -10.91
N HIS D 44 -23.86 16.43 -11.13
CA HIS D 44 -24.73 16.84 -12.22
C HIS D 44 -25.26 18.25 -12.01
N TRP D 45 -25.56 18.62 -10.75
CA TRP D 45 -26.07 19.95 -10.39
C TRP D 45 -25.01 21.04 -10.65
N LEU D 46 -23.80 20.78 -10.20
CA LEU D 46 -22.73 21.74 -10.40
C LEU D 46 -22.37 21.92 -11.84
N SER D 47 -22.54 20.85 -12.64
CA SER D 47 -22.14 20.90 -14.04
C SER D 47 -22.68 21.98 -14.89
N SER D 48 -23.89 22.42 -14.54
CA SER D 48 -24.51 23.46 -15.32
C SER D 48 -24.13 24.84 -14.81
N LEU D 49 -23.41 24.96 -13.68
CA LEU D 49 -23.04 26.26 -13.08
C LEU D 49 -21.84 26.95 -13.65
N GLY D 50 -21.04 26.20 -14.40
CA GLY D 50 -19.83 26.74 -15.00
C GLY D 50 -18.94 25.61 -15.49
N ASN D 51 -17.79 25.99 -16.07
CA ASN D 51 -16.84 25.02 -16.56
C ASN D 51 -15.87 24.78 -15.44
N PHE D 52 -15.50 23.53 -15.26
CA PHE D 52 -14.55 23.21 -14.24
C PHE D 52 -13.97 21.89 -14.62
N GLU D 53 -12.91 21.51 -13.93
CA GLU D 53 -12.31 20.22 -14.20
C GLU D 53 -12.78 19.21 -13.15
N PHE D 54 -13.40 18.13 -13.58
CA PHE D 54 -13.80 17.13 -12.62
C PHE D 54 -12.83 15.96 -12.77
N VAL D 55 -12.19 15.57 -11.68
CA VAL D 55 -11.23 14.48 -11.64
C VAL D 55 -11.72 13.39 -10.67
N HIS D 56 -12.08 12.26 -11.21
CA HIS D 56 -12.52 11.18 -10.38
C HIS D 56 -11.25 10.55 -9.80
N GLY D 57 -11.24 10.31 -8.50
CA GLY D 57 -10.04 9.69 -7.95
C GLY D 57 -10.31 9.29 -6.51
N ASP D 58 -9.41 8.46 -5.97
CA ASP D 58 -9.49 7.95 -4.60
C ASP D 58 -8.42 8.64 -3.74
N ILE D 59 -8.86 9.38 -2.74
CA ILE D 59 -7.90 10.09 -1.89
C ILE D 59 -6.91 9.13 -1.19
N ARG D 60 -7.36 7.87 -1.07
CA ARG D 60 -6.50 6.88 -0.40
C ARG D 60 -5.27 6.56 -1.26
N ASN D 61 -5.43 6.74 -2.57
CA ASN D 61 -4.40 6.37 -3.54
C ASN D 61 -3.33 7.42 -3.72
N LYS D 62 -2.13 7.13 -3.29
CA LYS D 62 -1.05 8.12 -3.40
C LYS D 62 -0.79 8.59 -4.81
N ASN D 63 -0.82 7.65 -5.76
CA ASN D 63 -0.60 8.01 -7.18
C ASN D 63 -1.68 9.00 -7.73
N ASP D 64 -2.94 8.74 -7.38
CA ASP D 64 -4.01 9.64 -7.84
C ASP D 64 -3.83 11.05 -7.28
N VAL D 65 -3.48 11.13 -5.98
CA VAL D 65 -3.32 12.42 -5.33
C VAL D 65 -2.10 13.19 -5.81
N THR D 66 -1.00 12.51 -5.98
CA THR D 66 0.21 13.15 -6.44
C THR D 66 0.04 13.69 -7.85
N ARG D 67 -0.53 12.89 -8.72
CA ARG D 67 -0.75 13.33 -10.11
C ARG D 67 -1.71 14.52 -10.16
N LEU D 68 -2.70 14.51 -9.29
CA LEU D 68 -3.67 15.59 -9.23
C LEU D 68 -2.94 16.90 -8.92
N ILE D 69 -2.08 16.88 -7.92
CA ILE D 69 -1.37 18.08 -7.55
C ILE D 69 -0.38 18.54 -8.60
N THR D 70 0.40 17.62 -9.14
CA THR D 70 1.39 18.05 -10.14
C THR D 70 0.77 18.50 -11.45
N LYS D 71 -0.36 17.91 -11.80
CA LYS D 71 -1.02 18.27 -13.00
C LYS D 71 -1.72 19.59 -12.92
N TYR D 72 -2.50 19.81 -11.87
CA TYR D 72 -3.24 21.08 -11.74
C TYR D 72 -2.56 22.21 -10.98
N MET D 73 -1.58 21.90 -10.11
CA MET D 73 -0.84 22.89 -9.33
C MET D 73 -1.75 23.98 -8.81
N PRO D 74 -2.70 23.58 -8.00
CA PRO D 74 -3.62 24.60 -7.45
C PRO D 74 -2.93 25.58 -6.51
N ASP D 75 -3.52 26.77 -6.41
CA ASP D 75 -3.00 27.79 -5.51
C ASP D 75 -3.63 27.61 -4.15
N SER D 76 -4.82 27.02 -4.16
CA SER D 76 -5.55 26.81 -2.92
C SER D 76 -6.29 25.49 -2.96
N CYS D 77 -6.55 24.97 -1.80
CA CYS D 77 -7.23 23.69 -1.66
C CYS D 77 -8.11 23.59 -0.42
N PHE D 78 -9.32 23.08 -0.60
CA PHE D 78 -10.24 22.81 0.49
C PHE D 78 -10.21 21.26 0.55
N HIS D 79 -9.63 20.69 1.64
CA HIS D 79 -9.51 19.25 1.77
C HIS D 79 -10.68 18.66 2.54
N LEU D 80 -11.74 18.28 1.79
CA LEU D 80 -12.98 17.76 2.38
C LEU D 80 -13.27 16.28 2.16
N ALA D 81 -12.48 15.62 1.34
CA ALA D 81 -12.67 14.19 1.08
C ALA D 81 -12.38 13.42 2.37
N GLY D 82 -13.38 12.76 2.93
CA GLY D 82 -13.09 12.03 4.14
C GLY D 82 -14.12 10.94 4.40
N GLN D 83 -13.85 10.20 5.49
CA GLN D 83 -14.74 9.14 5.99
C GLN D 83 -15.46 9.97 7.06
N VAL D 84 -16.71 10.28 6.83
CA VAL D 84 -17.40 11.19 7.69
C VAL D 84 -18.17 10.65 8.88
N ALA D 85 -18.40 9.35 8.89
CA ALA D 85 -19.21 8.79 9.97
C ALA D 85 -18.47 8.02 11.05
N MET D 86 -18.82 8.40 12.27
CA MET D 86 -18.24 7.77 13.43
C MET D 86 -18.65 6.29 13.45
N THR D 87 -19.93 6.04 13.27
CA THR D 87 -20.42 4.66 13.26
C THR D 87 -19.69 3.74 12.31
N THR D 88 -19.61 4.21 11.07
CA THR D 88 -18.94 3.46 10.04
C THR D 88 -17.47 3.26 10.43
N SER D 89 -16.85 4.22 11.13
CA SER D 89 -15.46 4.07 11.52
C SER D 89 -15.32 2.92 12.46
N ILE D 90 -16.37 2.64 13.21
CA ILE D 90 -16.25 1.55 14.15
C ILE D 90 -16.40 0.22 13.47
N ASP D 91 -17.21 0.26 12.43
CA ASP D 91 -17.42 -0.95 11.68
C ASP D 91 -16.29 -1.25 10.66
N ASN D 92 -15.55 -0.19 10.22
CA ASN D 92 -14.47 -0.35 9.23
C ASN D 92 -13.37 0.63 9.54
N PRO D 93 -12.68 0.37 10.64
CA PRO D 93 -11.63 1.28 11.05
C PRO D 93 -10.52 1.37 10.05
N CYS D 94 -10.31 0.28 9.30
CA CYS D 94 -9.26 0.27 8.32
C CYS D 94 -9.53 1.32 7.25
N MET D 95 -10.74 1.32 6.72
CA MET D 95 -11.09 2.28 5.70
C MET D 95 -11.05 3.70 6.21
N ASP D 96 -11.52 3.89 7.44
CA ASP D 96 -11.53 5.22 8.01
C ASP D 96 -10.12 5.76 8.14
N PHE D 97 -9.20 4.89 8.57
CA PHE D 97 -7.82 5.30 8.71
C PHE D 97 -7.23 5.65 7.34
N GLU D 98 -7.42 4.78 6.35
CA GLU D 98 -6.82 5.02 5.00
C GLU D 98 -7.31 6.32 4.34
N ILE D 99 -8.61 6.59 4.48
CA ILE D 99 -9.18 7.79 3.89
C ILE D 99 -8.77 9.04 4.66
N ASN D 100 -9.09 9.11 5.98
CA ASN D 100 -8.78 10.30 6.70
C ASN D 100 -7.32 10.55 6.95
N VAL D 101 -6.54 9.56 7.39
CA VAL D 101 -5.11 9.81 7.68
C VAL D 101 -4.27 9.63 6.44
N GLY D 102 -4.40 8.47 5.82
CA GLY D 102 -3.62 8.23 4.59
C GLY D 102 -3.92 9.27 3.50
N GLY D 103 -5.18 9.58 3.24
CA GLY D 103 -5.54 10.57 2.23
C GLY D 103 -4.96 11.95 2.51
N THR D 104 -5.05 12.41 3.78
CA THR D 104 -4.53 13.69 4.15
C THR D 104 -3.00 13.72 4.03
N LEU D 105 -2.33 12.66 4.45
CA LEU D 105 -0.87 12.66 4.29
C LEU D 105 -0.56 12.59 2.81
N ASN D 106 -1.37 11.90 2.00
CA ASN D 106 -1.06 11.86 0.55
C ASN D 106 -1.04 13.29 0.01
N LEU D 107 -2.04 14.04 0.41
CA LEU D 107 -2.17 15.41 -0.03
C LEU D 107 -1.05 16.27 0.50
N LEU D 108 -0.80 16.17 1.81
CA LEU D 108 0.27 16.99 2.40
C LEU D 108 1.67 16.70 1.78
N GLU D 109 1.96 15.44 1.53
CA GLU D 109 3.23 15.09 0.93
C GLU D 109 3.35 15.67 -0.48
N ALA D 110 2.26 15.55 -1.28
CA ALA D 110 2.29 16.08 -2.65
C ALA D 110 2.50 17.58 -2.65
N VAL D 111 1.76 18.27 -1.77
CA VAL D 111 1.92 19.69 -1.69
C VAL D 111 3.33 20.05 -1.20
N ARG D 112 3.80 19.37 -0.16
CA ARG D 112 5.13 19.68 0.36
C ARG D 112 6.21 19.56 -0.67
N GLN D 113 6.15 18.47 -1.44
CA GLN D 113 7.15 18.21 -2.43
C GLN D 113 7.00 18.90 -3.77
N TYR D 114 5.77 19.20 -4.18
CA TYR D 114 5.68 19.78 -5.47
C TYR D 114 4.94 21.06 -5.63
N ASN D 115 4.27 21.52 -4.60
CA ASN D 115 3.50 22.75 -4.74
C ASN D 115 3.35 23.37 -3.37
N SER D 116 4.48 23.67 -2.71
CA SER D 116 4.51 24.14 -1.37
C SER D 116 3.84 25.42 -0.93
N ASN D 117 3.40 26.27 -1.85
CA ASN D 117 2.74 27.51 -1.46
C ASN D 117 1.23 27.35 -1.40
N CYS D 118 0.78 26.20 -1.87
CA CYS D 118 -0.66 25.92 -1.90
C CYS D 118 -1.31 26.19 -0.53
N ASN D 119 -2.39 26.96 -0.49
CA ASN D 119 -3.07 27.22 0.76
C ASN D 119 -4.01 26.04 1.03
N ILE D 120 -4.07 25.50 2.27
CA ILE D 120 -4.96 24.37 2.48
C ILE D 120 -5.84 24.55 3.69
N ILE D 121 -7.14 24.32 3.48
CA ILE D 121 -8.07 24.37 4.61
C ILE D 121 -8.57 22.95 4.83
N TYR D 122 -8.42 22.44 6.06
CA TYR D 122 -8.82 21.10 6.42
C TYR D 122 -10.04 21.10 7.32
N SER D 123 -11.00 20.27 6.98
CA SER D 123 -12.19 20.15 7.79
C SER D 123 -12.09 19.01 8.81
N SER D 124 -11.70 19.38 10.01
CA SER D 124 -11.57 18.51 11.13
C SER D 124 -12.93 18.42 11.88
N THR D 125 -12.90 17.89 13.09
CA THR D 125 -14.13 17.68 13.85
C THR D 125 -14.03 17.96 15.32
N ASN D 126 -15.20 18.18 15.92
CA ASN D 126 -15.23 18.42 17.34
C ASN D 126 -14.90 17.15 18.12
N LYS D 127 -14.95 16.02 17.41
CA LYS D 127 -14.67 14.73 18.04
C LYS D 127 -13.22 14.61 18.49
N VAL D 128 -12.36 15.57 18.07
CA VAL D 128 -10.97 15.46 18.53
C VAL D 128 -10.86 15.78 20.01
N TYR D 129 -11.97 16.26 20.58
CA TYR D 129 -12.01 16.64 21.98
C TYR D 129 -12.47 15.55 22.93
N GLY D 130 -12.85 14.39 22.38
CA GLY D 130 -13.25 13.27 23.22
C GLY D 130 -14.67 13.34 23.72
N ASP D 131 -14.90 12.69 24.87
CA ASP D 131 -16.26 12.69 25.41
C ASP D 131 -16.65 13.92 26.22
N LEU D 132 -15.63 14.73 26.59
CA LEU D 132 -15.85 15.96 27.35
C LEU D 132 -16.46 15.70 28.72
N GLU D 133 -16.16 14.56 29.32
CA GLU D 133 -16.71 14.20 30.61
C GLU D 133 -16.00 14.85 31.76
N GLN D 134 -14.92 15.54 31.47
CA GLN D 134 -14.13 16.24 32.47
C GLN D 134 -14.86 17.49 32.99
N TYR D 135 -15.95 17.84 32.30
CA TYR D 135 -16.77 18.99 32.65
C TYR D 135 -18.04 18.55 33.40
N LYS D 136 -18.69 19.52 34.04
CA LYS D 136 -19.91 19.31 34.78
C LYS D 136 -21.12 19.71 33.99
N TYR D 137 -22.13 18.87 33.96
CA TYR D 137 -23.30 19.21 33.20
C TYR D 137 -24.54 19.33 34.04
N ASN D 138 -25.58 19.81 33.37
CA ASN D 138 -26.89 20.02 33.92
C ASN D 138 -27.92 19.59 32.92
N GLU D 139 -28.90 18.85 33.41
CA GLU D 139 -29.99 18.36 32.62
C GLU D 139 -31.19 19.27 32.86
N THR D 140 -31.95 19.52 31.83
CA THR D 140 -33.15 20.32 31.91
C THR D 140 -34.20 19.43 31.30
N GLU D 141 -35.42 19.91 31.12
CA GLU D 141 -36.42 19.07 30.54
C GLU D 141 -36.13 18.70 29.09
N THR D 142 -35.37 19.56 28.39
CA THR D 142 -35.08 19.36 26.99
C THR D 142 -33.60 19.23 26.56
N ARG D 143 -32.64 19.57 27.42
CA ARG D 143 -31.24 19.50 27.00
C ARG D 143 -30.27 19.45 28.15
N TYR D 144 -29.01 19.18 27.81
CA TYR D 144 -27.95 19.15 28.80
C TYR D 144 -27.25 20.50 28.67
N THR D 145 -26.63 20.98 29.76
CA THR D 145 -25.92 22.24 29.82
C THR D 145 -24.55 22.07 30.42
N CYS D 146 -23.54 22.71 29.85
CA CYS D 146 -22.21 22.58 30.38
C CYS D 146 -21.99 23.70 31.31
N VAL D 147 -22.10 23.33 32.56
CA VAL D 147 -21.97 24.24 33.64
C VAL D 147 -20.67 25.02 33.55
N ASP D 148 -19.56 24.35 33.28
CA ASP D 148 -18.29 25.08 33.19
C ASP D 148 -17.99 25.84 31.88
N LYS D 149 -18.76 25.59 30.83
CA LYS D 149 -18.48 26.24 29.57
C LYS D 149 -19.74 26.68 28.90
N PRO D 150 -20.31 27.68 29.54
CA PRO D 150 -21.54 28.26 29.05
C PRO D 150 -21.48 28.79 27.63
N ASN D 151 -20.30 29.20 27.16
CA ASN D 151 -20.23 29.73 25.81
C ASN D 151 -19.69 28.73 24.80
N GLY D 152 -19.45 27.51 25.28
CA GLY D 152 -18.95 26.48 24.39
C GLY D 152 -17.50 26.25 24.68
N TYR D 153 -16.90 25.38 23.88
CA TYR D 153 -15.53 25.03 24.07
C TYR D 153 -14.62 25.66 23.05
N ASP D 154 -13.44 26.05 23.54
CA ASP D 154 -12.46 26.66 22.66
C ASP D 154 -11.32 25.73 22.37
N GLU D 155 -10.33 26.27 21.70
CA GLU D 155 -9.16 25.55 21.26
C GLU D 155 -8.27 25.04 22.37
N SER D 156 -8.46 25.60 23.56
CA SER D 156 -7.67 25.20 24.69
C SER D 156 -8.18 23.92 25.39
N THR D 157 -9.26 23.34 24.87
CA THR D 157 -9.83 22.07 25.39
C THR D 157 -8.81 20.94 25.13
N GLN D 158 -8.65 20.00 26.05
CA GLN D 158 -7.69 18.93 25.88
C GLN D 158 -8.03 18.08 24.70
N LEU D 159 -7.02 17.72 23.94
CA LEU D 159 -7.26 16.83 22.81
C LEU D 159 -7.32 15.39 23.39
N ASP D 160 -8.25 14.56 22.90
CA ASP D 160 -8.43 13.16 23.36
C ASP D 160 -9.32 12.50 22.32
N PHE D 161 -8.69 11.88 21.34
CA PHE D 161 -9.43 11.31 20.24
C PHE D 161 -10.20 10.08 20.60
N HIS D 162 -11.50 10.19 20.50
CA HIS D 162 -12.41 9.08 20.77
C HIS D 162 -13.06 8.57 19.48
N SER D 163 -12.99 7.27 19.31
CA SER D 163 -13.49 6.54 18.16
C SER D 163 -12.43 6.58 17.08
N PRO D 164 -12.49 5.58 16.22
CA PRO D 164 -11.53 5.53 15.13
C PRO D 164 -11.65 6.78 14.27
N TYR D 165 -12.87 7.26 14.05
CA TYR D 165 -13.07 8.48 13.29
C TYR D 165 -12.38 9.64 14.03
N GLY D 166 -12.53 9.72 15.36
CA GLY D 166 -11.87 10.78 16.11
C GLY D 166 -10.34 10.66 15.99
N CYS D 167 -9.83 9.43 16.00
CA CYS D 167 -8.39 9.22 15.89
C CYS D 167 -7.85 9.56 14.53
N SER D 168 -8.57 9.19 13.47
CA SER D 168 -8.13 9.44 12.11
C SER D 168 -8.19 10.94 11.75
N LYS D 169 -9.35 11.56 12.06
CA LYS D 169 -9.47 12.99 11.83
C LYS D 169 -8.46 13.71 12.71
N GLY D 170 -8.31 13.28 13.97
CA GLY D 170 -7.36 13.95 14.88
C GLY D 170 -5.90 13.84 14.42
N ALA D 171 -5.51 12.68 13.93
CA ALA D 171 -4.15 12.55 13.45
C ALA D 171 -3.93 13.47 12.23
N ALA D 172 -4.90 13.52 11.33
CA ALA D 172 -4.78 14.34 10.15
C ALA D 172 -4.71 15.81 10.55
N ASP D 173 -5.50 16.20 11.57
CA ASP D 173 -5.58 17.57 12.12
C ASP D 173 -4.21 17.96 12.66
N GLN D 174 -3.58 17.13 13.50
CA GLN D 174 -2.26 17.39 14.03
C GLN D 174 -1.19 17.45 12.91
N TYR D 175 -1.31 16.57 11.90
CA TYR D 175 -0.35 16.62 10.80
C TYR D 175 -0.47 17.91 10.02
N MET D 176 -1.69 18.38 9.79
CA MET D 176 -1.90 19.66 9.06
C MET D 176 -1.17 20.79 9.76
N LEU D 177 -1.36 20.88 11.07
CA LEU D 177 -0.74 21.88 11.89
C LEU D 177 0.78 21.77 11.93
N ASP D 178 1.28 20.55 12.06
CA ASP D 178 2.73 20.35 12.10
C ASP D 178 3.44 20.61 10.77
N TYR D 179 2.77 20.29 9.65
CA TYR D 179 3.39 20.56 8.33
C TYR D 179 3.55 22.07 8.16
N ALA D 180 2.66 22.82 8.82
CA ALA D 180 2.78 24.26 8.75
C ALA D 180 4.04 24.71 9.49
N ARG D 181 4.23 24.21 10.69
CA ARG D 181 5.38 24.59 11.51
C ARG D 181 6.71 24.09 10.98
N ILE D 182 6.72 22.81 10.64
CA ILE D 182 7.93 22.16 10.17
C ILE D 182 8.31 22.46 8.74
N PHE D 183 7.32 22.39 7.85
CA PHE D 183 7.59 22.58 6.45
C PHE D 183 7.15 23.87 5.86
N GLY D 184 6.65 24.78 6.69
CA GLY D 184 6.22 26.09 6.19
C GLY D 184 4.95 26.05 5.35
N LEU D 185 4.20 24.94 5.35
CA LEU D 185 2.97 24.90 4.56
C LEU D 185 1.91 25.91 5.08
N ASN D 186 1.03 26.40 4.22
CA ASN D 186 -0.05 27.36 4.56
C ASN D 186 -1.33 26.59 4.85
N THR D 187 -1.39 25.94 6.03
CA THR D 187 -2.56 25.16 6.37
C THR D 187 -3.43 25.80 7.42
N VAL D 188 -4.69 25.45 7.43
CA VAL D 188 -5.63 25.97 8.42
C VAL D 188 -6.55 24.81 8.75
N VAL D 189 -6.79 24.63 10.05
CA VAL D 189 -7.67 23.56 10.44
C VAL D 189 -8.96 24.08 11.06
N PHE D 190 -10.11 23.58 10.63
CA PHE D 190 -11.36 23.96 11.22
C PHE D 190 -11.92 22.74 12.01
N ARG D 191 -12.10 22.83 13.34
CA ARG D 191 -12.68 21.74 14.16
C ARG D 191 -14.16 22.05 14.19
N HIS D 192 -14.82 21.48 13.23
CA HIS D 192 -16.23 21.67 12.96
C HIS D 192 -17.22 20.89 13.76
N SER D 193 -18.24 21.63 14.16
CA SER D 193 -19.40 21.13 14.86
C SER D 193 -20.40 20.93 13.70
N SER D 194 -21.66 20.50 13.97
CA SER D 194 -22.66 20.25 12.94
C SER D 194 -22.96 21.33 11.94
N MET D 195 -23.05 20.91 10.66
CA MET D 195 -23.37 21.75 9.52
C MET D 195 -24.49 21.09 8.79
N TYR D 196 -25.31 21.88 8.11
CA TYR D 196 -26.48 21.40 7.40
C TYR D 196 -26.87 22.45 6.37
N GLY D 197 -27.66 22.05 5.38
CA GLY D 197 -28.11 22.92 4.33
C GLY D 197 -28.39 22.16 3.03
N GLY D 198 -28.66 22.88 1.95
CA GLY D 198 -28.94 22.22 0.71
C GLY D 198 -27.73 21.48 0.20
N ARG D 199 -28.01 20.50 -0.62
CA ARG D 199 -26.97 19.69 -1.22
C ARG D 199 -26.44 18.63 -0.26
N GLN D 200 -27.02 18.58 0.94
CA GLN D 200 -26.63 17.60 1.94
C GLN D 200 -27.49 16.38 1.74
N PHE D 201 -26.87 15.22 1.57
CA PHE D 201 -27.71 14.01 1.45
C PHE D 201 -27.43 13.21 2.74
N ALA D 202 -28.12 13.59 3.80
CA ALA D 202 -27.92 12.96 5.10
C ALA D 202 -28.28 11.48 5.08
N THR D 203 -27.67 10.75 6.00
CA THR D 203 -27.91 9.33 6.15
C THR D 203 -28.08 9.10 7.65
N TYR D 204 -28.46 7.89 8.00
CA TYR D 204 -28.63 7.52 9.35
C TYR D 204 -27.37 7.86 10.15
N ASP D 205 -26.26 7.61 9.50
CA ASP D 205 -24.95 7.79 10.07
C ASP D 205 -24.31 9.16 10.10
N GLN D 206 -24.73 10.08 9.24
CA GLN D 206 -24.11 11.36 9.21
C GLN D 206 -25.04 12.39 8.63
N GLY D 207 -25.10 13.54 9.31
CA GLY D 207 -25.95 14.67 8.91
C GLY D 207 -27.21 14.59 9.78
N TRP D 208 -27.06 14.83 11.10
CA TRP D 208 -28.20 14.74 12.02
C TRP D 208 -29.38 15.64 11.78
N VAL D 209 -29.14 16.91 11.52
CA VAL D 209 -30.28 17.80 11.29
C VAL D 209 -30.98 17.37 10.03
N GLY D 210 -30.17 17.04 9.02
CA GLY D 210 -30.71 16.63 7.74
C GLY D 210 -31.49 15.34 7.82
N TRP D 211 -30.90 14.42 8.58
CA TRP D 211 -31.51 13.12 8.74
C TRP D 211 -32.91 13.23 9.34
N PHE D 212 -32.99 13.96 10.43
CA PHE D 212 -34.27 14.16 11.10
C PHE D 212 -35.27 14.96 10.26
N CYS D 213 -34.77 15.81 9.33
CA CYS D 213 -35.68 16.57 8.47
C CYS D 213 -36.37 15.59 7.61
N GLN D 214 -35.53 14.69 7.14
CA GLN D 214 -35.92 13.59 6.28
C GLN D 214 -36.99 12.78 7.02
N LYS D 215 -36.68 12.49 8.25
CA LYS D 215 -37.57 11.76 9.11
C LYS D 215 -38.87 12.49 9.09
N ALA D 216 -38.74 13.78 9.09
CA ALA D 216 -39.92 14.59 9.10
C ALA D 216 -40.70 14.43 7.81
N VAL D 217 -40.00 14.50 6.71
CA VAL D 217 -40.64 14.38 5.43
C VAL D 217 -41.37 13.07 5.30
N GLU D 218 -40.67 11.98 5.58
CA GLU D 218 -41.20 10.61 5.49
C GLU D 218 -42.55 10.34 6.14
N ILE D 219 -42.76 10.96 7.29
CA ILE D 219 -43.97 10.84 8.08
C ILE D 219 -45.11 11.59 7.44
N LYS D 220 -44.96 12.92 7.41
CA LYS D 220 -45.94 13.84 6.84
C LYS D 220 -46.54 13.18 5.64
N ASN D 221 -45.67 12.54 4.87
CA ASN D 221 -46.10 11.81 3.71
C ASN D 221 -46.65 10.49 4.21
N GLY D 222 -47.52 10.62 5.24
CA GLY D 222 -48.25 9.57 5.95
C GLY D 222 -47.39 8.65 6.82
N ILE D 223 -46.75 7.68 6.16
CA ILE D 223 -45.89 6.65 6.76
C ILE D 223 -44.91 7.15 7.80
N PRO D 226 -41.50 4.67 15.18
CA PRO D 226 -40.82 4.18 14.01
C PRO D 226 -39.32 4.48 13.88
N PHE D 227 -38.90 5.75 14.01
CA PHE D 227 -37.45 6.06 13.89
C PHE D 227 -36.80 6.03 15.25
N THR D 228 -35.48 5.98 15.22
CA THR D 228 -34.80 5.92 16.50
C THR D 228 -33.87 7.08 16.79
N ILE D 229 -33.56 7.21 18.06
CA ILE D 229 -32.64 8.19 18.57
C ILE D 229 -31.69 7.49 19.50
N SER D 230 -30.44 7.91 19.48
CA SER D 230 -29.38 7.36 20.33
C SER D 230 -29.19 8.18 21.58
N GLY D 231 -29.69 7.66 22.68
CA GLY D 231 -29.63 8.29 24.00
C GLY D 231 -31.03 8.86 24.26
N ASN D 232 -31.11 9.84 25.17
CA ASN D 232 -32.36 10.48 25.55
C ASN D 232 -32.75 11.68 24.68
N GLY D 233 -31.87 12.13 23.80
CA GLY D 233 -32.21 13.26 22.94
C GLY D 233 -31.91 14.65 23.54
N LYS D 234 -31.38 14.69 24.76
CA LYS D 234 -31.06 15.96 25.38
C LYS D 234 -29.66 16.44 25.01
N GLN D 235 -28.87 15.61 24.30
CA GLN D 235 -27.52 16.04 23.91
C GLN D 235 -27.68 17.24 22.94
N VAL D 236 -26.72 18.15 23.01
CA VAL D 236 -26.75 19.34 22.21
C VAL D 236 -25.53 19.61 21.32
N ARG D 237 -25.88 20.21 20.17
CA ARG D 237 -24.95 20.66 19.16
C ARG D 237 -25.35 22.04 18.64
N ASP D 238 -24.37 22.88 18.37
CA ASP D 238 -24.72 24.15 17.76
C ASP D 238 -24.85 23.75 16.29
N VAL D 239 -25.70 24.39 15.54
CA VAL D 239 -25.87 23.98 14.16
C VAL D 239 -25.49 25.17 13.29
N LEU D 240 -24.74 24.92 12.22
CA LEU D 240 -24.25 25.95 11.32
C LEU D 240 -24.74 25.75 9.92
N HIS D 241 -25.46 26.74 9.40
CA HIS D 241 -25.97 26.58 8.07
C HIS D 241 -24.91 26.71 7.00
N ALA D 242 -25.15 26.04 5.88
CA ALA D 242 -24.27 26.07 4.71
C ALA D 242 -23.83 27.50 4.31
N GLU D 243 -24.76 28.47 4.35
CA GLU D 243 -24.44 29.86 3.98
C GLU D 243 -23.31 30.44 4.78
N ASP D 244 -23.29 30.22 6.08
CA ASP D 244 -22.21 30.73 6.94
C ASP D 244 -20.87 29.99 6.73
N MET D 245 -20.99 28.70 6.38
CA MET D 245 -19.83 27.85 6.10
C MET D 245 -19.11 28.39 4.83
N ILE D 246 -19.91 28.76 3.82
CA ILE D 246 -19.34 29.29 2.60
C ILE D 246 -18.55 30.55 2.87
N SER D 247 -19.16 31.47 3.62
CA SER D 247 -18.42 32.68 3.90
C SER D 247 -17.16 32.41 4.72
N LEU D 248 -17.27 31.54 5.70
CA LEU D 248 -16.14 31.23 6.51
C LEU D 248 -14.96 30.75 5.64
N TYR D 249 -15.22 29.79 4.75
CA TYR D 249 -14.17 29.22 3.91
C TYR D 249 -13.45 30.23 3.02
N PHE D 250 -14.25 30.97 2.29
CA PHE D 250 -13.66 31.95 1.40
C PHE D 250 -12.97 33.09 2.10
N THR D 251 -13.52 33.52 3.20
CA THR D 251 -12.91 34.60 3.97
C THR D 251 -11.58 34.11 4.61
N ALA D 252 -11.66 32.91 5.22
CA ALA D 252 -10.48 32.36 5.84
C ALA D 252 -9.35 32.22 4.78
N LEU D 253 -9.71 31.70 3.59
CA LEU D 253 -8.80 31.49 2.49
C LEU D 253 -8.15 32.80 2.09
N ALA D 254 -9.00 33.84 1.97
CA ALA D 254 -8.49 35.15 1.59
C ALA D 254 -7.55 35.67 2.66
N ASN D 255 -7.76 35.28 3.93
CA ASN D 255 -6.90 35.76 4.99
C ASN D 255 -5.88 34.75 5.46
N VAL D 256 -5.62 33.77 4.63
CA VAL D 256 -4.69 32.71 5.02
C VAL D 256 -3.35 33.16 5.59
N SER D 257 -2.75 34.20 4.99
CA SER D 257 -1.46 34.65 5.49
C SER D 257 -1.45 34.96 6.98
N LYS D 258 -2.59 35.39 7.52
CA LYS D 258 -2.59 35.67 8.93
C LYS D 258 -3.06 34.55 9.84
N ILE D 259 -3.64 33.49 9.28
CA ILE D 259 -4.08 32.46 10.22
C ILE D 259 -3.42 31.13 9.98
N ARG D 260 -2.51 31.10 8.99
CA ARG D 260 -1.83 29.86 8.70
C ARG D 260 -1.24 29.20 9.94
N GLY D 261 -1.32 27.88 9.98
CA GLY D 261 -0.79 27.11 11.09
C GLY D 261 -1.70 27.04 12.31
N ASN D 262 -2.93 27.50 12.24
CA ASN D 262 -3.78 27.46 13.40
C ASN D 262 -4.98 26.60 13.20
N ALA D 263 -5.57 26.17 14.33
CA ALA D 263 -6.80 25.41 14.36
C ALA D 263 -7.86 26.31 15.00
N PHE D 264 -9.08 26.21 14.55
CA PHE D 264 -10.14 27.01 15.13
C PHE D 264 -11.34 26.15 15.28
N ASN D 265 -12.04 26.33 16.38
CA ASN D 265 -13.28 25.61 16.63
C ASN D 265 -14.33 26.42 15.87
N ILE D 266 -15.15 25.77 15.06
CA ILE D 266 -16.15 26.41 14.25
C ILE D 266 -17.52 25.81 14.56
N GLY D 267 -18.54 26.66 14.71
CA GLY D 267 -19.87 26.15 14.99
C GLY D 267 -20.89 27.28 14.94
N GLY D 268 -22.18 26.93 15.11
CA GLY D 268 -23.27 27.90 15.08
C GLY D 268 -23.31 28.81 16.30
N THR D 269 -22.56 28.43 17.32
CA THR D 269 -22.48 29.14 18.58
C THR D 269 -23.70 28.85 19.40
N ILE D 270 -23.58 29.18 20.66
CA ILE D 270 -24.67 28.90 21.55
C ILE D 270 -26.05 29.33 21.14
N VAL D 271 -26.16 30.55 20.65
CA VAL D 271 -27.47 31.00 20.27
C VAL D 271 -28.06 30.08 19.26
N ASN D 272 -27.20 29.31 18.55
CA ASN D 272 -27.71 28.37 17.55
C ASN D 272 -27.65 26.91 17.99
N SER D 273 -27.60 26.69 19.32
CA SER D 273 -27.54 25.32 19.81
C SER D 273 -28.91 24.67 19.88
N LEU D 274 -28.94 23.36 19.66
CA LEU D 274 -30.20 22.61 19.70
C LEU D 274 -29.95 21.20 20.25
N SER D 275 -30.95 20.64 20.94
CA SER D 275 -30.86 19.29 21.42
C SER D 275 -31.72 18.57 20.38
N LEU D 276 -31.73 17.24 20.35
CA LEU D 276 -32.56 16.59 19.36
C LEU D 276 -34.02 16.86 19.76
N LEU D 277 -34.29 16.84 21.06
CA LEU D 277 -35.67 17.07 21.43
C LEU D 277 -36.14 18.44 20.95
N GLU D 278 -35.28 19.49 21.12
CA GLU D 278 -35.62 20.83 20.69
C GLU D 278 -35.78 20.87 19.16
N LEU D 279 -34.94 20.14 18.45
CA LEU D 279 -35.09 20.13 17.03
C LEU D 279 -36.40 19.52 16.63
N PHE D 280 -36.80 18.50 17.37
CA PHE D 280 -38.05 17.84 17.06
C PHE D 280 -39.23 18.81 17.21
N LYS D 281 -39.22 19.65 18.25
CA LYS D 281 -40.32 20.61 18.41
C LYS D 281 -40.38 21.43 17.14
N LEU D 282 -39.23 22.00 16.85
CA LEU D 282 -39.06 22.84 15.70
C LEU D 282 -39.81 22.30 14.52
N LEU D 283 -39.53 21.06 14.22
CA LEU D 283 -40.17 20.48 13.08
C LEU D 283 -41.65 20.25 13.27
N GLU D 284 -42.01 19.75 14.44
CA GLU D 284 -43.39 19.44 14.79
C GLU D 284 -44.28 20.65 14.61
N ASP D 285 -43.79 21.79 15.07
CA ASP D 285 -44.49 23.07 14.96
C ASP D 285 -44.45 23.47 13.52
N TYR D 286 -43.24 23.70 13.06
CA TYR D 286 -43.10 24.07 11.69
C TYR D 286 -43.87 23.12 10.81
N CYS D 287 -44.04 21.90 11.25
CA CYS D 287 -44.76 20.94 10.42
C CYS D 287 -46.12 20.52 10.92
N ASN D 288 -46.50 20.94 12.13
CA ASN D 288 -47.81 20.55 12.66
C ASN D 288 -47.84 19.02 12.73
N ILE D 289 -46.85 18.46 13.40
CA ILE D 289 -46.82 17.01 13.47
C ILE D 289 -46.22 16.60 14.78
N ASP D 290 -46.22 15.28 14.99
CA ASP D 290 -45.66 14.61 16.17
C ASP D 290 -44.57 13.63 15.71
N MET D 291 -43.35 13.87 16.23
CA MET D 291 -42.20 13.05 15.90
C MET D 291 -42.06 11.92 16.91
N ARG D 292 -42.36 10.71 16.43
CA ARG D 292 -42.31 9.54 17.27
C ARG D 292 -41.09 8.66 17.04
N PHE D 293 -40.41 8.32 18.14
CA PHE D 293 -39.22 7.47 18.07
C PHE D 293 -39.03 6.56 19.30
N THR D 294 -38.09 5.64 19.05
CA THR D 294 -37.64 4.64 19.97
C THR D 294 -36.21 5.00 20.32
N ASN D 295 -35.73 4.58 21.50
CA ASN D 295 -34.39 4.90 21.90
C ASN D 295 -33.43 3.77 21.87
N LEU D 296 -32.26 4.17 21.52
CA LEU D 296 -31.16 3.26 21.45
C LEU D 296 -30.19 3.70 22.51
N PRO D 297 -29.11 2.98 22.64
CA PRO D 297 -28.15 3.41 23.65
C PRO D 297 -27.36 4.62 23.08
N VAL D 298 -26.75 5.37 23.96
CA VAL D 298 -25.96 6.51 23.50
C VAL D 298 -24.81 6.06 22.60
N ARG D 299 -24.53 6.83 21.52
CA ARG D 299 -23.44 6.51 20.61
C ARG D 299 -22.16 6.51 21.42
N GLU D 300 -21.17 5.85 20.83
CA GLU D 300 -19.86 5.73 21.44
C GLU D 300 -19.20 7.08 21.67
N SER D 301 -18.74 7.28 22.92
CA SER D 301 -18.05 8.53 23.34
C SER D 301 -18.80 9.81 23.02
N ASP D 302 -20.02 9.65 22.53
CA ASP D 302 -20.86 10.76 22.21
C ASP D 302 -20.80 11.83 23.33
N GLN D 303 -20.60 13.09 22.90
CA GLN D 303 -20.53 14.27 23.74
C GLN D 303 -21.94 14.72 24.10
N ARG D 304 -22.15 15.04 25.37
CA ARG D 304 -23.47 15.47 25.76
C ARG D 304 -23.80 16.84 25.20
N VAL D 305 -22.72 17.62 25.15
CA VAL D 305 -22.67 19.00 24.66
C VAL D 305 -21.46 19.34 23.79
N PHE D 306 -21.80 19.87 22.63
CA PHE D 306 -20.82 20.39 21.73
C PHE D 306 -21.29 21.71 21.10
N VAL D 307 -20.71 22.83 21.63
CA VAL D 307 -20.98 24.18 21.17
C VAL D 307 -19.62 24.83 21.01
N ALA D 308 -19.40 25.42 19.84
CA ALA D 308 -18.10 25.99 19.68
C ALA D 308 -18.03 27.41 20.14
N ASP D 309 -16.94 27.70 20.84
CA ASP D 309 -16.63 29.04 21.29
C ASP D 309 -15.73 29.57 20.17
N ILE D 310 -16.31 30.43 19.29
CA ILE D 310 -15.68 30.97 18.10
C ILE D 310 -14.88 32.25 18.24
N LYS D 311 -14.60 32.65 19.46
CA LYS D 311 -13.85 33.85 19.65
C LYS D 311 -12.54 33.93 18.85
N LYS D 312 -11.80 32.83 18.81
CA LYS D 312 -10.54 32.88 18.09
C LYS D 312 -10.70 33.24 16.62
N ILE D 313 -11.61 32.56 15.94
CA ILE D 313 -11.81 32.81 14.52
C ILE D 313 -12.42 34.23 14.27
N THR D 314 -13.36 34.66 15.15
CA THR D 314 -13.98 35.97 14.99
C THR D 314 -12.93 37.03 15.21
N ASN D 315 -12.06 36.80 16.14
CA ASN D 315 -11.01 37.78 16.36
C ASN D 315 -10.07 37.78 15.21
N ALA D 316 -9.90 36.65 14.56
CA ALA D 316 -8.96 36.64 13.43
C ALA D 316 -9.50 37.19 12.11
N ILE D 317 -10.75 36.88 11.76
CA ILE D 317 -11.23 37.36 10.48
C ILE D 317 -12.61 37.92 10.52
N ASP D 318 -13.10 38.10 11.72
CA ASP D 318 -14.40 38.69 11.93
C ASP D 318 -15.57 37.99 11.29
N TRP D 319 -15.44 36.70 11.14
CA TRP D 319 -16.55 35.96 10.58
C TRP D 319 -17.42 35.58 11.76
N SER D 320 -18.73 35.51 11.53
CA SER D 320 -19.72 35.10 12.54
C SER D 320 -20.92 34.62 11.80
N PRO D 321 -21.54 33.61 12.36
CA PRO D 321 -22.72 33.03 11.73
C PRO D 321 -23.90 34.00 11.74
N LYS D 322 -24.60 34.02 10.64
CA LYS D 322 -25.72 34.91 10.54
C LYS D 322 -27.07 34.21 10.38
N VAL D 323 -27.05 32.91 10.15
CA VAL D 323 -28.27 32.19 9.95
C VAL D 323 -28.71 31.52 11.22
N SER D 324 -29.92 31.83 11.64
CA SER D 324 -30.47 31.26 12.84
C SER D 324 -30.92 29.81 12.64
N ALA D 325 -30.82 29.03 13.71
CA ALA D 325 -31.26 27.64 13.63
C ALA D 325 -32.69 27.52 13.17
N LYS D 326 -33.56 28.35 13.72
CA LYS D 326 -34.95 28.24 13.33
C LYS D 326 -35.09 28.48 11.87
N ASP D 327 -34.39 29.50 11.48
CA ASP D 327 -34.51 29.77 10.08
C ASP D 327 -33.92 28.76 9.15
N GLY D 328 -32.71 28.33 9.45
CA GLY D 328 -32.05 27.37 8.59
C GLY D 328 -32.73 26.00 8.62
N VAL D 329 -33.18 25.62 9.80
CA VAL D 329 -33.83 24.35 9.90
C VAL D 329 -35.11 24.29 9.06
N GLN D 330 -35.91 25.37 9.09
CA GLN D 330 -37.14 25.37 8.29
C GLN D 330 -36.82 25.23 6.81
N LYS D 331 -35.84 26.01 6.36
CA LYS D 331 -35.41 25.96 4.97
C LYS D 331 -34.84 24.58 4.63
N MET D 332 -34.17 23.96 5.61
CA MET D 332 -33.61 22.62 5.35
C MET D 332 -34.75 21.66 5.14
N TYR D 333 -35.73 21.86 5.99
CA TYR D 333 -36.90 21.03 5.89
C TYR D 333 -37.50 21.16 4.49
N ASP D 334 -37.69 22.43 4.10
CA ASP D 334 -38.24 22.78 2.76
C ASP D 334 -37.37 22.14 1.68
N TRP D 335 -36.09 22.33 1.75
CA TRP D 335 -35.24 21.73 0.77
C TRP D 335 -35.40 20.20 0.74
N THR D 336 -35.39 19.56 1.89
CA THR D 336 -35.54 18.11 1.95
C THR D 336 -36.81 17.60 1.31
N SER D 337 -37.91 18.29 1.62
CA SER D 337 -39.22 17.90 1.09
C SER D 337 -39.24 18.00 -0.42
N SER D 338 -38.40 18.91 -0.94
CA SER D 338 -38.28 19.16 -2.36
C SER D 338 -37.43 18.13 -3.09
N ILE D 339 -37.05 17.06 -2.42
CA ILE D 339 -36.25 16.02 -3.04
C ILE D 339 -37.02 14.72 -2.91
#